data_2HFO
#
_entry.id   2HFO
#
_cell.length_a   119.424
_cell.length_b   147.682
_cell.length_c   96.042
_cell.angle_alpha   90.00
_cell.angle_beta   90.00
_cell.angle_gamma   90.00
#
_symmetry.space_group_name_H-M   'P 21 21 2'
#
loop_
_entity.id
_entity.type
_entity.pdbx_description
1 polymer 'Activator of photopigment and puc expression'
2 non-polymer 'FLAVIN MONONUCLEOTIDE'
3 water water
#
_entity_poly.entity_id   1
_entity_poly.type   'polypeptide(L)'
_entity_poly.pdbx_seq_one_letter_code
;AGHMSLYRLIYSSQGIPNLQPQDLKDILESSQRNNPANGITGLLCYSKPAFLQVLEGECEQVNETYHRIVQDERHHSPQI
IECMPIRRRNFEVWSMQAITVNDLSTEQVKTLVLKYSGFTTLRPSAMDPEQCLNFLLDIAKIYELSDNFFLDL
;
_entity_poly.pdbx_strand_id   A,B,C,D,E,F,G,H,I,J
#
loop_
_chem_comp.id
_chem_comp.type
_chem_comp.name
_chem_comp.formula
FMN non-polymer 'FLAVIN MONONUCLEOTIDE' 'C17 H21 N4 O9 P'
#
# COMPACT_ATOMS: atom_id res chain seq x y z
N MET A 4 -17.70 23.34 -10.36
CA MET A 4 -17.76 21.95 -10.93
C MET A 4 -17.41 20.85 -9.91
N SER A 5 -16.14 20.74 -9.53
CA SER A 5 -15.65 19.71 -8.62
C SER A 5 -16.27 19.86 -7.23
N LEU A 6 -16.65 18.74 -6.62
CA LEU A 6 -17.18 18.75 -5.25
C LEU A 6 -16.01 18.97 -4.29
N TYR A 7 -16.21 19.91 -3.36
CA TYR A 7 -15.16 20.47 -2.50
C TYR A 7 -15.63 20.54 -1.06
N ARG A 8 -14.67 20.61 -0.13
CA ARG A 8 -14.94 20.87 1.27
C ARG A 8 -13.98 21.95 1.76
N LEU A 9 -14.48 22.88 2.56
CA LEU A 9 -13.64 23.95 3.09
C LEU A 9 -13.91 23.98 4.58
N ILE A 10 -12.84 23.84 5.36
CA ILE A 10 -12.92 24.06 6.79
C ILE A 10 -12.15 25.32 7.15
N TYR A 11 -12.74 26.15 8.00
CA TYR A 11 -12.11 27.38 8.45
C TYR A 11 -12.52 27.65 9.87
N SER A 12 -11.76 28.49 10.58
CA SER A 12 -12.18 29.03 11.87
C SER A 12 -12.02 30.52 11.88
N SER A 13 -12.76 31.20 12.74
CA SER A 13 -12.68 32.63 12.81
C SER A 13 -12.90 33.00 14.24
N GLN A 14 -12.71 34.29 14.54
CA GLN A 14 -12.98 34.81 15.86
C GLN A 14 -14.31 35.56 15.80
N GLY A 15 -15.32 35.07 16.52
CA GLY A 15 -16.60 35.80 16.66
C GLY A 15 -16.41 37.09 17.42
N ILE A 16 -17.25 38.10 17.19
CA ILE A 16 -17.21 39.33 17.98
C ILE A 16 -17.64 39.02 19.42
N PRO A 17 -17.18 39.81 20.41
CA PRO A 17 -17.36 39.38 21.80
C PRO A 17 -18.81 39.52 22.28
N ASN A 18 -19.66 40.13 21.46
CA ASN A 18 -21.04 40.38 21.84
C ASN A 18 -21.99 39.16 21.81
N LEU A 19 -21.67 38.17 20.97
CA LEU A 19 -22.68 37.27 20.40
C LEU A 19 -23.69 36.68 21.37
N GLN A 20 -24.95 37.04 21.19
CA GLN A 20 -26.04 36.49 22.00
C GLN A 20 -26.69 35.33 21.24
N PRO A 21 -27.55 34.53 21.92
CA PRO A 21 -28.19 33.43 21.17
C PRO A 21 -28.99 33.85 19.93
N GLN A 22 -29.57 35.04 19.92
CA GLN A 22 -30.28 35.56 18.72
C GLN A 22 -29.38 35.78 17.50
N ASP A 23 -28.14 36.21 17.74
CA ASP A 23 -27.15 36.37 16.68
C ASP A 23 -26.82 35.05 16.02
N LEU A 24 -26.63 34.01 16.84
CA LEU A 24 -26.39 32.66 16.32
C LEU A 24 -27.59 32.16 15.53
N LYS A 25 -28.78 32.46 16.02
CA LYS A 25 -30.00 32.07 15.33
C LYS A 25 -30.06 32.81 13.99
N ASP A 26 -29.76 34.11 13.99
CA ASP A 26 -29.77 34.90 12.75
C ASP A 26 -28.77 34.34 11.73
N ILE A 27 -27.54 34.03 12.18
CA ILE A 27 -26.54 33.31 11.34
C ILE A 27 -27.14 32.03 10.74
N LEU A 28 -27.71 31.17 11.59
CA LEU A 28 -28.22 29.86 11.13
C LEU A 28 -29.34 30.06 10.12
N GLU A 29 -30.22 31.02 10.41
CA GLU A 29 -31.36 31.43 9.58
C GLU A 29 -30.96 31.85 8.16
N SER A 30 -29.95 32.70 8.01
CA SER A 30 -29.43 33.11 6.69
C SER A 30 -28.84 31.93 5.96
N SER A 31 -28.00 31.17 6.65
CA SER A 31 -27.34 30.00 6.08
C SER A 31 -28.39 29.00 5.54
N GLN A 32 -29.39 28.71 6.34
CA GLN A 32 -30.46 27.77 5.93
C GLN A 32 -31.35 28.31 4.80
N ARG A 33 -31.39 29.63 4.66
CA ARG A 33 -32.12 30.19 3.54
C ARG A 33 -31.25 30.20 2.30
N ASN A 34 -29.97 30.59 2.45
CA ASN A 34 -29.06 30.72 1.33
C ASN A 34 -28.50 29.41 0.79
N ASN A 35 -28.06 28.52 1.68
CA ASN A 35 -27.35 27.27 1.31
C ASN A 35 -28.06 26.28 0.36
N PRO A 36 -29.35 25.94 0.59
CA PRO A 36 -30.09 25.08 -0.32
C PRO A 36 -29.94 25.46 -1.80
N ALA A 37 -30.36 26.66 -2.18
CA ALA A 37 -30.18 27.16 -3.55
C ALA A 37 -28.73 27.00 -4.09
N ASN A 38 -27.75 27.09 -3.19
CA ASN A 38 -26.37 27.04 -3.62
C ASN A 38 -25.80 25.63 -3.59
N GLY A 39 -26.58 24.65 -3.14
CA GLY A 39 -26.07 23.28 -2.95
C GLY A 39 -25.03 23.11 -1.86
N ILE A 40 -25.05 24.00 -0.87
CA ILE A 40 -24.08 23.96 0.23
C ILE A 40 -24.68 23.19 1.39
N THR A 41 -23.84 22.40 2.02
CA THR A 41 -24.19 21.75 3.28
C THR A 41 -22.99 21.93 4.21
N GLY A 42 -23.20 21.69 5.51
CA GLY A 42 -22.07 21.73 6.45
C GLY A 42 -22.51 21.82 7.89
N LEU A 43 -21.59 22.24 8.76
CA LEU A 43 -21.81 22.30 10.20
C LEU A 43 -20.96 23.43 10.75
N LEU A 44 -21.57 24.23 11.61
CA LEU A 44 -20.94 25.37 12.24
C LEU A 44 -20.88 25.05 13.74
N CYS A 45 -19.71 25.13 14.37
CA CYS A 45 -19.63 25.04 15.85
C CYS A 45 -19.21 26.41 16.38
N TYR A 46 -19.80 26.82 17.49
CA TYR A 46 -19.41 28.08 18.16
C TYR A 46 -18.91 27.78 19.58
N SER A 47 -17.60 27.93 19.76
CA SER A 47 -17.01 27.73 21.06
C SER A 47 -16.46 29.08 21.43
N LYS A 48 -17.21 29.87 22.19
CA LYS A 48 -16.87 31.27 22.45
C LYS A 48 -15.39 31.44 22.81
N PRO A 49 -14.68 32.35 22.13
CA PRO A 49 -15.15 33.30 21.13
C PRO A 49 -15.06 32.79 19.68
N ALA A 50 -14.73 31.50 19.48
CA ALA A 50 -14.39 30.95 18.16
C ALA A 50 -15.48 30.16 17.43
N PHE A 51 -15.52 30.35 16.10
CA PHE A 51 -16.31 29.56 15.17
C PHE A 51 -15.41 28.56 14.45
N LEU A 52 -15.95 27.39 14.17
CA LEU A 52 -15.30 26.40 13.30
C LEU A 52 -16.43 25.97 12.38
N GLN A 53 -16.25 26.14 11.07
CA GLN A 53 -17.25 25.70 10.12
C GLN A 53 -16.64 24.81 9.05
N VAL A 54 -17.43 23.81 8.62
CA VAL A 54 -17.13 23.11 7.40
C VAL A 54 -18.25 23.40 6.39
N LEU A 55 -17.86 23.68 5.14
CA LEU A 55 -18.78 23.88 3.99
C LEU A 55 -18.46 22.85 2.95
N GLU A 56 -19.49 22.26 2.35
CA GLU A 56 -19.31 21.33 1.26
C GLU A 56 -20.16 21.80 0.08
N GLY A 57 -19.68 21.57 -1.13
CA GLY A 57 -20.48 21.83 -2.32
C GLY A 57 -19.57 21.90 -3.53
N GLU A 58 -20.12 22.34 -4.64
CA GLU A 58 -19.37 22.70 -5.84
C GLU A 58 -18.29 23.74 -5.48
N CYS A 59 -17.08 23.57 -6.01
CA CYS A 59 -15.98 24.54 -5.81
C CYS A 59 -16.39 26.02 -5.97
N GLU A 60 -17.10 26.33 -7.05
CA GLU A 60 -17.55 27.69 -7.31
C GLU A 60 -18.45 28.21 -6.20
N GLN A 61 -19.42 27.40 -5.80
CA GLN A 61 -20.38 27.80 -4.75
C GLN A 61 -19.80 27.83 -3.34
N VAL A 62 -18.93 26.86 -3.02
CA VAL A 62 -18.22 26.88 -1.74
C VAL A 62 -17.41 28.17 -1.63
N ASN A 63 -16.64 28.48 -2.67
CA ASN A 63 -15.86 29.72 -2.68
C ASN A 63 -16.71 30.98 -2.58
N GLU A 64 -17.83 31.01 -3.30
CA GLU A 64 -18.75 32.17 -3.26
C GLU A 64 -19.29 32.33 -1.86
N THR A 65 -19.76 31.25 -1.27
CA THR A 65 -20.30 31.31 0.10
C THR A 65 -19.22 31.76 1.08
N TYR A 66 -18.06 31.12 1.04
CA TYR A 66 -16.97 31.45 1.97
C TYR A 66 -16.59 32.92 1.92
N HIS A 67 -16.35 33.47 0.72
CA HIS A 67 -15.91 34.87 0.62
C HIS A 67 -17.05 35.85 1.01
N ARG A 68 -18.30 35.43 0.89
CA ARG A 68 -19.41 36.20 1.43
C ARG A 68 -19.39 36.19 2.96
N ILE A 69 -19.22 35.02 3.56
CA ILE A 69 -19.11 34.87 5.01
C ILE A 69 -17.97 35.72 5.62
N VAL A 70 -16.81 35.71 4.98
CA VAL A 70 -15.67 36.50 5.46
C VAL A 70 -16.01 37.98 5.65
N GLN A 71 -16.96 38.48 4.85
CA GLN A 71 -17.38 39.87 4.94
C GLN A 71 -18.42 40.14 6.03
N ASP A 72 -18.75 39.13 6.82
CA ASP A 72 -19.73 39.25 7.90
C ASP A 72 -19.12 39.99 9.07
N GLU A 73 -19.79 41.04 9.55
CA GLU A 73 -19.30 41.82 10.68
C GLU A 73 -19.33 41.12 12.05
N ARG A 74 -19.85 39.89 12.11
CA ARG A 74 -19.95 39.15 13.40
C ARG A 74 -18.73 38.31 13.73
N HIS A 75 -17.73 38.33 12.85
CA HIS A 75 -16.43 37.72 13.14
C HIS A 75 -15.34 38.33 12.30
N HIS A 76 -14.11 37.91 12.57
CA HIS A 76 -12.91 38.46 11.96
C HIS A 76 -11.79 37.41 12.04
N SER A 77 -10.66 37.73 11.42
CA SER A 77 -9.48 36.86 11.41
C SER A 77 -9.78 35.46 10.93
N PRO A 78 -10.49 35.32 9.79
CA PRO A 78 -10.81 33.95 9.40
C PRO A 78 -9.53 33.20 8.96
N GLN A 79 -9.43 31.92 9.32
CA GLN A 79 -8.30 31.11 8.97
C GLN A 79 -8.79 29.88 8.25
N ILE A 80 -8.38 29.70 7.00
CA ILE A 80 -8.68 28.49 6.27
C ILE A 80 -7.77 27.38 6.81
N ILE A 81 -8.39 26.28 7.21
CA ILE A 81 -7.69 25.16 7.80
C ILE A 81 -7.44 24.08 6.75
N GLU A 82 -8.43 23.85 5.90
CA GLU A 82 -8.24 22.94 4.78
C GLU A 82 -9.23 23.28 3.69
N CYS A 83 -8.79 23.18 2.44
CA CYS A 83 -9.70 23.30 1.30
C CYS A 83 -9.21 22.38 0.20
N MET A 84 -10.04 21.39 -0.15
CA MET A 84 -9.66 20.37 -1.12
C MET A 84 -10.88 19.73 -1.76
N PRO A 85 -10.72 19.14 -2.96
CA PRO A 85 -11.79 18.34 -3.59
C PRO A 85 -12.10 17.09 -2.74
N ILE A 86 -13.33 16.62 -2.75
CA ILE A 86 -13.69 15.44 -1.96
C ILE A 86 -14.40 14.43 -2.82
N ARG A 87 -14.36 13.18 -2.39
CA ARG A 87 -14.91 12.10 -3.19
C ARG A 87 -16.45 12.01 -2.97
N ARG A 88 -16.89 12.36 -1.78
CA ARG A 88 -18.31 12.42 -1.45
C ARG A 88 -18.48 13.29 -0.21
N ARG A 89 -19.69 13.83 -0.04
CA ARG A 89 -19.99 14.60 1.15
C ARG A 89 -20.05 13.69 2.38
N ASN A 90 -19.85 14.30 3.55
CA ASN A 90 -20.05 13.64 4.86
C ASN A 90 -21.11 14.40 5.65
N PHE A 91 -21.37 15.65 5.26
CA PHE A 91 -22.27 16.54 6.01
C PHE A 91 -23.47 16.87 5.18
N GLU A 92 -23.93 15.91 4.40
CA GLU A 92 -24.94 16.19 3.40
C GLU A 92 -26.36 16.33 3.99
N VAL A 93 -26.51 16.00 5.26
CA VAL A 93 -27.85 15.95 5.88
C VAL A 93 -28.48 17.35 6.13
N TRP A 94 -27.65 18.35 6.44
CA TRP A 94 -28.18 19.71 6.71
C TRP A 94 -27.55 20.76 5.82
N SER A 95 -28.38 21.64 5.27
CA SER A 95 -27.88 22.82 4.54
C SER A 95 -26.97 23.61 5.46
N MET A 96 -27.35 23.72 6.73
CA MET A 96 -26.42 24.16 7.78
C MET A 96 -26.95 23.65 9.11
N GLN A 97 -26.03 23.16 9.93
CA GLN A 97 -26.30 22.72 11.30
C GLN A 97 -25.40 23.61 12.13
N ALA A 98 -25.90 24.07 13.28
CA ALA A 98 -25.05 24.91 14.13
C ALA A 98 -25.15 24.44 15.57
N ILE A 99 -24.00 24.28 16.22
CA ILE A 99 -23.95 23.69 17.58
C ILE A 99 -23.08 24.57 18.45
N THR A 100 -23.58 25.01 19.61
CA THR A 100 -22.73 25.69 20.59
C THR A 100 -21.99 24.61 21.35
N VAL A 101 -20.67 24.78 21.45
CA VAL A 101 -19.77 23.85 22.14
C VAL A 101 -18.98 24.66 23.15
N ASN A 102 -19.29 24.52 24.44
CA ASN A 102 -18.72 25.38 25.45
C ASN A 102 -18.61 24.67 26.81
N ASP A 103 -18.27 25.43 27.87
CA ASP A 103 -18.11 24.84 29.21
C ASP A 103 -19.43 24.37 29.81
N LEU A 104 -20.56 24.76 29.22
CA LEU A 104 -21.87 24.27 29.69
C LEU A 104 -22.30 23.00 28.94
N SER A 105 -21.53 22.60 27.93
CA SER A 105 -21.82 21.37 27.20
C SER A 105 -21.84 20.10 28.06
N THR A 106 -22.59 19.13 27.56
CA THR A 106 -22.68 17.79 28.07
C THR A 106 -21.28 17.15 28.19
N GLU A 107 -21.12 16.23 29.14
CA GLU A 107 -19.85 15.49 29.32
C GLU A 107 -19.45 14.70 28.07
N GLN A 108 -20.46 14.19 27.36
CA GLN A 108 -20.30 13.53 26.04
C GLN A 108 -19.62 14.42 24.99
N VAL A 109 -20.07 15.66 24.89
CA VAL A 109 -19.45 16.62 23.97
C VAL A 109 -18.02 16.98 24.45
N LYS A 110 -17.85 17.18 25.75
CA LYS A 110 -16.55 17.60 26.25
C LYS A 110 -15.50 16.54 26.02
N THR A 111 -15.95 15.29 26.03
CA THR A 111 -15.14 14.11 25.75
C THR A 111 -14.71 14.05 24.29
N LEU A 112 -15.61 14.39 23.36
CA LEU A 112 -15.20 14.53 21.94
C LEU A 112 -14.17 15.63 21.76
N VAL A 113 -14.35 16.76 22.42
CA VAL A 113 -13.35 17.83 22.36
C VAL A 113 -11.99 17.33 22.84
N LEU A 114 -11.97 16.70 24.01
CA LEU A 114 -10.72 16.19 24.57
C LEU A 114 -10.10 15.07 23.70
N LYS A 115 -10.92 14.27 23.04
CA LYS A 115 -10.43 13.17 22.20
C LYS A 115 -9.49 13.70 21.11
N TYR A 116 -9.72 14.92 20.63
CA TYR A 116 -8.95 15.45 19.48
C TYR A 116 -8.06 16.67 19.79
N SER A 117 -7.89 17.00 21.08
CA SER A 117 -7.14 18.19 21.42
C SER A 117 -6.67 18.17 22.87
N GLY A 118 -5.92 19.22 23.22
CA GLY A 118 -5.29 19.35 24.53
C GLY A 118 -6.22 19.56 25.72
N PHE A 119 -7.42 20.06 25.48
CA PHE A 119 -8.34 20.37 26.61
C PHE A 119 -9.78 20.12 26.24
N THR A 120 -10.63 20.35 27.23
CA THR A 120 -12.06 20.21 27.10
C THR A 120 -12.72 21.39 26.35
N THR A 121 -12.02 22.50 26.14
CA THR A 121 -12.59 23.62 25.39
C THR A 121 -12.18 23.58 23.94
N LEU A 122 -13.14 23.65 23.02
CA LEU A 122 -12.82 23.53 21.60
C LEU A 122 -12.05 24.78 21.17
N ARG A 123 -10.81 24.57 20.74
CA ARG A 123 -9.93 25.64 20.27
C ARG A 123 -9.43 25.16 18.89
N PRO A 124 -10.09 25.62 17.81
CA PRO A 124 -9.82 25.08 16.48
C PRO A 124 -8.35 25.14 16.08
N SER A 125 -7.60 26.16 16.53
CA SER A 125 -6.20 26.25 16.13
C SER A 125 -5.23 25.31 16.89
N ALA A 126 -5.78 24.55 17.83
CA ALA A 126 -5.02 23.54 18.56
C ALA A 126 -5.26 22.14 17.96
N MET A 127 -5.71 22.13 16.72
CA MET A 127 -6.16 20.96 16.01
C MET A 127 -5.66 21.00 14.56
N ASP A 128 -5.26 19.84 14.02
CA ASP A 128 -4.80 19.77 12.64
C ASP A 128 -6.03 19.46 11.80
N PRO A 129 -5.91 19.56 10.46
CA PRO A 129 -7.10 19.38 9.63
C PRO A 129 -7.89 18.10 9.86
N GLU A 130 -7.18 16.97 10.01
CA GLU A 130 -7.83 15.69 10.28
C GLU A 130 -8.54 15.68 11.63
N GLN A 131 -7.94 16.32 12.64
CA GLN A 131 -8.57 16.47 13.97
C GLN A 131 -9.87 17.30 13.93
N CYS A 132 -9.84 18.46 13.27
CA CYS A 132 -11.05 19.24 13.00
C CYS A 132 -12.09 18.42 12.29
N LEU A 133 -11.71 17.80 11.17
CA LEU A 133 -12.64 17.02 10.38
C LEU A 133 -13.31 15.96 11.24
N ASN A 134 -12.54 15.22 12.02
CA ASN A 134 -13.05 14.07 12.76
C ASN A 134 -13.92 14.51 13.94
N PHE A 135 -13.49 15.57 14.60
CA PHE A 135 -14.26 16.20 15.60
C PHE A 135 -15.69 16.59 15.09
N LEU A 136 -15.73 17.27 13.95
CA LEU A 136 -16.98 17.71 13.32
C LEU A 136 -17.82 16.51 12.94
N LEU A 137 -17.21 15.47 12.37
CA LEU A 137 -17.97 14.27 12.01
C LEU A 137 -18.54 13.66 13.29
N ASP A 138 -17.74 13.60 14.37
CA ASP A 138 -18.27 13.02 15.59
C ASP A 138 -19.43 13.83 16.20
N ILE A 139 -19.30 15.16 16.28
CA ILE A 139 -20.43 16.03 16.65
C ILE A 139 -21.70 15.85 15.79
N ALA A 140 -21.53 15.80 14.47
CA ALA A 140 -22.69 15.69 13.59
C ALA A 140 -23.42 14.37 13.88
N LYS A 141 -22.64 13.39 14.34
CA LYS A 141 -23.15 12.07 14.68
C LYS A 141 -24.16 12.10 15.82
N ILE A 142 -23.91 12.94 16.82
CA ILE A 142 -24.70 12.91 18.06
C ILE A 142 -25.85 13.93 18.08
N TYR A 143 -25.82 14.94 17.20
CA TYR A 143 -26.89 15.93 17.17
C TYR A 143 -27.85 15.69 16.04
N GLU A 144 -29.04 15.20 16.42
CA GLU A 144 -30.18 15.39 15.56
C GLU A 144 -30.66 16.80 15.91
N LEU A 145 -31.48 17.38 15.05
CA LEU A 145 -31.86 18.81 15.09
C LEU A 145 -30.75 19.60 14.40
N SER A 146 -31.14 20.60 13.63
CA SER A 146 -30.16 21.41 12.92
C SER A 146 -29.51 22.41 13.84
N ASP A 147 -29.89 22.43 15.13
CA ASP A 147 -29.23 23.32 16.10
C ASP A 147 -29.41 22.87 17.55
N ASN A 148 -28.58 23.39 18.44
CA ASN A 148 -28.77 23.14 19.85
C ASN A 148 -29.06 24.45 20.63
N PHE A 149 -29.54 25.46 19.93
CA PHE A 149 -29.88 26.77 20.55
C PHE A 149 -31.20 26.70 21.30
N PHE A 150 -32.12 25.86 20.83
CA PHE A 150 -33.45 25.76 21.43
C PHE A 150 -33.49 24.61 22.42
N LEU A 151 -32.93 23.48 22.02
CA LEU A 151 -32.87 22.30 22.87
C LEU A 151 -31.51 21.65 22.73
N ASP A 152 -30.84 21.32 23.83
CA ASP A 152 -29.53 20.67 23.69
C ASP A 152 -29.58 19.16 23.80
N LEU A 153 -30.22 18.52 22.83
CA LEU A 153 -30.36 17.06 22.80
C LEU A 153 -31.63 16.63 23.55
N MET B 4 1.10 29.26 12.78
CA MET B 4 2.24 28.42 13.31
C MET B 4 2.74 27.38 12.27
N SER B 5 1.81 26.52 11.81
CA SER B 5 2.11 25.37 10.96
C SER B 5 2.34 25.74 9.50
N LEU B 6 3.22 25.00 8.86
CA LEU B 6 3.63 25.32 7.48
C LEU B 6 2.51 24.92 6.51
N TYR B 7 2.06 25.93 5.75
CA TYR B 7 0.89 25.82 4.86
C TYR B 7 1.19 26.21 3.43
N ARG B 8 0.37 25.70 2.51
CA ARG B 8 0.34 26.17 1.13
C ARG B 8 -1.08 26.50 0.79
N LEU B 9 -1.29 27.60 0.09
CA LEU B 9 -2.58 27.85 -0.51
C LEU B 9 -2.38 28.18 -1.99
N ILE B 10 -3.13 27.50 -2.85
CA ILE B 10 -3.21 27.79 -4.29
C ILE B 10 -4.62 28.33 -4.55
N TYR B 11 -4.73 29.43 -5.29
CA TYR B 11 -6.03 30.00 -5.65
C TYR B 11 -5.93 30.58 -7.05
N SER B 12 -7.09 30.72 -7.69
CA SER B 12 -7.18 31.40 -8.94
C SER B 12 -8.23 32.52 -8.83
N SER B 13 -8.12 33.52 -9.69
CA SER B 13 -9.02 34.66 -9.65
C SER B 13 -9.12 35.23 -11.05
N GLN B 14 -9.98 36.23 -11.18
CA GLN B 14 -10.25 36.83 -12.48
C GLN B 14 -9.83 38.28 -12.42
N GLY B 15 -8.80 38.64 -13.19
CA GLY B 15 -8.39 40.04 -13.32
C GLY B 15 -9.54 40.87 -13.86
N ILE B 16 -9.54 42.18 -13.58
CA ILE B 16 -10.53 43.09 -14.17
C ILE B 16 -10.21 43.30 -15.66
N PRO B 17 -11.25 43.52 -16.50
CA PRO B 17 -11.12 43.54 -17.97
C PRO B 17 -9.94 44.32 -18.53
N ASN B 18 -9.58 45.42 -17.88
CA ASN B 18 -8.60 46.36 -18.46
C ASN B 18 -7.26 46.45 -17.72
N LEU B 19 -6.72 45.29 -17.34
CA LEU B 19 -5.40 45.25 -16.73
C LEU B 19 -4.29 45.53 -17.72
N GLN B 20 -3.33 46.35 -17.31
CA GLN B 20 -2.19 46.67 -18.17
C GLN B 20 -0.96 45.97 -17.62
N PRO B 21 0.11 45.81 -18.43
CA PRO B 21 1.32 45.20 -17.88
C PRO B 21 1.87 45.93 -16.62
N GLN B 22 1.62 47.24 -16.52
CA GLN B 22 1.99 48.08 -15.35
C GLN B 22 1.36 47.58 -14.05
N ASP B 23 0.04 47.31 -14.09
CA ASP B 23 -0.68 46.80 -12.93
C ASP B 23 -0.05 45.53 -12.39
N LEU B 24 0.41 44.67 -13.30
CA LEU B 24 1.10 43.41 -12.94
C LEU B 24 2.43 43.67 -12.23
N LYS B 25 3.15 44.72 -12.66
CA LYS B 25 4.39 45.15 -11.97
C LYS B 25 4.07 45.64 -10.52
N ASP B 26 2.97 46.36 -10.41
CA ASP B 26 2.49 46.92 -9.12
C ASP B 26 2.13 45.83 -8.16
N ILE B 27 1.50 44.77 -8.67
CA ILE B 27 1.19 43.63 -7.83
C ILE B 27 2.52 42.96 -7.43
N LEU B 28 3.44 42.74 -8.44
CA LEU B 28 4.68 42.01 -8.19
C LEU B 28 5.61 42.77 -7.23
N GLU B 29 5.71 44.09 -7.42
CA GLU B 29 6.49 44.96 -6.54
C GLU B 29 5.93 44.96 -5.12
N SER B 30 4.61 45.11 -4.98
CA SER B 30 3.95 45.05 -3.66
C SER B 30 4.22 43.74 -2.94
N SER B 31 4.04 42.63 -3.68
CA SER B 31 4.27 41.30 -3.16
C SER B 31 5.72 41.07 -2.75
N GLN B 32 6.66 41.56 -3.55
CA GLN B 32 8.08 41.41 -3.24
C GLN B 32 8.52 42.33 -2.08
N ARG B 33 7.81 43.45 -1.89
CA ARG B 33 7.99 44.28 -0.69
C ARG B 33 7.39 43.66 0.60
N ASN B 34 6.16 43.15 0.54
CA ASN B 34 5.41 42.66 1.72
C ASN B 34 5.72 41.23 2.18
N ASN B 35 5.84 40.32 1.21
CA ASN B 35 6.04 38.89 1.53
C ASN B 35 7.27 38.57 2.41
N PRO B 36 8.48 39.11 2.11
CA PRO B 36 9.64 38.70 2.95
C PRO B 36 9.42 38.79 4.48
N ALA B 37 8.86 39.91 4.94
CA ALA B 37 8.57 40.14 6.36
C ALA B 37 7.50 39.21 6.93
N ASN B 38 6.61 38.69 6.08
CA ASN B 38 5.55 37.80 6.53
C ASN B 38 5.94 36.34 6.31
N GLY B 39 7.14 36.12 5.80
CA GLY B 39 7.62 34.76 5.52
C GLY B 39 6.96 34.05 4.35
N ILE B 40 6.36 34.82 3.46
CA ILE B 40 5.60 34.21 2.36
C ILE B 40 6.55 34.03 1.22
N THR B 41 6.43 32.90 0.54
CA THR B 41 7.12 32.69 -0.74
C THR B 41 6.07 32.18 -1.69
N GLY B 42 6.30 32.30 -2.98
CA GLY B 42 5.37 31.70 -3.90
C GLY B 42 5.64 32.11 -5.30
N LEU B 43 4.61 31.99 -6.13
CA LEU B 43 4.74 32.17 -7.57
C LEU B 43 3.40 32.64 -8.08
N LEU B 44 3.43 33.54 -9.04
CA LEU B 44 2.23 34.14 -9.57
C LEU B 44 2.23 34.01 -11.08
N CYS B 45 1.10 33.60 -11.66
CA CYS B 45 0.92 33.67 -13.14
C CYS B 45 -0.29 34.49 -13.51
N TYR B 46 -0.20 35.19 -14.64
CA TYR B 46 -1.32 35.86 -15.24
C TYR B 46 -1.46 35.35 -16.67
N SER B 47 -2.56 34.67 -16.94
CA SER B 47 -2.89 34.22 -18.27
C SER B 47 -4.23 34.87 -18.61
N LYS B 48 -4.17 36.12 -19.08
CA LYS B 48 -5.37 36.95 -19.17
C LYS B 48 -6.60 36.15 -19.56
N PRO B 49 -7.70 36.27 -18.78
CA PRO B 49 -7.88 37.09 -17.58
C PRO B 49 -7.47 36.48 -16.23
N ALA B 50 -7.06 35.22 -16.22
CA ALA B 50 -6.88 34.49 -14.96
C ALA B 50 -5.55 34.76 -14.26
N PHE B 51 -5.62 34.92 -12.93
CA PHE B 51 -4.46 34.88 -12.04
C PHE B 51 -4.38 33.48 -11.43
N LEU B 52 -3.17 32.95 -11.29
CA LEU B 52 -2.96 31.72 -10.54
C LEU B 52 -1.82 31.93 -9.58
N GLN B 53 -2.07 31.80 -8.28
CA GLN B 53 -1.00 32.02 -7.33
C GLN B 53 -0.91 30.88 -6.34
N VAL B 54 0.33 30.58 -5.95
CA VAL B 54 0.60 29.71 -4.82
C VAL B 54 1.33 30.53 -3.78
N LEU B 55 0.83 30.43 -2.55
CA LEU B 55 1.38 31.13 -1.38
C LEU B 55 1.82 30.06 -0.41
N GLU B 56 3.06 30.16 0.07
CA GLU B 56 3.60 29.28 1.11
C GLU B 56 3.95 30.13 2.33
N GLY B 57 3.81 29.57 3.52
CA GLY B 57 4.20 30.26 4.74
C GLY B 57 3.53 29.67 5.98
N GLU B 58 3.70 30.32 7.13
CA GLU B 58 3.00 29.96 8.37
C GLU B 58 1.49 30.12 8.08
N CYS B 59 0.66 29.21 8.59
CA CYS B 59 -0.79 29.33 8.38
C CYS B 59 -1.37 30.77 8.62
N GLU B 60 -1.04 31.39 9.76
CA GLU B 60 -1.59 32.71 10.09
C GLU B 60 -1.25 33.76 9.01
N GLN B 61 0.00 33.73 8.52
CA GLN B 61 0.50 34.71 7.53
C GLN B 61 -0.07 34.44 6.16
N VAL B 62 -0.09 33.17 5.77
CA VAL B 62 -0.69 32.79 4.51
C VAL B 62 -2.14 33.30 4.46
N ASN B 63 -2.89 33.09 5.55
CA ASN B 63 -4.30 33.52 5.59
C ASN B 63 -4.43 35.04 5.56
N GLU B 64 -3.63 35.73 6.36
CA GLU B 64 -3.69 37.21 6.39
C GLU B 64 -3.38 37.75 5.02
N THR B 65 -2.38 37.18 4.36
CA THR B 65 -2.03 37.64 3.02
C THR B 65 -3.14 37.30 2.03
N TYR B 66 -3.60 36.06 2.04
CA TYR B 66 -4.71 35.70 1.17
C TYR B 66 -5.89 36.67 1.34
N HIS B 67 -6.30 36.95 2.58
CA HIS B 67 -7.52 37.77 2.76
C HIS B 67 -7.33 39.23 2.39
N ARG B 68 -6.13 39.73 2.63
CA ARG B 68 -5.77 41.06 2.18
C ARG B 68 -5.79 41.11 0.64
N ILE B 69 -5.26 40.09 -0.03
CA ILE B 69 -5.34 39.95 -1.50
C ILE B 69 -6.76 39.93 -2.09
N VAL B 70 -7.66 39.19 -1.46
CA VAL B 70 -9.07 39.11 -1.89
C VAL B 70 -9.65 40.50 -2.03
N GLN B 71 -9.19 41.43 -1.22
CA GLN B 71 -9.77 42.78 -1.17
C GLN B 71 -9.28 43.71 -2.29
N ASP B 72 -8.24 43.27 -3.03
CA ASP B 72 -7.63 44.09 -4.09
C ASP B 72 -8.65 44.29 -5.21
N GLU B 73 -8.73 45.52 -5.71
CA GLU B 73 -9.72 45.89 -6.70
C GLU B 73 -9.38 45.41 -8.12
N ARG B 74 -8.20 44.81 -8.31
CA ARG B 74 -7.70 44.43 -9.64
C ARG B 74 -8.09 43.03 -10.09
N HIS B 75 -8.80 42.31 -9.22
CA HIS B 75 -9.38 41.02 -9.56
C HIS B 75 -10.61 40.77 -8.69
N HIS B 76 -11.39 39.76 -9.10
CA HIS B 76 -12.60 39.35 -8.39
C HIS B 76 -12.73 37.83 -8.49
N SER B 77 -13.80 37.26 -7.95
CA SER B 77 -14.09 35.81 -7.97
C SER B 77 -12.94 34.87 -7.56
N PRO B 78 -12.32 35.11 -6.38
CA PRO B 78 -11.20 34.22 -6.09
C PRO B 78 -11.70 32.82 -5.80
N GLN B 79 -11.01 31.80 -6.29
CA GLN B 79 -11.42 30.42 -6.05
C GLN B 79 -10.25 29.72 -5.39
N ILE B 80 -10.39 29.34 -4.14
CA ILE B 80 -9.33 28.60 -3.48
C ILE B 80 -9.36 27.20 -4.13
N ILE B 81 -8.20 26.72 -4.57
CA ILE B 81 -8.06 25.44 -5.29
C ILE B 81 -7.57 24.37 -4.32
N GLU B 82 -6.67 24.74 -3.43
CA GLU B 82 -6.20 23.85 -2.41
C GLU B 82 -5.67 24.70 -1.28
N CYS B 83 -5.92 24.29 -0.05
CA CYS B 83 -5.26 24.89 1.12
C CYS B 83 -4.98 23.79 2.13
N MET B 84 -3.74 23.68 2.59
CA MET B 84 -3.41 22.54 3.46
C MET B 84 -2.04 22.68 4.06
N PRO B 85 -1.77 21.98 5.18
CA PRO B 85 -0.42 21.92 5.72
C PRO B 85 0.49 21.16 4.75
N ILE B 86 1.75 21.59 4.67
CA ILE B 86 2.74 20.91 3.81
C ILE B 86 3.94 20.47 4.62
N ARG B 87 4.67 19.49 4.09
CA ARG B 87 5.89 18.91 4.67
C ARG B 87 7.05 19.89 4.55
N ARG B 88 7.14 20.55 3.42
CA ARG B 88 8.23 21.50 3.15
C ARG B 88 7.81 22.38 1.99
N ARG B 89 8.45 23.54 1.82
CA ARG B 89 8.12 24.43 0.70
C ARG B 89 8.80 23.93 -0.57
N ASN B 90 8.27 24.33 -1.73
CA ASN B 90 8.95 24.12 -3.00
C ASN B 90 9.33 25.43 -3.68
N PHE B 91 8.83 26.56 -3.16
CA PHE B 91 9.08 27.86 -3.75
C PHE B 91 9.84 28.80 -2.80
N GLU B 92 10.64 28.20 -1.92
CA GLU B 92 11.36 28.94 -0.90
C GLU B 92 12.34 30.03 -1.41
N VAL B 93 12.75 29.99 -2.66
CA VAL B 93 13.73 30.98 -3.12
C VAL B 93 13.12 32.31 -3.58
N TRP B 94 11.80 32.35 -3.78
CA TRP B 94 11.15 33.56 -4.27
C TRP B 94 10.08 34.10 -3.33
N SER B 95 10.29 35.33 -2.86
CA SER B 95 9.29 36.00 -2.04
C SER B 95 8.04 36.11 -2.88
N MET B 96 8.21 36.44 -4.16
CA MET B 96 7.16 36.26 -5.19
C MET B 96 7.78 36.44 -6.57
N GLN B 97 7.48 35.54 -7.49
CA GLN B 97 7.88 35.74 -8.88
C GLN B 97 6.63 35.71 -9.74
N ALA B 98 6.62 36.46 -10.84
CA ALA B 98 5.46 36.51 -11.72
C ALA B 98 5.83 35.94 -13.07
N ILE B 99 5.04 34.99 -13.56
CA ILE B 99 5.15 34.47 -14.93
C ILE B 99 3.98 35.04 -15.72
N THR B 100 4.29 35.89 -16.69
CA THR B 100 3.31 36.46 -17.61
C THR B 100 3.51 35.84 -18.99
N VAL B 101 2.99 36.48 -20.03
CA VAL B 101 3.12 35.96 -21.41
C VAL B 101 4.57 35.73 -21.92
N ASN B 102 5.37 35.06 -21.07
CA ASN B 102 6.38 34.08 -21.51
C ASN B 102 5.81 32.71 -21.07
N ASP B 103 4.49 32.74 -20.84
CA ASP B 103 3.62 31.60 -21.03
C ASP B 103 3.69 31.31 -22.53
N LEU B 104 4.03 32.37 -23.28
CA LEU B 104 4.16 32.39 -24.73
C LEU B 104 5.22 31.43 -25.27
N SER B 105 6.24 31.15 -24.45
CA SER B 105 7.37 30.34 -24.90
C SER B 105 6.86 29.03 -25.47
N THR B 106 6.98 28.95 -26.79
CA THR B 106 6.30 28.00 -27.63
C THR B 106 6.77 26.59 -27.32
N GLU B 107 5.85 25.81 -26.78
CA GLU B 107 6.10 24.39 -26.56
C GLU B 107 7.40 24.15 -25.77
N GLN B 108 7.68 25.05 -24.84
CA GLN B 108 8.47 24.70 -23.66
C GLN B 108 7.57 24.94 -22.47
N VAL B 109 7.11 26.18 -22.33
CA VAL B 109 6.08 26.50 -21.36
C VAL B 109 4.70 26.06 -21.86
N LYS B 110 4.37 26.35 -23.12
CA LYS B 110 3.14 25.86 -23.76
C LYS B 110 3.05 24.32 -23.71
N THR B 111 4.22 23.68 -23.75
CA THR B 111 4.37 22.23 -23.62
C THR B 111 3.94 21.72 -22.26
N LEU B 112 4.37 22.42 -21.19
CA LEU B 112 3.92 22.17 -19.83
C LEU B 112 2.42 22.36 -19.65
N VAL B 113 1.86 23.40 -20.27
CA VAL B 113 0.43 23.65 -20.08
C VAL B 113 -0.39 22.48 -20.63
N LEU B 114 -0.05 22.04 -21.84
CA LEU B 114 -0.71 20.92 -22.48
C LEU B 114 -0.51 19.63 -21.70
N LYS B 115 0.65 19.48 -21.07
CA LYS B 115 0.95 18.26 -20.32
C LYS B 115 -0.08 17.99 -19.21
N TYR B 116 -0.65 19.05 -18.65
CA TYR B 116 -1.59 18.95 -17.49
C TYR B 116 -2.99 19.48 -17.75
N SER B 117 -3.32 19.82 -19.01
CA SER B 117 -4.64 20.40 -19.28
C SER B 117 -5.05 20.22 -20.72
N GLY B 118 -6.22 20.76 -21.07
CA GLY B 118 -6.82 20.48 -22.36
C GLY B 118 -6.26 21.29 -23.49
N PHE B 119 -5.64 22.41 -23.17
CA PHE B 119 -5.09 23.31 -24.19
C PHE B 119 -3.71 23.86 -23.81
N THR B 120 -3.15 24.60 -24.75
CA THR B 120 -1.85 25.26 -24.69
C THR B 120 -1.88 26.57 -23.89
N THR B 121 -3.08 27.14 -23.72
CA THR B 121 -3.23 28.35 -22.91
C THR B 121 -3.61 27.94 -21.48
N LEU B 122 -2.96 28.54 -20.48
CA LEU B 122 -3.22 28.20 -19.08
C LEU B 122 -4.58 28.68 -18.58
N ARG B 123 -5.45 27.72 -18.20
CA ARG B 123 -6.76 28.02 -17.59
C ARG B 123 -6.87 27.21 -16.31
N PRO B 124 -6.65 27.85 -15.14
CA PRO B 124 -6.58 27.18 -13.83
C PRO B 124 -7.83 26.34 -13.54
N SER B 125 -9.01 26.83 -13.94
CA SER B 125 -10.25 26.15 -13.62
C SER B 125 -10.35 24.78 -14.29
N ALA B 126 -9.47 24.53 -15.25
CA ALA B 126 -9.41 23.24 -15.97
C ALA B 126 -8.37 22.26 -15.39
N MET B 127 -7.91 22.52 -14.18
CA MET B 127 -6.86 21.69 -13.58
C MET B 127 -7.18 21.38 -12.13
N ASP B 128 -7.06 20.11 -11.75
CA ASP B 128 -7.24 19.77 -10.35
C ASP B 128 -6.01 20.19 -9.52
N PRO B 129 -6.14 20.23 -8.19
CA PRO B 129 -5.01 20.65 -7.36
C PRO B 129 -3.65 20.03 -7.75
N GLU B 130 -3.63 18.74 -8.09
CA GLU B 130 -2.36 18.05 -8.37
C GLU B 130 -1.74 18.53 -9.67
N GLN B 131 -2.57 18.66 -10.70
CA GLN B 131 -2.18 19.24 -12.00
C GLN B 131 -1.68 20.68 -11.81
N CYS B 132 -2.37 21.47 -10.98
CA CYS B 132 -1.91 22.85 -10.66
C CYS B 132 -0.53 22.88 -10.02
N LEU B 133 -0.36 22.14 -8.94
CA LEU B 133 0.92 22.07 -8.26
C LEU B 133 2.04 21.60 -9.21
N ASN B 134 1.78 20.54 -9.97
CA ASN B 134 2.80 19.97 -10.85
C ASN B 134 3.20 20.92 -11.95
N PHE B 135 2.23 21.63 -12.51
CA PHE B 135 2.52 22.66 -13.48
C PHE B 135 3.45 23.71 -12.89
N LEU B 136 3.08 24.22 -11.72
CA LEU B 136 3.81 25.30 -11.08
C LEU B 136 5.21 24.83 -10.70
N LEU B 137 5.33 23.56 -10.32
CA LEU B 137 6.62 22.97 -9.98
C LEU B 137 7.50 22.87 -11.23
N ASP B 138 6.92 22.42 -12.34
CA ASP B 138 7.68 22.33 -13.59
C ASP B 138 8.07 23.72 -14.10
N ILE B 139 7.10 24.64 -14.12
CA ILE B 139 7.36 26.02 -14.53
C ILE B 139 8.49 26.71 -13.72
N ALA B 140 8.49 26.55 -12.40
CA ALA B 140 9.54 27.11 -11.54
C ALA B 140 10.90 26.49 -11.81
N LYS B 141 10.89 25.20 -12.13
CA LYS B 141 12.10 24.41 -12.37
C LYS B 141 12.86 25.04 -13.52
N ILE B 142 12.14 25.42 -14.58
CA ILE B 142 12.75 26.02 -15.77
C ILE B 142 13.02 27.54 -15.63
N TYR B 143 13.27 27.98 -14.38
CA TYR B 143 13.46 29.39 -14.05
C TYR B 143 14.52 29.58 -12.98
N MET C 4 0.82 23.74 19.86
CA MET C 4 -0.20 23.27 20.88
C MET C 4 -0.71 21.85 20.56
N SER C 5 0.16 21.10 19.90
CA SER C 5 -0.11 19.85 19.25
C SER C 5 -0.45 18.73 20.26
N LEU C 6 -1.41 17.87 19.90
CA LEU C 6 -1.76 16.69 20.73
C LEU C 6 -0.62 15.67 20.64
N TYR C 7 -0.12 15.22 21.80
CA TYR C 7 1.06 14.40 21.97
C TYR C 7 0.80 13.29 22.98
N ARG C 8 1.60 12.22 22.86
CA ARG C 8 1.62 11.10 23.80
C ARG C 8 3.07 10.86 24.19
N LEU C 9 3.32 10.61 25.47
CA LEU C 9 4.66 10.26 25.92
C LEU C 9 4.54 8.99 26.77
N ILE C 10 5.38 8.00 26.50
CA ILE C 10 5.39 6.76 27.31
C ILE C 10 6.77 6.68 27.92
N TYR C 11 6.87 6.46 29.22
CA TYR C 11 8.19 6.33 29.84
C TYR C 11 8.15 5.23 30.92
N SER C 12 9.31 4.67 31.24
CA SER C 12 9.42 3.81 32.39
C SER C 12 10.44 4.34 33.36
N SER C 13 10.37 3.89 34.61
CA SER C 13 11.35 4.25 35.60
C SER C 13 11.35 3.19 36.69
N GLN C 14 12.34 3.28 37.57
CA GLN C 14 12.48 2.33 38.69
C GLN C 14 12.08 3.04 39.97
N GLY C 15 11.04 2.54 40.65
CA GLY C 15 10.69 3.07 41.97
C GLY C 15 11.81 2.84 42.97
N ILE C 16 11.97 3.74 43.94
CA ILE C 16 12.96 3.56 45.02
C ILE C 16 12.64 2.28 45.78
N PRO C 17 13.66 1.60 46.32
CA PRO C 17 13.40 0.33 46.99
C PRO C 17 12.44 0.44 48.18
N ASN C 18 12.20 1.66 48.66
CA ASN C 18 11.42 1.87 49.89
C ASN C 18 9.94 2.19 49.65
N LEU C 19 9.52 2.16 48.39
CA LEU C 19 8.15 2.55 48.02
C LEU C 19 7.08 1.79 48.79
N GLN C 20 6.36 2.54 49.61
CA GLN C 20 5.29 2.00 50.47
C GLN C 20 3.91 2.33 49.86
N PRO C 21 2.84 1.65 50.31
CA PRO C 21 1.51 1.95 49.73
C PRO C 21 1.11 3.44 49.77
N GLN C 22 1.54 4.16 50.82
CA GLN C 22 1.25 5.60 50.90
C GLN C 22 1.95 6.47 49.86
N ASP C 23 3.11 6.03 49.39
CA ASP C 23 3.83 6.74 48.33
C ASP C 23 3.04 6.67 47.04
N LEU C 24 2.51 5.48 46.75
CA LEU C 24 1.67 5.28 45.59
C LEU C 24 0.37 6.04 45.69
N LYS C 25 -0.18 6.10 46.90
CA LYS C 25 -1.36 6.92 47.18
C LYS C 25 -1.09 8.41 46.97
N ASP C 26 0.05 8.89 47.48
CA ASP C 26 0.51 10.27 47.27
C ASP C 26 0.61 10.60 45.79
N ILE C 27 1.37 9.79 45.05
CA ILE C 27 1.49 9.94 43.58
C ILE C 27 0.09 10.04 42.96
N LEU C 28 -0.81 9.10 43.29
CA LEU C 28 -2.18 9.09 42.77
C LEU C 28 -2.93 10.43 42.98
N GLU C 29 -2.95 10.90 44.22
CA GLU C 29 -3.64 12.15 44.57
C GLU C 29 -3.06 13.46 43.99
N SER C 30 -1.73 13.54 43.88
CA SER C 30 -1.08 14.65 43.18
C SER C 30 -1.51 14.67 41.71
N SER C 31 -1.44 13.51 41.05
CA SER C 31 -1.69 13.43 39.62
C SER C 31 -3.15 13.73 39.34
N GLN C 32 -4.06 13.20 40.15
CA GLN C 32 -5.50 13.47 40.02
C GLN C 32 -5.86 14.93 40.31
N ARG C 33 -5.08 15.62 41.14
CA ARG C 33 -5.31 17.06 41.27
C ARG C 33 -4.72 17.91 40.11
N ASN C 34 -3.56 17.50 39.55
CA ASN C 34 -2.85 18.31 38.55
C ASN C 34 -3.29 18.02 37.12
N ASN C 35 -3.36 16.75 36.77
CA ASN C 35 -3.59 16.34 35.39
C ASN C 35 -4.86 16.93 34.74
N PRO C 36 -6.03 16.86 35.40
CA PRO C 36 -7.24 17.41 34.77
C PRO C 36 -7.13 18.86 34.28
N ALA C 37 -6.60 19.75 35.13
CA ALA C 37 -6.39 21.16 34.74
C ALA C 37 -5.34 21.36 33.64
N ASN C 38 -4.48 20.36 33.42
CA ASN C 38 -3.45 20.48 32.39
C ASN C 38 -3.83 19.71 31.13
N GLY C 39 -5.01 19.11 31.16
CA GLY C 39 -5.59 18.35 30.03
C GLY C 39 -4.86 17.06 29.77
N ILE C 40 -4.26 16.51 30.83
CA ILE C 40 -3.45 15.29 30.72
C ILE C 40 -4.35 14.13 31.06
N THR C 41 -4.42 13.16 30.16
CA THR C 41 -5.04 11.89 30.45
C THR C 41 -3.94 10.84 30.34
N GLY C 42 -4.27 9.63 30.75
CA GLY C 42 -3.37 8.50 30.58
C GLY C 42 -3.46 7.49 31.70
N LEU C 43 -2.37 6.77 31.94
CA LEU C 43 -2.40 5.65 32.91
C LEU C 43 -0.99 5.39 33.45
N LEU C 44 -0.91 5.19 34.75
CA LEU C 44 0.31 4.85 35.45
C LEU C 44 0.16 3.46 36.01
N CYS C 45 1.05 2.58 35.58
CA CYS C 45 1.10 1.19 36.08
C CYS C 45 2.38 1.04 36.91
N TYR C 46 2.24 0.37 38.05
CA TYR C 46 3.38 0.06 38.89
C TYR C 46 3.38 -1.42 39.21
N SER C 47 4.46 -2.12 38.85
CA SER C 47 4.65 -3.49 39.36
C SER C 47 6.08 -3.64 39.82
N LYS C 48 6.26 -3.80 41.14
CA LYS C 48 7.55 -3.75 41.81
C LYS C 48 8.68 -4.36 41.00
N PRO C 49 9.74 -3.57 40.73
CA PRO C 49 9.91 -2.17 41.09
C PRO C 49 9.71 -1.15 39.95
N ALA C 50 9.04 -1.56 38.88
CA ALA C 50 8.92 -0.72 37.68
C ALA C 50 7.66 0.14 37.70
N PHE C 51 7.80 1.40 37.32
CA PHE C 51 6.71 2.27 36.90
C PHE C 51 6.66 2.30 35.39
N LEU C 52 5.46 2.25 34.84
CA LEU C 52 5.28 2.51 33.42
C LEU C 52 4.11 3.48 33.29
N GLN C 53 4.28 4.56 32.55
CA GLN C 53 3.21 5.55 32.42
C GLN C 53 3.02 6.07 31.00
N VAL C 54 1.77 6.23 30.57
CA VAL C 54 1.49 6.98 29.36
C VAL C 54 0.82 8.32 29.72
N LEU C 55 1.32 9.40 29.13
CA LEU C 55 0.73 10.72 29.27
C LEU C 55 0.22 11.21 27.91
N GLU C 56 -1.02 11.70 27.86
CA GLU C 56 -1.54 12.30 26.64
C GLU C 56 -1.99 13.72 26.90
N GLY C 57 -1.78 14.62 25.96
CA GLY C 57 -2.22 16.02 26.12
C GLY C 57 -1.49 16.90 25.13
N GLU C 58 -1.62 18.22 25.32
CA GLU C 58 -0.93 19.21 24.51
C GLU C 58 0.57 19.06 24.75
N CYS C 59 1.39 19.20 23.71
CA CYS C 59 2.85 19.07 23.81
C CYS C 59 3.44 19.81 25.02
N GLU C 60 3.12 21.09 25.17
CA GLU C 60 3.73 21.85 26.24
C GLU C 60 3.39 21.27 27.61
N GLN C 61 2.16 20.78 27.77
CA GLN C 61 1.69 20.23 29.06
C GLN C 61 2.27 18.87 29.35
N VAL C 62 2.34 18.04 28.33
CA VAL C 62 2.93 16.72 28.45
C VAL C 62 4.40 16.85 28.83
N ASN C 63 5.07 17.82 28.23
CA ASN C 63 6.48 18.04 28.52
C ASN C 63 6.67 18.62 29.92
N GLU C 64 5.89 19.63 30.27
CA GLU C 64 5.95 20.21 31.62
C GLU C 64 5.73 19.14 32.68
N THR C 65 4.70 18.32 32.49
CA THR C 65 4.30 17.29 33.44
C THR C 65 5.40 16.24 33.51
N TYR C 66 5.88 15.79 32.37
CA TYR C 66 6.94 14.76 32.39
C TYR C 66 8.22 15.23 33.09
N HIS C 67 8.69 16.43 32.78
CA HIS C 67 9.92 16.87 33.35
C HIS C 67 9.77 17.19 34.83
N ARG C 68 8.57 17.58 35.25
CA ARG C 68 8.25 17.66 36.68
C ARG C 68 8.40 16.29 37.35
N ILE C 69 7.79 15.26 36.74
CA ILE C 69 7.86 13.86 37.21
C ILE C 69 9.30 13.38 37.35
N VAL C 70 10.15 13.77 36.39
CA VAL C 70 11.57 13.42 36.38
C VAL C 70 12.29 13.83 37.63
N GLN C 71 11.87 14.94 38.23
CA GLN C 71 12.53 15.46 39.43
C GLN C 71 12.06 14.76 40.71
N ASP C 72 11.12 13.81 40.57
CA ASP C 72 10.51 13.18 41.73
C ASP C 72 11.47 12.19 42.38
N GLU C 73 11.56 12.26 43.70
CA GLU C 73 12.54 11.50 44.46
C GLU C 73 12.10 10.06 44.71
N ARG C 74 10.91 9.69 44.25
CA ARG C 74 10.36 8.35 44.50
C ARG C 74 10.67 7.36 43.37
N HIS C 75 11.40 7.84 42.37
CA HIS C 75 11.85 6.98 41.30
C HIS C 75 13.11 7.53 40.66
N HIS C 76 13.86 6.67 39.96
CA HIS C 76 15.03 7.14 39.22
C HIS C 76 15.14 6.47 37.85
N SER C 77 16.17 6.86 37.10
CA SER C 77 16.48 6.28 35.76
C SER C 77 15.30 6.28 34.78
N PRO C 78 14.65 7.44 34.58
CA PRO C 78 13.54 7.46 33.65
C PRO C 78 13.98 7.18 32.22
N GLN C 79 13.18 6.42 31.51
CA GLN C 79 13.51 6.01 30.13
C GLN C 79 12.36 6.38 29.27
N ILE C 80 12.54 7.34 28.38
CA ILE C 80 11.45 7.72 27.49
C ILE C 80 11.40 6.56 26.51
N ILE C 81 10.23 5.96 26.36
CA ILE C 81 10.05 4.85 25.47
C ILE C 81 9.51 5.36 24.16
N GLU C 82 8.61 6.34 24.22
CA GLU C 82 8.15 6.98 22.98
C GLU C 82 7.60 8.35 23.28
N CYS C 83 7.73 9.26 22.32
CA CYS C 83 7.09 10.58 22.46
C CYS C 83 6.82 11.13 21.09
N MET C 84 5.56 11.39 20.79
CA MET C 84 5.25 11.77 19.40
C MET C 84 3.88 12.39 19.28
N PRO C 85 3.61 13.13 18.17
CA PRO C 85 2.25 13.66 17.96
C PRO C 85 1.31 12.48 17.79
N ILE C 86 0.06 12.60 18.24
CA ILE C 86 -0.94 11.56 17.95
C ILE C 86 -2.18 12.15 17.26
N ARG C 87 -2.91 11.28 16.56
CA ARG C 87 -4.09 11.71 15.85
C ARG C 87 -5.28 11.93 16.84
N ARG C 88 -5.34 11.13 17.89
CA ARG C 88 -6.42 11.21 18.91
C ARG C 88 -5.99 10.52 20.16
N ARG C 89 -6.68 10.79 21.26
CA ARG C 89 -6.33 10.20 22.54
C ARG C 89 -6.89 8.80 22.59
N ASN C 90 -6.28 7.95 23.41
CA ASN C 90 -6.86 6.61 23.66
C ASN C 90 -7.34 6.45 25.10
N PHE C 91 -6.97 7.39 25.94
CA PHE C 91 -7.44 7.40 27.33
C PHE C 91 -8.32 8.62 27.56
N GLU C 92 -9.62 8.42 27.74
CA GLU C 92 -10.48 9.58 27.96
C GLU C 92 -10.39 10.15 29.38
N VAL C 93 -9.83 9.36 30.29
CA VAL C 93 -9.55 9.78 31.66
C VAL C 93 -8.09 9.48 32.08
N TRP C 94 -7.71 9.93 33.27
CA TRP C 94 -6.40 9.58 33.87
C TRP C 94 -6.59 8.54 35.01
N SER C 95 -5.73 7.51 35.08
CA SER C 95 -5.87 6.42 36.07
C SER C 95 -4.56 5.84 36.62
N MET C 96 -4.62 5.10 37.72
CA MET C 96 -3.42 4.44 38.24
C MET C 96 -3.71 3.02 38.63
N GLN C 97 -2.84 2.09 38.24
CA GLN C 97 -2.99 0.70 38.71
C GLN C 97 -1.70 0.01 39.14
N ALA C 98 -1.70 -0.47 40.38
CA ALA C 98 -0.61 -1.31 40.88
C ALA C 98 -0.95 -2.77 40.65
N ILE C 99 -0.02 -3.50 40.04
CA ILE C 99 -0.15 -4.97 39.89
C ILE C 99 0.47 -5.68 41.09
N SER C 105 -0.17 -11.53 40.83
CA SER C 105 -1.35 -12.43 40.62
C SER C 105 -2.32 -11.75 39.63
N THR C 106 -3.27 -12.48 38.99
CA THR C 106 -3.71 -13.83 39.35
C THR C 106 -3.24 -14.94 38.37
N GLU C 107 -3.34 -14.64 37.06
CA GLU C 107 -3.16 -15.56 35.93
C GLU C 107 -3.68 -14.86 34.68
N GLN C 108 -4.84 -14.24 34.81
CA GLN C 108 -5.30 -13.26 33.83
C GLN C 108 -4.25 -12.15 33.68
N VAL C 109 -3.75 -11.65 34.81
CA VAL C 109 -2.66 -10.64 34.75
C VAL C 109 -1.34 -11.25 34.24
N LYS C 110 -1.02 -12.45 34.70
CA LYS C 110 0.13 -13.21 34.17
C LYS C 110 0.09 -13.28 32.64
N THR C 111 -1.04 -13.76 32.13
CA THR C 111 -1.34 -13.96 30.71
C THR C 111 -1.17 -12.65 29.95
N LEU C 112 -1.55 -11.54 30.58
CA LEU C 112 -1.48 -10.22 29.99
C LEU C 112 -0.05 -9.69 29.83
N VAL C 113 0.74 -9.81 30.89
CA VAL C 113 2.13 -9.39 30.85
C VAL C 113 2.89 -10.22 29.79
N LEU C 114 2.56 -11.50 29.74
CA LEU C 114 3.06 -12.40 28.70
C LEU C 114 2.64 -12.03 27.30
N LYS C 115 1.44 -11.49 27.12
CA LYS C 115 0.90 -11.33 25.77
C LYS C 115 1.78 -10.44 24.92
N TYR C 116 2.39 -9.45 25.55
CA TYR C 116 3.24 -8.45 24.87
C TYR C 116 4.68 -8.40 25.39
N SER C 117 5.15 -9.42 26.11
CA SER C 117 6.55 -9.49 26.55
C SER C 117 7.07 -10.91 26.80
N GLY C 118 8.39 -11.03 26.98
CA GLY C 118 9.04 -12.31 27.20
C GLY C 118 8.88 -12.94 28.58
N PHE C 119 8.50 -12.17 29.59
CA PHE C 119 8.38 -12.74 30.95
C PHE C 119 7.08 -12.45 31.67
N THR C 120 6.87 -13.05 32.83
CA THR C 120 5.59 -12.81 33.51
C THR C 120 5.62 -11.69 34.53
N THR C 121 6.77 -11.02 34.68
CA THR C 121 6.82 -9.78 35.45
C THR C 121 7.02 -8.60 34.52
N LEU C 122 6.39 -7.48 34.85
CA LEU C 122 6.44 -6.32 33.95
C LEU C 122 7.85 -5.73 33.89
N ARG C 123 8.42 -5.76 32.68
CA ARG C 123 9.77 -5.26 32.43
C ARG C 123 9.76 -4.39 31.16
N PRO C 124 9.53 -3.09 31.31
CA PRO C 124 9.42 -2.18 30.15
C PRO C 124 10.64 -2.13 29.24
N SER C 125 11.83 -2.38 29.79
CA SER C 125 13.07 -2.35 29.01
C SER C 125 13.07 -3.45 27.92
N ALA C 126 12.09 -4.34 27.99
CA ALA C 126 11.99 -5.46 27.08
C ALA C 126 10.73 -5.40 26.19
N MET C 127 10.11 -4.22 26.14
CA MET C 127 8.91 -4.04 25.32
C MET C 127 9.11 -2.82 24.42
N ASP C 128 8.64 -2.90 23.18
CA ASP C 128 8.71 -1.72 22.31
C ASP C 128 7.48 -0.81 22.57
N PRO C 129 7.44 0.39 21.97
CA PRO C 129 6.29 1.33 22.16
C PRO C 129 4.88 0.74 21.96
N GLU C 130 4.67 -0.03 20.90
CA GLU C 130 3.33 -0.58 20.60
C GLU C 130 2.94 -1.62 21.63
N GLN C 131 3.91 -2.43 22.07
CA GLN C 131 3.72 -3.37 23.17
C GLN C 131 3.35 -2.67 24.46
N CYS C 132 4.12 -1.66 24.85
CA CYS C 132 3.81 -0.86 26.05
C CYS C 132 2.42 -0.26 25.97
N LEU C 133 2.08 0.33 24.81
CA LEU C 133 0.80 0.97 24.67
C LEU C 133 -0.32 -0.04 24.83
N ASN C 134 -0.25 -1.13 24.08
CA ASN C 134 -1.31 -2.15 24.11
C ASN C 134 -1.44 -2.80 25.49
N PHE C 135 -0.31 -2.99 26.18
CA PHE C 135 -0.31 -3.51 27.56
C PHE C 135 -1.09 -2.55 28.43
N LEU C 136 -0.79 -1.26 28.33
CA LEU C 136 -1.44 -0.26 29.19
C LEU C 136 -2.94 -0.19 28.88
N LEU C 137 -3.30 -0.21 27.61
CA LEU C 137 -4.73 -0.26 27.22
C LEU C 137 -5.45 -1.50 27.72
N ASP C 138 -4.75 -2.62 27.77
CA ASP C 138 -5.38 -3.89 28.13
C ASP C 138 -5.53 -3.98 29.63
N ILE C 139 -4.63 -3.37 30.36
CA ILE C 139 -4.64 -3.55 31.82
C ILE C 139 -5.73 -2.68 32.44
N ALA C 140 -5.92 -1.51 31.82
CA ALA C 140 -7.11 -0.68 32.02
C ALA C 140 -8.42 -1.48 31.84
N LYS C 141 -8.42 -2.45 30.92
CA LYS C 141 -9.61 -3.30 30.71
C LYS C 141 -9.78 -4.38 31.79
N ILE C 142 -8.73 -5.14 32.11
CA ILE C 142 -8.81 -6.24 33.11
C ILE C 142 -9.07 -5.74 34.54
N TYR C 143 -8.73 -4.49 34.83
CA TYR C 143 -9.34 -3.78 35.97
C TYR C 143 -10.64 -3.10 35.43
N GLU C 144 -11.03 -1.85 35.65
CA GLU C 144 -10.27 -0.68 36.10
C GLU C 144 -11.28 0.44 35.87
N MET D 4 19.76 -1.27 24.94
CA MET D 4 19.34 -2.18 23.83
C MET D 4 19.21 -1.48 22.46
N SER D 5 18.02 -0.97 22.20
CA SER D 5 17.52 -0.54 20.92
C SER D 5 18.12 0.77 20.41
N LEU D 6 18.33 0.85 19.10
CA LEU D 6 18.72 2.06 18.42
C LEU D 6 17.55 3.05 18.45
N TYR D 7 17.80 4.21 19.05
CA TYR D 7 16.82 5.29 19.26
C TYR D 7 17.25 6.63 18.69
N ARG D 8 16.26 7.49 18.45
CA ARG D 8 16.56 8.88 18.15
C ARG D 8 15.73 9.71 19.10
N LEU D 9 16.29 10.79 19.61
CA LEU D 9 15.52 11.80 20.34
C LEU D 9 15.82 13.16 19.72
N ILE D 10 14.77 13.90 19.40
CA ILE D 10 14.91 15.28 19.01
C ILE D 10 14.29 16.14 20.11
N TYR D 11 14.98 17.16 20.60
CA TYR D 11 14.32 18.04 21.59
C TYR D 11 14.68 19.50 21.30
N SER D 12 13.87 20.42 21.82
CA SER D 12 14.27 21.83 21.80
C SER D 12 14.17 22.38 23.22
N SER D 13 14.92 23.45 23.51
CA SER D 13 14.85 24.12 24.80
C SER D 13 15.08 25.62 24.62
N GLN D 14 14.87 26.37 25.69
CA GLN D 14 15.13 27.81 25.70
C GLN D 14 16.39 28.07 26.49
N GLY D 15 17.46 28.50 25.85
CA GLY D 15 18.67 28.84 26.57
C GLY D 15 18.36 30.04 27.45
N ILE D 16 19.05 30.18 28.57
CA ILE D 16 18.80 31.29 29.49
C ILE D 16 19.23 32.56 28.80
N PRO D 17 18.70 33.72 29.22
CA PRO D 17 19.05 34.97 28.52
C PRO D 17 20.56 35.24 28.47
N ASN D 18 21.02 35.83 27.37
CA ASN D 18 22.41 36.24 27.20
C ASN D 18 23.49 35.17 27.40
N LEU D 19 23.18 33.96 26.93
CA LEU D 19 24.19 32.95 26.67
C LEU D 19 25.31 33.50 25.78
N GLN D 20 26.56 33.40 26.25
CA GLN D 20 27.69 33.95 25.54
C GLN D 20 28.36 32.87 24.65
N PRO D 21 29.13 33.29 23.61
CA PRO D 21 29.80 32.26 22.81
C PRO D 21 30.65 31.28 23.63
N GLN D 22 31.31 31.72 24.70
CA GLN D 22 32.11 30.83 25.57
C GLN D 22 31.27 29.76 26.27
N ASP D 23 30.01 30.05 26.57
CA ASP D 23 29.08 29.10 27.17
C ASP D 23 28.69 28.03 26.16
N LEU D 24 28.38 28.49 24.96
CA LEU D 24 28.08 27.61 23.88
C LEU D 24 29.28 26.71 23.66
N LYS D 25 30.49 27.30 23.68
CA LYS D 25 31.72 26.53 23.58
C LYS D 25 31.85 25.51 24.72
N ASP D 26 31.59 25.90 25.98
CA ASP D 26 31.59 24.92 27.10
C ASP D 26 30.68 23.72 26.82
N ILE D 27 29.49 23.99 26.30
CA ILE D 27 28.52 22.92 26.00
C ILE D 27 29.06 21.94 24.95
N LEU D 28 29.62 22.48 23.87
CA LEU D 28 30.05 21.64 22.80
C LEU D 28 31.31 20.86 23.11
N GLU D 29 32.16 21.41 23.97
CA GLU D 29 33.30 20.70 24.52
C GLU D 29 32.87 19.50 25.34
N SER D 30 31.85 19.66 26.19
CA SER D 30 31.30 18.57 26.98
C SER D 30 30.73 17.54 26.02
N SER D 31 29.95 17.98 25.05
CA SER D 31 29.23 17.04 24.20
C SER D 31 30.22 16.23 23.36
N GLN D 32 31.28 16.87 22.87
CA GLN D 32 32.38 16.14 22.18
C GLN D 32 33.12 15.15 23.10
N ARG D 33 33.22 15.51 24.38
CA ARG D 33 33.89 14.67 25.36
C ARG D 33 33.08 13.41 25.65
N ASN D 34 31.75 13.56 25.77
CA ASN D 34 30.88 12.46 26.22
C ASN D 34 30.25 11.68 25.11
N ASN D 35 29.70 12.37 24.12
CA ASN D 35 28.90 11.69 23.08
C ASN D 35 29.53 10.55 22.27
N PRO D 36 30.72 10.79 21.64
CA PRO D 36 31.39 9.73 20.87
C PRO D 36 31.69 8.46 21.68
N ALA D 37 32.00 8.62 22.96
CA ALA D 37 32.29 7.47 23.81
C ALA D 37 31.00 6.71 24.13
N ASN D 38 29.88 7.40 24.07
CA ASN D 38 28.57 6.80 24.39
C ASN D 38 27.83 6.33 23.16
N GLY D 39 28.49 6.41 22.01
CA GLY D 39 27.92 6.01 20.72
C GLY D 39 26.81 6.92 20.22
N ILE D 40 26.79 8.18 20.66
CA ILE D 40 25.78 9.17 20.27
C ILE D 40 26.26 9.91 19.02
N THR D 41 25.42 10.01 17.99
CA THR D 41 25.70 10.83 16.81
C THR D 41 24.59 11.89 16.78
N GLY D 42 24.71 12.93 15.97
CA GLY D 42 23.70 13.98 16.03
C GLY D 42 24.30 15.38 15.87
N LEU D 43 23.51 16.39 16.22
CA LEU D 43 23.87 17.79 15.93
C LEU D 43 23.13 18.63 16.95
N LEU D 44 23.75 19.74 17.35
CA LEU D 44 23.11 20.77 18.15
C LEU D 44 23.06 22.03 17.29
N CYS D 45 21.87 22.62 17.16
CA CYS D 45 21.71 23.89 16.48
C CYS D 45 21.28 24.90 17.51
N TYR D 46 21.70 26.15 17.34
CA TYR D 46 21.36 27.23 18.24
C TYR D 46 20.84 28.45 17.47
N SER D 47 19.58 28.77 17.71
CA SER D 47 18.95 29.92 17.10
C SER D 47 18.45 30.77 18.26
N LYS D 48 19.27 31.74 18.65
CA LYS D 48 19.14 32.44 19.93
C LYS D 48 17.70 32.91 20.17
N PRO D 49 17.11 32.55 21.31
CA PRO D 49 17.69 31.82 22.46
C PRO D 49 17.51 30.31 22.45
N ALA D 50 16.99 29.76 21.37
CA ALA D 50 16.49 28.41 21.35
C ALA D 50 17.54 27.43 20.85
N PHE D 51 17.55 26.25 21.46
CA PHE D 51 18.35 25.11 21.06
C PHE D 51 17.46 24.09 20.37
N LEU D 52 18.03 23.45 19.35
CA LEU D 52 17.41 22.28 18.76
C LEU D 52 18.55 21.25 18.69
N GLN D 53 18.34 20.05 19.23
CA GLN D 53 19.37 19.01 19.18
C GLN D 53 18.77 17.68 18.78
N VAL D 54 19.49 16.93 17.95
CA VAL D 54 19.13 15.53 17.73
C VAL D 54 20.21 14.63 18.36
N LEU D 55 19.77 13.56 19.02
CA LEU D 55 20.65 12.51 19.55
C LEU D 55 20.20 11.18 18.97
N GLU D 56 21.15 10.43 18.42
CA GLU D 56 20.89 9.05 18.02
C GLU D 56 21.85 8.15 18.79
N GLY D 57 21.42 6.96 19.14
CA GLY D 57 22.28 5.98 19.82
C GLY D 57 21.41 4.98 20.56
N GLU D 58 22.05 4.18 21.40
CA GLU D 58 21.39 3.12 22.17
C GLU D 58 20.41 3.78 23.14
N CYS D 59 19.21 3.21 23.29
CA CYS D 59 18.13 3.82 24.08
C CYS D 59 18.61 4.31 25.45
N GLU D 60 19.34 3.45 26.14
CA GLU D 60 19.79 3.74 27.49
C GLU D 60 20.75 4.92 27.50
N GLN D 61 21.61 5.03 26.48
CA GLN D 61 22.54 6.16 26.37
C GLN D 61 21.88 7.44 25.93
N VAL D 62 20.95 7.34 24.98
CA VAL D 62 20.27 8.56 24.56
C VAL D 62 19.51 9.15 25.76
N ASN D 63 18.90 8.29 26.54
CA ASN D 63 18.15 8.69 27.72
C ASN D 63 19.03 9.25 28.83
N GLU D 64 20.11 8.55 29.16
CA GLU D 64 21.08 9.04 30.14
C GLU D 64 21.63 10.41 29.74
N THR D 65 22.04 10.54 28.49
CA THR D 65 22.46 11.82 27.94
C THR D 65 21.37 12.90 28.01
N TYR D 66 20.17 12.62 27.49
CA TYR D 66 19.09 13.60 27.57
C TYR D 66 18.76 14.03 29.00
N HIS D 67 18.63 13.08 29.93
CA HIS D 67 18.25 13.50 31.29
C HIS D 67 19.38 14.23 32.04
N ARG D 68 20.62 13.93 31.67
CA ARG D 68 21.76 14.76 32.06
C ARG D 68 21.56 16.20 31.51
N ILE D 69 21.34 16.33 30.22
CA ILE D 69 21.12 17.65 29.61
C ILE D 69 19.98 18.45 30.30
N VAL D 70 18.87 17.77 30.62
CA VAL D 70 17.73 18.44 31.29
C VAL D 70 18.09 19.22 32.56
N GLN D 71 19.08 18.72 33.31
CA GLN D 71 19.49 19.31 34.58
C GLN D 71 20.44 20.53 34.36
N ASP D 72 20.95 20.71 33.16
CA ASP D 72 21.80 21.89 32.86
C ASP D 72 21.10 23.22 33.11
N GLU D 73 21.77 24.08 33.86
CA GLU D 73 21.24 25.39 34.25
C GLU D 73 21.29 26.42 33.13
N ARG D 74 21.89 26.06 32.00
CA ARG D 74 22.03 27.00 30.87
C ARG D 74 20.84 27.02 29.93
N HIS D 75 19.84 26.17 30.17
CA HIS D 75 18.55 26.25 29.45
C HIS D 75 17.39 25.79 30.32
N HIS D 76 16.17 26.01 29.85
CA HIS D 76 14.99 25.55 30.57
C HIS D 76 13.88 25.18 29.57
N SER D 77 12.75 24.72 30.11
CA SER D 77 11.59 24.32 29.31
C SER D 77 11.95 23.37 28.16
N PRO D 78 12.69 22.27 28.44
CA PRO D 78 12.97 21.30 27.36
C PRO D 78 11.65 20.76 26.85
N GLN D 79 11.59 20.54 25.54
CA GLN D 79 10.42 20.00 24.90
C GLN D 79 10.90 18.90 24.04
N ILE D 80 10.50 17.66 24.36
CA ILE D 80 10.84 16.51 23.52
C ILE D 80 9.93 16.68 22.32
N ILE D 81 10.50 16.73 21.12
CA ILE D 81 9.72 16.82 19.90
C ILE D 81 9.37 15.41 19.35
N GLU D 82 10.31 14.50 19.47
CA GLU D 82 10.11 13.10 19.10
C GLU D 82 11.13 12.24 19.83
N CYS D 83 10.76 11.01 20.16
CA CYS D 83 11.72 10.01 20.67
C CYS D 83 11.16 8.67 20.31
N MET D 84 11.91 7.89 19.53
CA MET D 84 11.40 6.61 19.04
C MET D 84 12.53 5.71 18.58
N PRO D 85 12.26 4.39 18.48
CA PRO D 85 13.24 3.46 17.95
C PRO D 85 13.42 3.77 16.49
N ILE D 86 14.63 3.58 15.96
CA ILE D 86 14.83 3.81 14.51
C ILE D 86 15.45 2.58 13.85
N ARG D 87 15.27 2.42 12.54
CA ARG D 87 15.82 1.27 11.80
C ARG D 87 17.33 1.44 11.52
N ARG D 88 17.75 2.68 11.32
CA ARG D 88 19.16 3.02 11.07
C ARG D 88 19.41 4.47 11.43
N ARG D 89 20.67 4.81 11.67
CA ARG D 89 21.05 6.17 11.95
C ARG D 89 20.96 7.01 10.69
N ASN D 90 20.78 8.32 10.84
CA ASN D 90 20.91 9.24 9.72
C ASN D 90 22.08 10.21 9.90
N PHE D 91 22.62 10.27 11.12
CA PHE D 91 23.94 10.89 11.45
C PHE D 91 24.69 9.77 12.20
N GLU D 92 25.86 9.26 11.91
CA GLU D 92 26.96 9.57 10.99
C GLU D 92 28.08 9.80 11.98
N VAL D 93 28.14 11.00 12.54
CA VAL D 93 29.05 11.34 13.63
C VAL D 93 28.26 12.25 14.61
N TRP D 94 28.80 12.43 15.81
CA TRP D 94 28.43 13.54 16.63
C TRP D 94 29.11 14.78 15.99
N SER D 95 28.33 15.74 15.54
CA SER D 95 28.92 16.95 14.98
C SER D 95 29.65 17.75 16.04
N MET D 96 30.97 17.91 15.90
CA MET D 96 31.76 18.63 16.90
C MET D 96 31.29 20.08 17.02
N GLN D 97 31.11 20.70 15.85
CA GLN D 97 30.62 22.07 15.70
C GLN D 97 29.10 22.14 15.86
N ALA D 98 28.61 23.13 16.62
CA ALA D 98 27.18 23.40 16.63
C ALA D 98 26.91 24.30 15.47
N ILE D 99 25.69 24.24 14.91
CA ILE D 99 25.29 25.23 13.91
C ILE D 99 24.55 26.37 14.58
N THR D 100 24.94 27.59 14.26
CA THR D 100 24.16 28.74 14.68
C THR D 100 23.34 29.16 13.49
N VAL D 101 22.06 29.41 13.75
CA VAL D 101 21.11 29.74 12.70
C VAL D 101 20.47 31.05 13.18
N ASN D 102 20.86 32.15 12.54
CA ASN D 102 20.31 33.46 12.87
C ASN D 102 20.22 34.41 11.68
N ASP D 103 20.04 35.69 11.96
CA ASP D 103 19.81 36.70 10.94
C ASP D 103 21.08 37.21 10.21
N LEU D 104 22.25 36.72 10.60
CA LEU D 104 23.47 36.97 9.82
C LEU D 104 24.00 35.70 9.15
N SER D 105 23.17 34.64 9.22
CA SER D 105 23.41 33.41 8.46
C SER D 105 23.35 33.68 6.95
N THR D 106 24.02 32.80 6.19
CA THR D 106 24.10 32.88 4.72
C THR D 106 22.68 32.82 4.13
N GLU D 107 22.47 33.39 2.94
CA GLU D 107 21.19 33.25 2.23
C GLU D 107 20.80 31.78 2.05
N GLN D 108 21.79 30.92 1.82
CA GLN D 108 21.57 29.46 1.73
C GLN D 108 21.01 28.85 3.02
N VAL D 109 21.61 29.17 4.15
CA VAL D 109 21.07 28.67 5.41
C VAL D 109 19.68 29.24 5.65
N LYS D 110 19.49 30.54 5.47
CA LYS D 110 18.19 31.17 5.64
C LYS D 110 17.10 30.56 4.76
N THR D 111 17.46 30.23 3.52
CA THR D 111 16.56 29.57 2.57
C THR D 111 16.14 28.16 3.02
N LEU D 112 17.11 27.46 3.60
CA LEU D 112 16.88 26.17 4.22
C LEU D 112 15.95 26.25 5.45
N VAL D 113 16.08 27.29 6.29
CA VAL D 113 15.15 27.44 7.42
C VAL D 113 13.72 27.64 6.91
N LEU D 114 13.59 28.49 5.88
CA LEU D 114 12.32 28.84 5.27
C LEU D 114 11.69 27.63 4.59
N LYS D 115 12.53 26.75 4.05
CA LYS D 115 12.03 25.54 3.39
C LYS D 115 11.23 24.62 4.32
N TYR D 116 11.50 24.70 5.62
CA TYR D 116 10.90 23.80 6.63
C TYR D 116 10.04 24.44 7.70
N SER D 117 9.95 25.77 7.72
CA SER D 117 9.16 26.49 8.71
C SER D 117 8.59 27.75 8.10
N GLY D 118 7.91 28.54 8.92
CA GLY D 118 7.22 29.72 8.43
C GLY D 118 8.09 30.94 8.20
N PHE D 119 9.34 30.90 8.65
CA PHE D 119 10.16 32.11 8.60
C PHE D 119 11.63 31.80 8.40
N THR D 120 12.40 32.87 8.38
CA THR D 120 13.81 32.79 8.12
C THR D 120 14.60 32.51 9.41
N THR D 121 13.99 32.77 10.58
CA THR D 121 14.62 32.42 11.85
C THR D 121 14.08 31.07 12.35
N LEU D 122 14.93 30.28 12.98
CA LEU D 122 14.56 28.91 13.33
C LEU D 122 13.78 28.91 14.64
N ARG D 123 12.55 28.44 14.57
CA ARG D 123 11.67 28.30 15.74
C ARG D 123 11.12 26.86 15.79
N PRO D 124 11.81 25.97 16.54
CA PRO D 124 11.42 24.56 16.63
C PRO D 124 9.98 24.36 17.05
N SER D 125 9.44 25.26 17.87
CA SER D 125 8.06 25.13 18.34
C SER D 125 7.04 25.18 17.19
N ALA D 126 7.47 25.62 16.01
CA ALA D 126 6.62 25.70 14.84
C ALA D 126 6.71 24.52 13.86
N MET D 127 7.61 23.57 14.14
CA MET D 127 7.95 22.52 13.19
C MET D 127 7.51 21.13 13.72
N ASP D 128 7.17 20.19 12.83
CA ASP D 128 6.86 18.83 13.31
C ASP D 128 8.16 18.02 13.41
N PRO D 129 8.12 16.79 13.96
CA PRO D 129 9.30 15.96 14.02
C PRO D 129 10.01 15.76 12.66
N GLU D 130 9.27 15.53 11.58
CA GLU D 130 9.92 15.30 10.26
C GLU D 130 10.55 16.59 9.69
N GLN D 131 9.88 17.74 9.87
CA GLN D 131 10.52 19.02 9.52
C GLN D 131 11.82 19.21 10.31
N CYS D 132 11.77 19.01 11.62
CA CYS D 132 12.99 19.13 12.45
C CYS D 132 14.12 18.25 11.94
N LEU D 133 13.81 16.98 11.66
CA LEU D 133 14.82 16.01 11.23
C LEU D 133 15.40 16.40 9.89
N ASN D 134 14.52 16.76 8.96
CA ASN D 134 14.95 17.06 7.61
C ASN D 134 15.78 18.34 7.58
N PHE D 135 15.42 19.30 8.42
CA PHE D 135 16.20 20.53 8.51
C PHE D 135 17.60 20.16 8.95
N LEU D 136 17.66 19.37 10.02
CA LEU D 136 18.91 19.02 10.66
C LEU D 136 19.75 18.21 9.69
N LEU D 137 19.13 17.33 8.93
CA LEU D 137 19.85 16.57 7.90
C LEU D 137 20.40 17.45 6.79
N ASP D 138 19.56 18.33 6.23
CA ASP D 138 20.02 19.24 5.18
C ASP D 138 21.15 20.14 5.67
N ILE D 139 21.07 20.64 6.90
CA ILE D 139 22.10 21.57 7.34
C ILE D 139 23.45 20.86 7.62
N ALA D 140 23.37 19.62 8.11
CA ALA D 140 24.54 18.77 8.26
C ALA D 140 25.19 18.52 6.89
N LYS D 141 24.35 18.34 5.87
CA LYS D 141 24.85 18.14 4.51
C LYS D 141 25.61 19.39 4.01
N ILE D 142 25.08 20.59 4.24
CA ILE D 142 25.76 21.80 3.72
C ILE D 142 27.04 22.18 4.47
N TYR D 143 27.27 21.60 5.64
CA TYR D 143 28.40 22.02 6.49
C TYR D 143 29.71 21.22 6.68
N GLU D 144 30.09 20.19 5.95
CA GLU D 144 29.38 19.09 5.42
C GLU D 144 29.79 18.12 6.53
N LEU D 145 29.02 18.14 7.61
CA LEU D 145 29.34 17.39 8.81
C LEU D 145 29.05 15.91 8.66
N SER D 146 28.13 15.56 7.76
CA SER D 146 27.54 14.22 7.65
C SER D 146 26.56 14.13 6.48
N ASP D 147 26.47 12.97 5.86
CA ASP D 147 25.52 12.79 4.75
C ASP D 147 25.54 11.42 4.09
N ASN D 148 24.40 10.72 4.05
CA ASN D 148 23.45 10.45 5.17
C ASN D 148 23.71 8.95 5.10
N PHE D 149 24.93 8.59 5.51
CA PHE D 149 25.61 7.33 5.15
C PHE D 149 25.71 7.10 3.62
N PHE D 150 25.85 8.21 2.89
CA PHE D 150 26.07 8.29 1.44
C PHE D 150 24.74 8.16 0.70
N MET E 4 15.11 -9.54 26.60
CA MET E 4 14.91 -8.80 25.31
C MET E 4 13.66 -9.23 24.51
N SER E 5 13.77 -9.28 23.19
CA SER E 5 12.64 -9.18 22.29
C SER E 5 11.70 -10.38 22.32
N LEU E 6 10.42 -10.08 22.16
CA LEU E 6 9.41 -11.14 22.05
C LEU E 6 9.57 -11.87 20.71
N TYR E 7 9.72 -13.19 20.79
CA TYR E 7 10.00 -14.04 19.62
C TYR E 7 9.01 -15.21 19.49
N ARG E 8 8.91 -15.72 18.27
CA ARG E 8 8.21 -16.96 17.94
C ARG E 8 9.14 -17.85 17.13
N LEU E 9 9.22 -19.12 17.52
CA LEU E 9 9.92 -20.09 16.73
C LEU E 9 8.98 -21.24 16.43
N ILE E 10 8.93 -21.64 15.15
CA ILE E 10 8.20 -22.84 14.73
C ILE E 10 9.20 -23.82 14.14
N TYR E 11 9.11 -25.10 14.55
CA TYR E 11 9.95 -26.14 13.99
C TYR E 11 9.14 -27.43 13.86
N SER E 12 9.68 -28.35 13.08
CA SER E 12 9.13 -29.67 13.03
C SER E 12 10.28 -30.63 13.12
N SER E 13 9.97 -31.87 13.50
CA SER E 13 10.97 -32.91 13.65
C SER E 13 10.32 -34.26 13.48
N GLN E 14 11.16 -35.30 13.44
CA GLN E 14 10.64 -36.65 13.35
C GLN E 14 10.73 -37.33 14.69
N GLY E 15 9.58 -37.71 15.24
CA GLY E 15 9.52 -38.49 16.48
C GLY E 15 10.12 -39.86 16.20
N ILE E 16 10.64 -40.52 17.23
CA ILE E 16 11.15 -41.89 17.07
C ILE E 16 9.97 -42.82 16.80
N PRO E 17 10.22 -43.95 16.09
CA PRO E 17 9.22 -44.92 15.63
C PRO E 17 8.02 -45.31 16.51
N ASN E 18 8.23 -45.58 17.79
CA ASN E 18 7.10 -46.15 18.53
C ASN E 18 6.57 -45.33 19.69
N LEU E 19 6.40 -44.03 19.47
CA LEU E 19 5.89 -43.18 20.54
C LEU E 19 4.48 -43.60 21.01
N GLN E 20 4.33 -43.73 22.33
CA GLN E 20 3.06 -44.05 22.95
C GLN E 20 2.41 -42.77 23.49
N PRO E 21 1.10 -42.80 23.79
CA PRO E 21 0.46 -41.64 24.44
C PRO E 21 1.16 -41.18 25.72
N GLN E 22 1.75 -42.11 26.46
CA GLN E 22 2.51 -41.78 27.68
C GLN E 22 3.74 -40.92 27.41
N ASP E 23 4.41 -41.13 26.27
CA ASP E 23 5.56 -40.29 25.89
C ASP E 23 5.14 -38.85 25.65
N LEU E 24 3.94 -38.67 25.10
CA LEU E 24 3.47 -37.32 24.83
C LEU E 24 3.00 -36.65 26.11
N LYS E 25 2.47 -37.46 27.04
CA LYS E 25 2.15 -36.97 28.38
C LYS E 25 3.42 -36.47 29.09
N ASP E 26 4.46 -37.31 29.13
CA ASP E 26 5.76 -36.94 29.70
C ASP E 26 6.29 -35.65 29.07
N ILE E 27 6.42 -35.63 27.76
CA ILE E 27 6.70 -34.37 27.05
C ILE E 27 5.81 -33.25 27.58
N LEU E 28 4.49 -33.44 27.55
CA LEU E 28 3.57 -32.40 28.04
C LEU E 28 3.89 -31.97 29.48
N GLU E 29 4.04 -32.95 30.39
CA GLU E 29 4.35 -32.65 31.79
C GLU E 29 5.68 -31.90 31.95
N SER E 30 6.75 -32.38 31.30
CA SER E 30 8.05 -31.68 31.27
C SER E 30 7.95 -30.23 30.80
N SER E 31 7.30 -30.00 29.67
CA SER E 31 7.08 -28.65 29.15
C SER E 31 6.24 -27.77 30.10
N GLN E 32 5.18 -28.31 30.69
CA GLN E 32 4.33 -27.53 31.60
C GLN E 32 4.99 -27.18 32.94
N ARG E 33 5.99 -27.97 33.35
CA ARG E 33 6.83 -27.57 34.50
C ARG E 33 7.96 -26.56 34.17
N ASN E 34 8.64 -26.72 33.02
CA ASN E 34 9.79 -25.85 32.69
C ASN E 34 9.36 -24.52 32.11
N ASN E 35 8.29 -24.54 31.30
CA ASN E 35 7.95 -23.38 30.46
C ASN E 35 7.47 -22.13 31.24
N PRO E 36 6.60 -22.29 32.29
CA PRO E 36 6.17 -21.11 33.06
C PRO E 36 7.33 -20.21 33.51
N ALA E 37 8.34 -20.80 34.15
CA ALA E 37 9.46 -20.07 34.72
C ALA E 37 10.32 -19.38 33.67
N ASN E 38 10.42 -19.98 32.48
CA ASN E 38 11.15 -19.39 31.36
C ASN E 38 10.33 -18.42 30.50
N GLY E 39 9.06 -18.22 30.87
CA GLY E 39 8.09 -17.42 30.11
C GLY E 39 7.78 -17.95 28.72
N ILE E 40 7.91 -19.25 28.54
CA ILE E 40 7.66 -19.86 27.22
C ILE E 40 6.20 -20.27 27.16
N THR E 41 5.53 -19.95 26.06
CA THR E 41 4.19 -20.48 25.77
C THR E 41 4.17 -21.07 24.37
N GLY E 42 3.19 -21.94 24.10
CA GLY E 42 3.05 -22.49 22.76
C GLY E 42 2.14 -23.69 22.67
N LEU E 43 2.32 -24.45 21.59
CA LEU E 43 1.45 -25.58 21.28
C LEU E 43 2.27 -26.60 20.53
N LEU E 44 2.01 -27.88 20.79
CA LEU E 44 2.75 -28.98 20.13
C LEU E 44 1.69 -29.86 19.49
N CYS E 45 1.88 -30.27 18.24
CA CYS E 45 1.05 -31.31 17.62
C CYS E 45 1.91 -32.50 17.28
N TYR E 46 1.37 -33.69 17.46
CA TYR E 46 2.04 -34.88 17.03
C TYR E 46 1.19 -35.54 15.96
N SER E 47 1.77 -35.70 14.78
CA SER E 47 1.10 -36.35 13.69
C SER E 47 2.00 -37.50 13.22
N LYS E 48 1.80 -38.69 13.78
CA LYS E 48 2.72 -39.80 13.58
C LYS E 48 3.25 -39.81 12.13
N PRO E 49 4.60 -39.74 11.96
CA PRO E 49 5.61 -39.75 13.01
C PRO E 49 6.14 -38.39 13.43
N ALA E 50 5.60 -37.32 12.87
CA ALA E 50 6.18 -35.99 13.03
C ALA E 50 5.65 -35.11 14.16
N PHE E 51 6.53 -34.25 14.67
CA PHE E 51 6.15 -33.20 15.58
C PHE E 51 6.12 -31.84 14.88
N LEU E 52 5.16 -31.01 15.27
CA LEU E 52 5.13 -29.58 14.89
C LEU E 52 4.91 -28.77 16.15
N GLN E 53 5.86 -27.91 16.51
CA GLN E 53 5.74 -27.10 17.71
C GLN E 53 5.96 -25.63 17.38
N VAL E 54 5.24 -24.78 18.11
CA VAL E 54 5.48 -23.34 18.09
C VAL E 54 5.85 -22.94 19.53
N LEU E 55 6.90 -22.14 19.68
CA LEU E 55 7.35 -21.62 20.95
C LEU E 55 7.36 -20.12 20.86
N GLU E 56 6.92 -19.47 21.93
CA GLU E 56 6.95 -18.01 22.06
C GLU E 56 7.60 -17.65 23.39
N GLY E 57 8.28 -16.51 23.42
CA GLY E 57 8.96 -16.02 24.60
C GLY E 57 10.08 -15.06 24.23
N GLU E 58 10.86 -14.66 25.23
CA GLU E 58 12.03 -13.82 25.01
C GLU E 58 12.95 -14.57 24.06
N CYS E 59 13.54 -13.85 23.13
CA CYS E 59 14.49 -14.48 22.20
C CYS E 59 15.49 -15.43 22.88
N GLU E 60 16.13 -14.97 23.96
CA GLU E 60 17.12 -15.72 24.70
C GLU E 60 16.59 -17.06 25.23
N GLN E 61 15.39 -17.01 25.80
CA GLN E 61 14.78 -18.17 26.41
C GLN E 61 14.21 -19.11 25.36
N VAL E 62 13.68 -18.55 24.27
CA VAL E 62 13.22 -19.36 23.15
C VAL E 62 14.37 -20.17 22.56
N ASN E 63 15.52 -19.53 22.30
CA ASN E 63 16.69 -20.28 21.88
C ASN E 63 17.18 -21.33 22.89
N GLU E 64 17.29 -20.96 24.17
CA GLU E 64 17.58 -21.88 25.28
C GLU E 64 16.67 -23.12 25.28
N THR E 65 15.36 -22.91 25.08
CA THR E 65 14.41 -24.02 25.14
C THR E 65 14.57 -24.87 23.91
N TYR E 66 14.51 -24.24 22.73
CA TYR E 66 14.75 -24.97 21.47
C TYR E 66 16.03 -25.83 21.45
N HIS E 67 17.17 -25.27 21.87
CA HIS E 67 18.42 -26.05 21.85
C HIS E 67 18.47 -27.15 22.93
N ARG E 68 17.63 -27.03 23.94
CA ARG E 68 17.42 -28.10 24.88
C ARG E 68 16.58 -29.20 24.24
N ILE E 69 15.42 -28.83 23.70
CA ILE E 69 14.49 -29.78 23.03
C ILE E 69 15.20 -30.61 21.96
N VAL E 70 16.15 -30.00 21.27
CA VAL E 70 16.88 -30.64 20.16
C VAL E 70 17.76 -31.79 20.66
N GLN E 71 18.17 -31.72 21.92
CA GLN E 71 18.95 -32.80 22.50
C GLN E 71 18.05 -34.00 22.80
N ASP E 72 16.73 -33.83 22.75
CA ASP E 72 15.84 -34.90 23.20
C ASP E 72 15.99 -36.10 22.28
N GLU E 73 16.17 -37.26 22.89
CA GLU E 73 16.27 -38.54 22.18
C GLU E 73 14.92 -39.03 21.61
N ARG E 74 13.83 -38.33 21.92
CA ARG E 74 12.50 -38.78 21.46
C ARG E 74 12.15 -38.25 20.09
N HIS E 75 13.06 -37.47 19.50
CA HIS E 75 12.93 -37.04 18.12
C HIS E 75 14.29 -36.68 17.50
N HIS E 76 14.28 -36.50 16.18
CA HIS E 76 15.48 -36.20 15.40
C HIS E 76 15.25 -35.35 14.13
N SER E 77 16.35 -34.82 13.60
CA SER E 77 16.37 -34.07 12.36
C SER E 77 15.43 -32.85 12.47
N PRO E 78 15.67 -31.97 13.46
CA PRO E 78 14.74 -30.86 13.67
C PRO E 78 14.90 -29.84 12.59
N GLN E 79 13.79 -29.34 12.05
CA GLN E 79 13.83 -28.33 11.01
C GLN E 79 13.20 -27.04 11.54
N ILE E 80 13.95 -25.94 11.58
CA ILE E 80 13.37 -24.65 11.92
C ILE E 80 12.54 -24.22 10.70
N ILE E 81 11.27 -23.96 10.91
CA ILE E 81 10.41 -23.52 9.82
C ILE E 81 10.37 -22.00 9.79
N GLU E 82 10.35 -21.39 10.96
CA GLU E 82 10.36 -19.94 11.06
C GLU E 82 10.90 -19.53 12.41
N CYS E 83 11.70 -18.49 12.43
CA CYS E 83 12.09 -17.82 13.68
C CYS E 83 12.16 -16.30 13.49
N MET E 84 11.36 -15.55 14.25
CA MET E 84 11.22 -14.09 14.04
C MET E 84 10.68 -13.36 15.26
N PRO E 85 10.98 -12.04 15.38
CA PRO E 85 10.29 -11.31 16.42
C PRO E 85 8.82 -11.23 16.08
N ILE E 86 7.98 -11.02 17.11
CA ILE E 86 6.53 -10.86 16.94
C ILE E 86 6.03 -9.71 17.82
N ARG E 87 4.92 -9.11 17.41
CA ARG E 87 4.34 -7.95 18.11
C ARG E 87 3.60 -8.33 19.41
N ARG E 88 3.11 -9.57 19.45
CA ARG E 88 2.30 -10.07 20.57
C ARG E 88 2.20 -11.55 20.42
N ARG E 89 1.97 -12.24 21.54
CA ARG E 89 1.81 -13.70 21.55
C ARG E 89 0.43 -14.05 21.03
N ASN E 90 0.30 -15.25 20.44
CA ASN E 90 -1.03 -15.83 20.12
C ASN E 90 -1.29 -17.10 20.94
N PHE E 91 -0.25 -17.67 21.55
CA PHE E 91 -0.44 -18.91 22.33
C PHE E 91 -0.28 -18.68 23.85
N GLU E 92 -0.47 -17.44 24.27
CA GLU E 92 -0.13 -17.04 25.64
C GLU E 92 -0.91 -17.72 26.77
N VAL E 93 -2.11 -18.20 26.49
CA VAL E 93 -2.89 -18.89 27.52
C VAL E 93 -2.26 -20.22 27.96
N TRP E 94 -1.39 -20.82 27.13
CA TRP E 94 -0.86 -22.15 27.43
C TRP E 94 0.65 -22.20 27.59
N SER E 95 1.12 -22.59 28.76
CA SER E 95 2.55 -22.83 28.97
C SER E 95 3.03 -23.87 27.93
N MET E 96 2.21 -24.91 27.74
CA MET E 96 2.33 -25.82 26.57
C MET E 96 1.07 -26.68 26.52
N GLN E 97 0.56 -26.92 25.32
CA GLN E 97 -0.52 -27.86 25.14
C GLN E 97 -0.08 -28.83 24.05
N ALA E 98 -0.51 -30.08 24.11
CA ALA E 98 -0.16 -31.05 23.07
C ALA E 98 -1.42 -31.71 22.50
N ILE E 99 -1.50 -31.77 21.18
CA ILE E 99 -2.67 -32.31 20.47
C ILE E 99 -2.18 -33.40 19.52
N THR E 100 -2.89 -34.50 19.42
CA THR E 100 -2.50 -35.50 18.43
C THR E 100 -3.45 -35.40 17.26
N VAL E 101 -2.84 -35.23 16.09
CA VAL E 101 -3.58 -35.10 14.84
C VAL E 101 -3.24 -36.36 14.03
N ASN E 102 -4.20 -37.28 13.93
CA ASN E 102 -4.05 -38.50 13.14
C ASN E 102 -5.37 -38.96 12.46
N ASP E 103 -5.37 -40.18 11.94
CA ASP E 103 -6.48 -40.72 11.14
C ASP E 103 -7.73 -41.03 11.99
N LEU E 104 -7.64 -40.78 13.30
CA LEU E 104 -8.76 -40.90 14.27
C LEU E 104 -9.35 -39.55 14.73
N SER E 105 -8.69 -38.44 14.41
CA SER E 105 -9.20 -37.10 14.74
C SER E 105 -10.59 -36.85 14.12
N THR E 106 -11.35 -35.90 14.64
CA THR E 106 -12.67 -35.57 14.08
C THR E 106 -12.57 -35.10 12.61
N GLU E 107 -13.68 -35.21 11.89
CA GLU E 107 -13.83 -34.61 10.56
C GLU E 107 -13.40 -33.13 10.52
N GLN E 108 -13.75 -32.37 11.55
CA GLN E 108 -13.41 -30.94 11.61
C GLN E 108 -11.89 -30.72 11.63
N VAL E 109 -11.18 -31.54 12.40
CA VAL E 109 -9.74 -31.48 12.47
C VAL E 109 -9.08 -31.94 11.15
N LYS E 110 -9.57 -33.03 10.58
CA LYS E 110 -9.09 -33.53 9.28
C LYS E 110 -9.30 -32.49 8.17
N THR E 111 -10.46 -31.83 8.16
CA THR E 111 -10.79 -30.80 7.17
C THR E 111 -9.83 -29.61 7.24
N LEU E 112 -9.48 -29.23 8.46
CA LEU E 112 -8.52 -28.17 8.73
C LEU E 112 -7.14 -28.50 8.22
N VAL E 113 -6.70 -29.75 8.40
CA VAL E 113 -5.41 -30.16 7.87
C VAL E 113 -5.47 -30.02 6.35
N LEU E 114 -6.56 -30.44 5.73
CA LEU E 114 -6.69 -30.36 4.30
C LEU E 114 -6.68 -28.91 3.79
N LYS E 115 -7.19 -28.00 4.62
CA LYS E 115 -7.35 -26.59 4.27
C LYS E 115 -5.99 -25.93 4.01
N TYR E 116 -4.97 -26.38 4.74
CA TYR E 116 -3.63 -25.81 4.68
C TYR E 116 -2.55 -26.72 4.12
N SER E 117 -2.93 -27.88 3.61
CA SER E 117 -1.96 -28.87 3.14
C SER E 117 -2.54 -29.76 2.07
N GLY E 118 -1.68 -30.61 1.52
CA GLY E 118 -2.07 -31.44 0.40
C GLY E 118 -2.92 -32.64 0.76
N PHE E 119 -2.83 -33.08 2.03
CA PHE E 119 -3.61 -34.21 2.51
C PHE E 119 -4.30 -33.96 3.86
N THR E 120 -5.03 -34.96 4.29
CA THR E 120 -5.76 -34.93 5.53
C THR E 120 -4.86 -35.35 6.73
N THR E 121 -3.68 -35.89 6.46
CA THR E 121 -2.67 -36.11 7.50
C THR E 121 -1.67 -34.95 7.56
N LEU E 122 -1.34 -34.51 8.75
CA LEU E 122 -0.53 -33.30 8.96
C LEU E 122 0.96 -33.57 8.71
N ARG E 123 1.53 -32.89 7.73
CA ARG E 123 2.92 -33.10 7.32
C ARG E 123 3.63 -31.72 7.17
N PRO E 124 4.23 -31.22 8.27
CA PRO E 124 4.80 -29.87 8.26
C PRO E 124 5.76 -29.62 7.09
N SER E 125 6.53 -30.65 6.69
CA SER E 125 7.48 -30.52 5.59
C SER E 125 6.81 -30.05 4.30
N ALA E 126 5.50 -30.24 4.22
CA ALA E 126 4.74 -29.89 3.04
C ALA E 126 4.09 -28.52 3.16
N MET E 127 4.39 -27.79 4.24
CA MET E 127 3.70 -26.54 4.53
C MET E 127 4.67 -25.38 4.71
N ASP E 128 4.31 -24.22 4.18
CA ASP E 128 5.11 -23.02 4.39
C ASP E 128 4.85 -22.40 5.79
N PRO E 129 5.69 -21.44 6.21
CA PRO E 129 5.53 -20.90 7.55
C PRO E 129 4.12 -20.34 7.83
N GLU E 130 3.51 -19.69 6.84
CA GLU E 130 2.16 -19.13 6.99
C GLU E 130 1.11 -20.20 7.21
N GLN E 131 1.21 -21.28 6.43
CA GLN E 131 0.35 -22.45 6.55
C GLN E 131 0.48 -23.12 7.92
N CYS E 132 1.71 -23.34 8.37
CA CYS E 132 1.96 -23.83 9.73
C CYS E 132 1.32 -22.97 10.80
N LEU E 133 1.62 -21.68 10.79
CA LEU E 133 1.11 -20.77 11.80
C LEU E 133 -0.43 -20.77 11.81
N ASN E 134 -1.05 -20.65 10.62
CA ASN E 134 -2.51 -20.62 10.53
C ASN E 134 -3.15 -21.93 10.97
N PHE E 135 -2.55 -23.07 10.61
CA PHE E 135 -3.03 -24.33 11.10
C PHE E 135 -3.02 -24.35 12.63
N LEU E 136 -1.94 -23.86 13.24
CA LEU E 136 -1.79 -23.94 14.67
C LEU E 136 -2.74 -22.98 15.39
N LEU E 137 -3.02 -21.84 14.77
CA LEU E 137 -3.89 -20.87 15.40
C LEU E 137 -5.32 -21.43 15.39
N ASP E 138 -5.72 -21.97 14.24
CA ASP E 138 -7.06 -22.51 14.03
C ASP E 138 -7.36 -23.77 14.85
N ILE E 139 -6.38 -24.68 14.95
CA ILE E 139 -6.59 -25.91 15.72
C ILE E 139 -6.63 -25.63 17.22
N ALA E 140 -5.84 -24.67 17.66
CA ALA E 140 -5.85 -24.25 19.04
C ALA E 140 -7.17 -23.59 19.36
N LYS E 141 -7.78 -22.97 18.37
CA LYS E 141 -9.08 -22.30 18.55
C LYS E 141 -10.17 -23.35 18.79
N ILE E 142 -10.11 -24.47 18.07
CA ILE E 142 -11.10 -25.53 18.30
C ILE E 142 -10.91 -26.28 19.63
N TYR E 143 -9.75 -26.11 20.27
CA TYR E 143 -9.34 -26.91 21.45
C TYR E 143 -9.32 -26.34 22.90
N GLU E 144 -9.77 -25.14 23.23
CA GLU E 144 -10.62 -24.24 22.47
C GLU E 144 -9.91 -22.90 22.50
N MET F 4 14.04 -28.71 0.39
CA MET F 4 13.23 -28.14 -0.74
C MET F 4 13.40 -26.62 -0.85
N SER F 5 12.70 -25.88 0.01
CA SER F 5 12.59 -24.44 -0.07
C SER F 5 13.90 -23.72 0.26
N LEU F 6 14.15 -22.63 -0.46
CA LEU F 6 15.34 -21.83 -0.23
C LEU F 6 15.12 -20.98 1.03
N TYR F 7 16.12 -21.04 1.94
CA TYR F 7 15.99 -20.49 3.29
C TYR F 7 17.23 -19.69 3.61
N ARG F 8 17.07 -18.77 4.57
CA ARG F 8 18.18 -18.04 5.14
C ARG F 8 18.06 -18.20 6.65
N LEU F 9 19.18 -18.44 7.31
CA LEU F 9 19.22 -18.44 8.76
C LEU F 9 20.28 -17.47 9.22
N ILE F 10 19.91 -16.59 10.12
CA ILE F 10 20.87 -15.65 10.74
C ILE F 10 20.89 -15.94 12.25
N TYR F 11 22.09 -16.08 12.81
CA TYR F 11 22.25 -16.36 14.21
C TYR F 11 23.50 -15.66 14.77
N SER F 12 23.56 -15.48 16.09
CA SER F 12 24.79 -15.05 16.75
C SER F 12 25.13 -16.02 17.86
N SER F 13 26.37 -15.97 18.30
CA SER F 13 26.85 -16.83 19.36
C SER F 13 28.00 -16.15 20.08
N GLN F 14 28.36 -16.70 21.24
CA GLN F 14 29.49 -16.21 22.02
C GLN F 14 30.69 -17.12 21.78
N GLY F 15 31.70 -16.61 21.09
CA GLY F 15 32.95 -17.36 20.90
C GLY F 15 33.70 -17.49 22.21
N ILE F 16 34.39 -18.60 22.40
CA ILE F 16 35.21 -18.79 23.61
C ILE F 16 36.23 -17.64 23.76
N PRO F 17 36.57 -17.28 25.01
CA PRO F 17 37.27 -16.01 25.31
C PRO F 17 38.36 -15.58 24.32
N ASN F 18 39.36 -16.45 24.11
CA ASN F 18 40.58 -16.09 23.38
C ASN F 18 40.68 -16.68 21.98
N LEU F 19 39.73 -16.35 21.11
CA LEU F 19 39.81 -16.78 19.72
C LEU F 19 40.84 -15.95 18.97
N GLN F 20 41.54 -16.60 18.05
CA GLN F 20 42.68 -16.00 17.35
C GLN F 20 42.38 -16.02 15.86
N PRO F 21 43.04 -15.14 15.09
CA PRO F 21 43.07 -15.23 13.62
C PRO F 21 43.03 -16.65 13.04
N GLN F 22 43.93 -17.52 13.51
CA GLN F 22 43.99 -18.93 13.08
C GLN F 22 42.71 -19.73 13.40
N ASP F 23 42.11 -19.52 14.57
CA ASP F 23 40.82 -20.16 14.90
C ASP F 23 39.78 -19.83 13.82
N LEU F 24 39.77 -18.58 13.38
CA LEU F 24 38.83 -18.14 12.36
C LEU F 24 39.23 -18.67 11.01
N LYS F 25 40.52 -18.87 10.82
CA LYS F 25 41.02 -19.39 9.57
C LYS F 25 40.61 -20.86 9.34
N ASP F 26 40.69 -21.72 10.35
CA ASP F 26 40.21 -23.09 10.15
C ASP F 26 38.68 -23.22 10.13
N ILE F 27 37.96 -22.36 10.87
CA ILE F 27 36.49 -22.28 10.71
C ILE F 27 36.18 -22.02 9.24
N LEU F 28 36.84 -21.02 8.66
CA LEU F 28 36.72 -20.73 7.24
C LEU F 28 37.02 -21.95 6.38
N GLU F 29 38.16 -22.59 6.60
CA GLU F 29 38.59 -23.74 5.80
C GLU F 29 37.64 -24.93 5.94
N SER F 30 37.10 -25.11 7.15
CA SER F 30 36.11 -26.15 7.42
C SER F 30 34.84 -25.89 6.62
N SER F 31 34.33 -24.66 6.72
CA SER F 31 33.12 -24.22 6.02
C SER F 31 33.23 -24.26 4.49
N GLN F 32 34.37 -23.80 3.97
CA GLN F 32 34.62 -23.80 2.53
C GLN F 32 34.79 -25.19 1.91
N ARG F 33 35.22 -26.20 2.67
CA ARG F 33 35.15 -27.60 2.21
C ARG F 33 33.74 -28.24 2.37
N ASN F 34 33.06 -27.97 3.48
CA ASN F 34 31.73 -28.57 3.72
C ASN F 34 30.59 -27.90 2.94
N ASN F 35 30.62 -26.57 2.91
CA ASN F 35 29.49 -25.82 2.38
C ASN F 35 29.14 -26.04 0.92
N PRO F 36 30.13 -26.11 0.01
CA PRO F 36 29.82 -26.34 -1.42
C PRO F 36 28.90 -27.54 -1.75
N ALA F 37 29.26 -28.74 -1.28
CA ALA F 37 28.44 -29.94 -1.45
C ALA F 37 27.04 -29.85 -0.82
N ASN F 38 26.89 -29.04 0.22
CA ASN F 38 25.59 -28.86 0.85
C ASN F 38 24.82 -27.66 0.27
N GLY F 39 25.41 -27.05 -0.76
CA GLY F 39 24.87 -25.85 -1.43
C GLY F 39 24.63 -24.69 -0.47
N ILE F 40 25.41 -24.62 0.59
CA ILE F 40 25.33 -23.53 1.55
C ILE F 40 26.24 -22.37 1.10
N THR F 41 25.74 -21.15 1.24
CA THR F 41 26.52 -19.93 1.04
C THR F 41 26.25 -19.01 2.21
N GLY F 42 27.03 -17.94 2.33
CA GLY F 42 26.84 -16.98 3.41
C GLY F 42 28.11 -16.30 3.88
N LEU F 43 28.03 -15.68 5.05
CA LEU F 43 29.06 -14.78 5.54
C LEU F 43 29.13 -14.88 7.06
N LEU F 44 30.34 -14.93 7.61
CA LEU F 44 30.55 -14.96 9.05
C LEU F 44 31.31 -13.72 9.49
N CYS F 45 30.82 -13.09 10.56
CA CYS F 45 31.47 -11.96 11.19
C CYS F 45 31.88 -12.34 12.58
N TYR F 46 33.11 -11.96 12.94
CA TYR F 46 33.59 -12.10 14.31
C TYR F 46 33.94 -10.74 14.83
N SER F 47 33.27 -10.34 15.91
CA SER F 47 33.56 -9.11 16.61
C SER F 47 33.74 -9.49 18.07
N LYS F 48 34.99 -9.58 18.50
CA LYS F 48 35.35 -10.05 19.84
C LYS F 48 34.31 -9.67 20.90
N PRO F 49 33.71 -10.68 21.55
CA PRO F 49 33.95 -12.12 21.41
C PRO F 49 32.90 -12.89 20.60
N ALA F 50 32.08 -12.18 19.83
CA ALA F 50 30.86 -12.79 19.28
C ALA F 50 30.93 -13.05 17.79
N PHE F 51 30.16 -14.05 17.37
CA PHE F 51 30.02 -14.42 15.97
C PHE F 51 28.66 -13.95 15.46
N LEU F 52 28.63 -13.56 14.20
CA LEU F 52 27.39 -13.31 13.51
C LEU F 52 27.54 -13.98 12.16
N GLN F 53 26.73 -15.00 11.91
CA GLN F 53 26.72 -15.68 10.61
C GLN F 53 25.32 -15.64 9.95
N VAL F 54 25.28 -15.45 8.63
CA VAL F 54 24.12 -15.78 7.82
C VAL F 54 24.44 -17.06 6.99
N LEU F 55 23.49 -17.99 6.93
CA LEU F 55 23.59 -19.20 6.10
C LEU F 55 22.42 -19.17 5.13
N GLU F 56 22.65 -19.58 3.89
CA GLU F 56 21.61 -19.62 2.88
C GLU F 56 21.67 -20.97 2.23
N GLY F 57 20.53 -21.55 1.89
CA GLY F 57 20.52 -22.79 1.12
C GLY F 57 19.18 -23.49 1.29
N GLU F 58 19.11 -24.76 0.89
CA GLU F 58 17.93 -25.60 0.98
C GLU F 58 17.57 -25.71 2.48
N CYS F 59 16.28 -25.70 2.81
CA CYS F 59 15.87 -25.76 4.21
C CYS F 59 16.62 -26.86 4.98
N GLU F 60 16.59 -28.09 4.47
CA GLU F 60 17.16 -29.24 5.14
C GLU F 60 18.66 -29.06 5.40
N GLN F 61 19.37 -28.54 4.41
CA GLN F 61 20.82 -28.34 4.51
C GLN F 61 21.18 -27.24 5.47
N VAL F 62 20.47 -26.11 5.38
CA VAL F 62 20.61 -25.03 6.33
C VAL F 62 20.44 -25.56 7.76
N ASN F 63 19.39 -26.33 7.99
CA ASN F 63 19.15 -26.90 9.31
C ASN F 63 20.23 -27.87 9.74
N GLU F 64 20.63 -28.77 8.84
CA GLU F 64 21.72 -29.73 9.10
C GLU F 64 22.98 -28.99 9.45
N THR F 65 23.35 -27.99 8.65
CA THR F 65 24.56 -27.25 8.87
C THR F 65 24.51 -26.50 10.20
N TYR F 66 23.38 -25.83 10.47
CA TYR F 66 23.27 -25.04 11.68
C TYR F 66 23.41 -25.92 12.91
N HIS F 67 22.68 -27.05 12.92
CA HIS F 67 22.64 -27.90 14.08
C HIS F 67 23.98 -28.60 14.32
N ARG F 68 24.74 -28.81 13.25
CA ARG F 68 26.14 -29.26 13.36
C ARG F 68 27.04 -28.18 13.98
N ILE F 69 26.97 -26.95 13.45
CA ILE F 69 27.69 -25.79 13.99
C ILE F 69 27.48 -25.55 15.51
N VAL F 70 26.21 -25.64 15.95
CA VAL F 70 25.83 -25.52 17.36
C VAL F 70 26.69 -26.37 18.28
N GLN F 71 27.17 -27.51 17.78
CA GLN F 71 27.94 -28.48 18.56
C GLN F 71 29.43 -28.16 18.58
N ASP F 72 29.85 -27.14 17.83
CA ASP F 72 31.26 -26.77 17.81
C ASP F 72 31.66 -26.23 19.18
N GLU F 73 32.84 -26.62 19.64
CA GLU F 73 33.38 -26.22 20.93
C GLU F 73 33.88 -24.77 20.99
N ARG F 74 34.09 -24.15 19.83
CA ARG F 74 34.63 -22.79 19.76
C ARG F 74 33.62 -21.67 20.08
N HIS F 75 32.36 -22.05 20.31
CA HIS F 75 31.33 -21.08 20.75
C HIS F 75 30.19 -21.72 21.53
N HIS F 76 29.37 -20.88 22.17
CA HIS F 76 28.22 -21.33 22.94
C HIS F 76 27.10 -20.30 22.90
N SER F 77 25.97 -20.64 23.53
CA SER F 77 24.79 -19.78 23.58
C SER F 77 24.39 -19.23 22.20
N PRO F 78 24.13 -20.13 21.23
CA PRO F 78 23.71 -19.67 19.91
C PRO F 78 22.29 -19.12 19.98
N GLN F 79 22.08 -17.99 19.32
CA GLN F 79 20.76 -17.35 19.26
C GLN F 79 20.35 -17.17 17.81
N ILE F 80 19.27 -17.85 17.42
CA ILE F 80 18.74 -17.67 16.09
C ILE F 80 18.08 -16.29 16.09
N ILE F 81 18.43 -15.46 15.11
CA ILE F 81 17.94 -14.09 15.01
C ILE F 81 16.80 -14.09 14.02
N GLU F 82 16.96 -14.83 12.93
CA GLU F 82 15.93 -14.93 11.90
C GLU F 82 16.16 -16.25 11.16
N CYS F 83 15.09 -16.95 10.85
CA CYS F 83 15.13 -18.10 9.93
C CYS F 83 13.83 -18.06 9.15
N MET F 84 13.93 -18.01 7.82
CA MET F 84 12.74 -17.86 6.97
C MET F 84 13.03 -18.29 5.53
N PRO F 85 11.98 -18.61 4.75
CA PRO F 85 12.20 -18.83 3.33
C PRO F 85 12.60 -17.52 2.66
N ILE F 86 13.33 -17.60 1.55
CA ILE F 86 13.70 -16.40 0.80
C ILE F 86 13.41 -16.56 -0.70
N ARG F 87 13.25 -15.42 -1.36
CA ARG F 87 12.97 -15.37 -2.79
C ARG F 87 14.22 -15.72 -3.59
N ARG F 88 15.38 -15.29 -3.08
CA ARG F 88 16.65 -15.45 -3.78
C ARG F 88 17.80 -15.18 -2.83
N ARG F 89 18.99 -15.66 -3.18
CA ARG F 89 20.16 -15.54 -2.33
C ARG F 89 20.82 -14.18 -2.50
N ASN F 90 21.51 -13.71 -1.45
CA ASN F 90 22.31 -12.47 -1.55
C ASN F 90 23.81 -12.71 -1.44
N PHE F 91 24.18 -13.90 -0.91
CA PHE F 91 25.58 -14.22 -0.64
C PHE F 91 26.09 -15.36 -1.52
N GLU F 92 25.55 -15.45 -2.73
CA GLU F 92 25.72 -16.64 -3.56
C GLU F 92 27.13 -16.92 -4.09
N VAL F 93 27.98 -15.90 -4.21
CA VAL F 93 29.34 -16.14 -4.74
C VAL F 93 30.24 -16.80 -3.70
N TRP F 94 29.84 -16.70 -2.43
CA TRP F 94 30.66 -17.20 -1.33
C TRP F 94 30.09 -18.41 -0.64
N SER F 95 30.71 -19.57 -0.83
CA SER F 95 30.38 -20.76 -0.04
C SER F 95 30.47 -20.39 1.45
N MET F 96 31.55 -19.69 1.82
CA MET F 96 31.61 -18.93 3.06
C MET F 96 32.75 -17.90 2.97
N GLN F 97 32.54 -16.73 3.57
CA GLN F 97 33.61 -15.77 3.82
C GLN F 97 33.60 -15.46 5.31
N ALA F 98 34.75 -15.04 5.83
CA ALA F 98 34.85 -14.54 7.19
C ALA F 98 35.49 -13.14 7.18
N ILE F 99 34.83 -12.19 7.85
CA ILE F 99 35.36 -10.83 8.07
C ILE F 99 35.48 -10.67 9.57
N THR F 100 36.59 -10.13 10.04
CA THR F 100 36.72 -9.77 11.45
C THR F 100 36.48 -8.27 11.56
N VAL F 101 35.65 -7.89 12.51
CA VAL F 101 35.21 -6.50 12.69
C VAL F 101 35.53 -6.11 14.13
N ASN F 102 36.60 -5.33 14.31
CA ASN F 102 36.99 -4.89 15.65
C ASN F 102 37.42 -3.41 15.70
N ASP F 103 37.95 -3.01 16.90
CA ASP F 103 38.39 -1.63 17.12
C ASP F 103 39.56 -1.18 16.23
N LEU F 104 40.22 -2.16 15.54
CA LEU F 104 41.39 -1.90 14.64
C LEU F 104 41.00 -1.93 13.13
N SER F 105 39.67 -1.97 12.85
CA SER F 105 39.16 -2.09 11.47
C SER F 105 39.31 -0.82 10.65
N THR F 106 38.87 -0.85 9.39
CA THR F 106 38.78 0.33 8.53
C THR F 106 37.60 1.25 8.93
N GLU F 107 37.82 2.59 8.91
CA GLU F 107 36.80 3.61 9.26
C GLU F 107 35.46 3.41 8.54
N GLN F 108 35.51 3.05 7.25
CA GLN F 108 34.33 2.73 6.44
C GLN F 108 33.51 1.55 6.98
N VAL F 109 34.20 0.51 7.48
CA VAL F 109 33.53 -0.63 8.13
C VAL F 109 32.95 -0.21 9.50
N LYS F 110 33.75 0.56 10.26
CA LYS F 110 33.31 1.08 11.56
C LYS F 110 32.01 1.89 11.45
N THR F 111 31.92 2.71 10.40
CA THR F 111 30.79 3.58 10.10
C THR F 111 29.53 2.75 9.82
N LEU F 112 29.70 1.61 9.14
CA LEU F 112 28.64 0.64 8.91
C LEU F 112 28.16 0.02 10.20
N VAL F 113 29.08 -0.31 11.11
CA VAL F 113 28.62 -0.83 12.40
C VAL F 113 27.73 0.22 13.07
N LEU F 114 28.19 1.45 13.13
CA LEU F 114 27.44 2.54 13.77
C LEU F 114 26.07 2.78 13.13
N LYS F 115 25.97 2.64 11.81
CA LYS F 115 24.72 2.88 11.07
C LYS F 115 23.59 1.98 11.54
N TYR F 116 23.91 0.77 11.97
CA TYR F 116 22.83 -0.10 12.37
C TYR F 116 22.82 -0.43 13.85
N SER F 117 23.62 0.26 14.67
CA SER F 117 23.66 -0.08 16.09
C SER F 117 24.14 1.03 17.02
N GLY F 118 24.04 0.80 18.34
CA GLY F 118 24.30 1.83 19.34
C GLY F 118 25.74 2.21 19.58
N PHE F 119 26.66 1.43 19.04
CA PHE F 119 28.07 1.65 19.29
C PHE F 119 28.87 1.32 18.06
N THR F 120 30.18 1.52 18.19
CA THR F 120 31.16 1.25 17.15
C THR F 120 31.69 -0.19 17.16
N THR F 121 31.50 -0.90 18.26
CA THR F 121 31.75 -2.34 18.32
C THR F 121 30.50 -3.07 17.80
N LEU F 122 30.70 -4.14 17.05
CA LEU F 122 29.60 -4.92 16.53
C LEU F 122 29.03 -5.80 17.65
N ARG F 123 27.75 -5.61 17.96
CA ARG F 123 27.08 -6.34 19.03
C ARG F 123 25.73 -6.87 18.54
N PRO F 124 25.72 -8.06 17.90
CA PRO F 124 24.53 -8.63 17.30
C PRO F 124 23.32 -8.62 18.25
N SER F 125 23.52 -8.96 19.51
CA SER F 125 22.41 -9.04 20.47
C SER F 125 21.64 -7.72 20.60
N ALA F 126 22.25 -6.64 20.13
CA ALA F 126 21.69 -5.30 20.23
C ALA F 126 21.22 -4.78 18.88
N MET F 127 20.80 -5.71 18.02
CA MET F 127 20.34 -5.41 16.67
C MET F 127 19.16 -6.32 16.35
N ASP F 128 18.25 -5.85 15.51
CA ASP F 128 17.07 -6.63 15.11
C ASP F 128 17.39 -7.34 13.79
N PRO F 129 16.53 -8.29 13.35
CA PRO F 129 16.80 -9.06 12.14
C PRO F 129 17.13 -8.22 10.89
N GLU F 130 16.41 -7.11 10.73
CA GLU F 130 16.58 -6.23 9.58
C GLU F 130 17.92 -5.49 9.66
N GLN F 131 18.28 -5.02 10.85
CA GLN F 131 19.56 -4.38 11.09
C GLN F 131 20.71 -5.37 10.85
N CYS F 132 20.54 -6.61 11.30
CA CYS F 132 21.56 -7.66 11.07
C CYS F 132 21.80 -7.91 9.59
N LEU F 133 20.74 -8.22 8.85
CA LEU F 133 20.83 -8.50 7.42
C LEU F 133 21.40 -7.31 6.68
N ASN F 134 20.95 -6.11 7.01
CA ASN F 134 21.43 -4.89 6.35
C ASN F 134 22.89 -4.60 6.59
N PHE F 135 23.37 -4.79 7.81
CA PHE F 135 24.80 -4.68 8.10
C PHE F 135 25.59 -5.67 7.22
N LEU F 136 25.15 -6.92 7.21
CA LEU F 136 25.82 -7.97 6.47
C LEU F 136 25.80 -7.76 4.95
N LEU F 137 24.69 -7.24 4.44
CA LEU F 137 24.57 -6.89 3.04
C LEU F 137 25.51 -5.74 2.67
N ASP F 138 25.57 -4.68 3.49
CA ASP F 138 26.49 -3.57 3.21
C ASP F 138 27.96 -3.99 3.35
N ILE F 139 28.27 -4.71 4.44
CA ILE F 139 29.59 -5.30 4.65
C ILE F 139 30.08 -6.18 3.46
N ALA F 140 29.20 -7.01 2.93
CA ALA F 140 29.49 -7.83 1.77
C ALA F 140 29.72 -6.96 0.52
N LYS F 141 29.05 -5.81 0.48
CA LYS F 141 29.09 -4.91 -0.67
C LYS F 141 30.46 -4.22 -0.83
N ILE F 142 31.14 -3.98 0.28
CA ILE F 142 32.46 -3.38 0.24
C ILE F 142 33.59 -4.43 0.17
N TYR F 143 33.21 -5.69 -0.05
CA TYR F 143 34.15 -6.79 -0.26
C TYR F 143 33.97 -7.39 -1.66
N MET G 4 4.55 -31.68 -2.49
CA MET G 4 5.00 -30.53 -1.65
C MET G 4 3.93 -29.43 -1.61
N SER G 5 4.11 -28.38 -2.40
CA SER G 5 3.32 -27.16 -2.30
C SER G 5 1.83 -27.33 -2.65
N LEU G 6 0.96 -26.77 -1.83
CA LEU G 6 -0.47 -26.68 -2.13
C LEU G 6 -0.71 -25.79 -3.34
N TYR G 7 -1.46 -26.31 -4.30
CA TYR G 7 -1.68 -25.70 -5.64
C TYR G 7 -3.16 -25.70 -5.97
N ARG G 8 -3.54 -24.87 -6.91
CA ARG G 8 -4.88 -24.87 -7.49
C ARG G 8 -4.72 -24.71 -9.00
N LEU G 9 -5.40 -25.57 -9.74
CA LEU G 9 -5.48 -25.45 -11.19
C LEU G 9 -6.95 -25.29 -11.61
N ILE G 10 -7.21 -24.31 -12.46
CA ILE G 10 -8.54 -24.13 -13.10
C ILE G 10 -8.33 -24.39 -14.57
N TYR G 11 -9.24 -25.15 -15.19
CA TYR G 11 -9.17 -25.34 -16.63
C TYR G 11 -10.58 -25.46 -17.19
N SER G 12 -10.71 -25.24 -18.50
CA SER G 12 -11.94 -25.54 -19.19
C SER G 12 -11.66 -26.50 -20.34
N SER G 13 -12.71 -27.18 -20.79
CA SER G 13 -12.63 -28.10 -21.90
C SER G 13 -13.99 -28.13 -22.60
N GLN G 14 -14.01 -28.75 -23.77
CA GLN G 14 -15.21 -28.94 -24.57
C GLN G 14 -15.61 -30.40 -24.48
N GLY G 15 -16.76 -30.70 -23.88
CA GLY G 15 -17.28 -32.06 -23.91
C GLY G 15 -17.53 -32.50 -25.34
N ILE G 16 -17.31 -33.79 -25.62
CA ILE G 16 -17.69 -34.40 -26.90
C ILE G 16 -19.19 -34.23 -27.15
N PRO G 17 -19.60 -34.09 -28.44
CA PRO G 17 -20.99 -33.82 -28.83
C PRO G 17 -22.07 -34.68 -28.19
N ASN G 18 -21.88 -35.99 -28.14
CA ASN G 18 -22.97 -36.88 -27.70
C ASN G 18 -23.01 -37.21 -26.19
N LEU G 19 -22.46 -36.31 -25.37
CA LEU G 19 -22.42 -36.47 -23.90
C LEU G 19 -23.78 -36.68 -23.26
N GLN G 20 -24.03 -37.88 -22.76
CA GLN G 20 -25.32 -38.24 -22.15
C GLN G 20 -25.28 -38.04 -20.62
N PRO G 21 -26.45 -38.08 -19.94
CA PRO G 21 -26.50 -37.89 -18.46
C PRO G 21 -25.73 -38.95 -17.64
N GLN G 22 -25.64 -40.18 -18.14
CA GLN G 22 -24.84 -41.23 -17.53
C GLN G 22 -23.36 -40.88 -17.52
N ASP G 23 -22.90 -40.27 -18.62
CA ASP G 23 -21.50 -39.83 -18.74
C ASP G 23 -21.14 -38.84 -17.64
N LEU G 24 -22.02 -37.88 -17.39
CA LEU G 24 -21.78 -36.88 -16.34
C LEU G 24 -21.76 -37.54 -14.97
N LYS G 25 -22.58 -38.57 -14.79
CA LYS G 25 -22.63 -39.32 -13.53
C LYS G 25 -21.38 -40.15 -13.24
N ASP G 26 -20.88 -40.92 -14.21
CA ASP G 26 -19.64 -41.67 -13.94
C ASP G 26 -18.39 -40.81 -13.84
N ILE G 27 -18.39 -39.62 -14.46
CA ILE G 27 -17.29 -38.68 -14.21
C ILE G 27 -17.30 -38.31 -12.72
N LEU G 28 -18.48 -37.96 -12.20
CA LEU G 28 -18.62 -37.55 -10.79
C LEU G 28 -18.20 -38.70 -9.87
N GLU G 29 -18.64 -39.90 -10.19
CA GLU G 29 -18.34 -41.10 -9.40
C GLU G 29 -16.86 -41.47 -9.41
N SER G 30 -16.21 -41.34 -10.58
CA SER G 30 -14.76 -41.48 -10.66
C SER G 30 -14.02 -40.47 -9.79
N SER G 31 -14.35 -39.20 -9.90
CA SER G 31 -13.67 -38.20 -9.12
C SER G 31 -13.88 -38.37 -7.61
N GLN G 32 -15.07 -38.79 -7.21
CA GLN G 32 -15.36 -38.98 -5.80
C GLN G 32 -14.64 -40.19 -5.17
N ARG G 33 -14.36 -41.24 -5.96
CA ARG G 33 -13.56 -42.35 -5.46
C ARG G 33 -12.05 -42.10 -5.54
N ASN G 34 -11.58 -41.35 -6.54
CA ASN G 34 -10.13 -41.14 -6.73
C ASN G 34 -9.55 -39.98 -5.97
N ASN G 35 -10.29 -38.89 -5.92
CA ASN G 35 -9.80 -37.68 -5.29
C ASN G 35 -9.46 -37.79 -3.80
N PRO G 36 -10.32 -38.42 -2.98
CA PRO G 36 -9.99 -38.46 -1.55
C PRO G 36 -8.59 -39.03 -1.30
N ALA G 37 -8.25 -40.13 -1.96
CA ALA G 37 -6.96 -40.77 -1.81
C ALA G 37 -5.77 -39.91 -2.26
N ASN G 38 -5.98 -38.99 -3.19
CA ASN G 38 -4.90 -38.12 -3.69
C ASN G 38 -4.89 -36.72 -3.08
N GLY G 39 -5.78 -36.47 -2.12
CA GLY G 39 -5.89 -35.18 -1.44
C GLY G 39 -6.50 -34.07 -2.30
N ILE G 40 -7.17 -34.47 -3.37
CA ILE G 40 -7.70 -33.50 -4.31
C ILE G 40 -9.10 -33.11 -3.85
N THR G 41 -9.36 -31.80 -3.85
CA THR G 41 -10.70 -31.27 -3.70
C THR G 41 -11.01 -30.30 -4.86
N GLY G 42 -12.28 -29.91 -4.99
CA GLY G 42 -12.65 -29.04 -6.12
C GLY G 42 -14.12 -29.09 -6.50
N LEU G 43 -14.43 -28.53 -7.68
CA LEU G 43 -15.78 -28.40 -8.16
C LEU G 43 -15.75 -28.47 -9.70
N LEU G 44 -16.67 -29.24 -10.28
CA LEU G 44 -16.82 -29.35 -11.70
C LEU G 44 -18.13 -28.70 -12.09
N CYS G 45 -18.06 -27.84 -13.09
CA CYS G 45 -19.25 -27.22 -13.60
C CYS G 45 -19.40 -27.61 -15.05
N TYR G 46 -20.62 -27.91 -15.45
CA TYR G 46 -20.88 -28.32 -16.82
C TYR G 46 -21.99 -27.48 -17.43
N SER G 47 -21.63 -26.78 -18.50
CA SER G 47 -22.54 -25.88 -19.21
C SER G 47 -22.43 -26.20 -20.70
N LYS G 48 -23.37 -26.98 -21.23
CA LYS G 48 -23.31 -27.48 -22.60
C LYS G 48 -22.67 -26.50 -23.60
N PRO G 49 -21.60 -26.95 -24.30
CA PRO G 49 -20.90 -28.21 -24.13
C PRO G 49 -19.68 -28.13 -23.20
N ALA G 50 -19.39 -26.94 -22.68
CA ALA G 50 -18.18 -26.65 -21.91
C ALA G 50 -18.16 -27.25 -20.51
N PHE G 51 -16.96 -27.62 -20.06
CA PHE G 51 -16.67 -27.97 -18.69
C PHE G 51 -15.76 -26.90 -18.07
N LEU G 52 -15.93 -26.64 -16.78
CA LEU G 52 -15.06 -25.75 -16.02
C LEU G 52 -14.80 -26.47 -14.71
N GLN G 53 -13.52 -26.73 -14.38
CA GLN G 53 -13.14 -27.46 -13.15
C GLN G 53 -12.02 -26.73 -12.41
N VAL G 54 -12.15 -26.63 -11.09
CA VAL G 54 -11.04 -26.25 -10.21
C VAL G 54 -10.58 -27.46 -9.40
N LEU G 55 -9.25 -27.66 -9.33
CA LEU G 55 -8.65 -28.75 -8.61
C LEU G 55 -7.69 -28.14 -7.63
N GLU G 56 -7.74 -28.59 -6.37
CA GLU G 56 -6.84 -28.08 -5.32
C GLU G 56 -6.15 -29.33 -4.78
N GLY G 57 -4.88 -29.23 -4.42
CA GLY G 57 -4.14 -30.33 -3.79
C GLY G 57 -2.65 -30.07 -3.84
N GLU G 58 -1.87 -31.07 -3.42
CA GLU G 58 -0.42 -30.99 -3.54
C GLU G 58 -0.06 -30.88 -5.02
N CYS G 59 0.94 -30.05 -5.34
CA CYS G 59 1.37 -29.84 -6.72
C CYS G 59 1.47 -31.14 -7.52
N GLU G 60 2.21 -32.13 -7.02
CA GLU G 60 2.40 -33.38 -7.76
C GLU G 60 1.08 -34.11 -8.03
N GLN G 61 0.16 -34.03 -7.07
CA GLN G 61 -1.14 -34.74 -7.17
C GLN G 61 -2.09 -34.05 -8.11
N VAL G 62 -2.12 -32.73 -8.04
CA VAL G 62 -2.92 -31.91 -8.95
C VAL G 62 -2.42 -32.12 -10.38
N ASN G 63 -1.10 -32.09 -10.59
CA ASN G 63 -0.56 -32.42 -11.92
C ASN G 63 -0.88 -33.82 -12.41
N GLU G 64 -0.62 -34.83 -11.58
CA GLU G 64 -1.03 -36.21 -11.93
C GLU G 64 -2.52 -36.33 -12.27
N THR G 65 -3.39 -35.75 -11.45
CA THR G 65 -4.83 -35.77 -11.69
C THR G 65 -5.22 -35.03 -12.95
N TYR G 66 -4.73 -33.82 -13.09
CA TYR G 66 -4.98 -33.09 -14.29
C TYR G 66 -4.56 -33.81 -15.58
N HIS G 67 -3.36 -34.37 -15.60
CA HIS G 67 -2.87 -34.99 -16.84
C HIS G 67 -3.61 -36.30 -17.16
N ARG G 68 -4.26 -36.88 -16.14
CA ARG G 68 -5.14 -38.04 -16.29
C ARG G 68 -6.45 -37.54 -16.95
N ILE G 69 -7.12 -36.57 -16.33
CA ILE G 69 -8.30 -35.92 -16.92
C ILE G 69 -8.10 -35.53 -18.39
N VAL G 70 -6.93 -34.97 -18.72
CA VAL G 70 -6.61 -34.52 -20.09
C VAL G 70 -6.85 -35.63 -21.08
N GLN G 71 -6.49 -36.84 -20.68
CA GLN G 71 -6.60 -38.02 -21.56
C GLN G 71 -8.01 -38.62 -21.65
N ASP G 72 -9.00 -37.99 -21.03
CA ASP G 72 -10.33 -38.54 -21.02
C ASP G 72 -11.01 -38.31 -22.35
N GLU G 73 -11.60 -39.39 -22.86
CA GLU G 73 -12.22 -39.40 -24.18
C GLU G 73 -13.48 -38.54 -24.26
N ARG G 74 -14.02 -38.10 -23.12
CA ARG G 74 -15.32 -37.39 -23.08
C ARG G 74 -15.24 -35.89 -23.31
N HIS G 75 -14.03 -35.39 -23.41
CA HIS G 75 -13.85 -33.98 -23.71
C HIS G 75 -12.58 -33.80 -24.50
N HIS G 76 -12.34 -32.58 -24.98
CA HIS G 76 -11.18 -32.31 -25.81
C HIS G 76 -10.79 -30.86 -25.68
N SER G 77 -9.60 -30.53 -26.19
CA SER G 77 -9.12 -29.17 -26.23
C SER G 77 -9.09 -28.51 -24.87
N PRO G 78 -8.37 -29.11 -23.90
CA PRO G 78 -8.37 -28.52 -22.59
C PRO G 78 -7.59 -27.22 -22.60
N GLN G 79 -8.09 -26.23 -21.87
CA GLN G 79 -7.47 -24.92 -21.77
C GLN G 79 -7.18 -24.69 -20.32
N ILE G 80 -5.90 -24.67 -19.95
CA ILE G 80 -5.54 -24.30 -18.59
C ILE G 80 -5.74 -22.80 -18.51
N ILE G 81 -6.46 -22.38 -17.47
CA ILE G 81 -6.87 -21.01 -17.22
C ILE G 81 -5.99 -20.41 -16.15
N GLU G 82 -5.72 -21.18 -15.11
CA GLU G 82 -4.81 -20.73 -14.08
C GLU G 82 -4.19 -21.97 -13.45
N CYS G 83 -2.89 -21.90 -13.11
CA CYS G 83 -2.25 -22.90 -12.24
C CYS G 83 -1.22 -22.18 -11.38
N MET G 84 -1.41 -22.19 -10.07
CA MET G 84 -0.52 -21.45 -9.19
C MET G 84 -0.50 -22.08 -7.80
N PRO G 85 0.56 -21.80 -7.02
CA PRO G 85 0.48 -22.20 -5.60
C PRO G 85 -0.57 -21.35 -4.88
N ILE G 86 -1.19 -21.89 -3.84
CA ILE G 86 -2.17 -21.12 -3.05
C ILE G 86 -1.88 -21.15 -1.55
N ARG G 87 -2.37 -20.15 -0.81
CA ARG G 87 -2.17 -20.05 0.63
C ARG G 87 -3.02 -21.03 1.43
N ARG G 88 -4.21 -21.35 0.94
CA ARG G 88 -5.12 -22.27 1.61
C ARG G 88 -6.19 -22.68 0.61
N ARG G 89 -6.85 -23.81 0.88
CA ARG G 89 -7.95 -24.24 0.03
C ARG G 89 -9.25 -23.45 0.27
N ASN G 90 -10.11 -23.42 -0.75
CA ASN G 90 -11.49 -22.92 -0.65
C ASN G 90 -12.57 -24.03 -0.81
N PHE G 91 -12.21 -25.15 -1.47
CA PHE G 91 -13.18 -26.23 -1.73
C PHE G 91 -12.86 -27.48 -0.91
N GLU G 92 -12.14 -27.29 0.17
CA GLU G 92 -11.69 -28.39 1.04
C GLU G 92 -12.77 -29.40 1.52
N VAL G 93 -14.06 -29.03 1.47
CA VAL G 93 -15.11 -29.95 1.97
C VAL G 93 -15.66 -30.89 0.89
N TRP G 94 -15.19 -30.74 -0.34
CA TRP G 94 -15.72 -31.53 -1.44
C TRP G 94 -14.60 -32.16 -2.20
N SER G 95 -14.53 -33.49 -2.17
CA SER G 95 -13.54 -34.21 -2.97
C SER G 95 -13.79 -33.94 -4.45
N MET G 96 -15.06 -33.91 -4.83
CA MET G 96 -15.52 -33.31 -6.08
C MET G 96 -17.04 -33.12 -6.01
N GLN G 97 -17.49 -31.94 -6.41
CA GLN G 97 -18.89 -31.56 -6.46
C GLN G 97 -19.15 -31.23 -7.92
N ALA G 98 -20.35 -31.51 -8.42
CA ALA G 98 -20.67 -31.15 -9.78
C ALA G 98 -21.95 -30.33 -9.87
N ILE G 99 -21.94 -29.33 -10.75
CA ILE G 99 -23.10 -28.48 -10.97
C ILE G 99 -23.34 -28.42 -12.46
N THR G 100 -24.60 -28.51 -12.89
CA THR G 100 -24.91 -28.21 -14.29
C THR G 100 -25.59 -26.85 -14.37
N VAL G 101 -25.16 -26.02 -15.31
CA VAL G 101 -25.66 -24.67 -15.49
C VAL G 101 -26.27 -24.56 -16.90
N ASN G 102 -27.59 -24.45 -16.98
CA ASN G 102 -28.26 -24.47 -18.28
C ASN G 102 -29.59 -23.72 -18.28
N ASP G 103 -30.45 -24.01 -19.26
CA ASP G 103 -31.73 -23.31 -19.40
C ASP G 103 -32.76 -23.71 -18.31
N LEU G 104 -32.52 -24.84 -17.65
CA LEU G 104 -33.39 -25.29 -16.55
C LEU G 104 -32.88 -24.86 -15.18
N SER G 105 -31.74 -24.15 -15.16
CA SER G 105 -31.20 -23.56 -13.95
C SER G 105 -32.07 -22.40 -13.44
N THR G 106 -32.04 -22.19 -12.14
CA THR G 106 -32.82 -21.13 -11.49
C THR G 106 -32.32 -19.76 -11.90
N GLU G 107 -33.19 -18.74 -11.80
CA GLU G 107 -32.80 -17.35 -12.01
C GLU G 107 -31.62 -16.94 -11.12
N GLN G 108 -31.50 -17.57 -9.96
CA GLN G 108 -30.38 -17.31 -9.05
C GLN G 108 -29.05 -17.71 -9.68
N VAL G 109 -29.01 -18.85 -10.37
CA VAL G 109 -27.80 -19.32 -11.03
C VAL G 109 -27.54 -18.51 -12.29
N LYS G 110 -28.56 -18.36 -13.13
CA LYS G 110 -28.46 -17.59 -14.36
C LYS G 110 -27.94 -16.19 -14.09
N THR G 111 -28.39 -15.61 -12.97
CA THR G 111 -27.97 -14.28 -12.52
C THR G 111 -26.50 -14.26 -12.10
N LEU G 112 -26.04 -15.32 -11.44
CA LEU G 112 -24.64 -15.48 -11.07
C LEU G 112 -23.72 -15.62 -12.27
N VAL G 113 -24.21 -16.29 -13.31
CA VAL G 113 -23.42 -16.45 -14.53
C VAL G 113 -23.30 -15.08 -15.18
N LEU G 114 -24.37 -14.30 -15.09
CA LEU G 114 -24.38 -13.00 -15.70
C LEU G 114 -23.43 -12.03 -14.96
N LYS G 115 -23.37 -12.14 -13.64
CA LYS G 115 -22.55 -11.27 -12.79
C LYS G 115 -21.07 -11.35 -13.16
N TYR G 116 -20.64 -12.51 -13.66
CA TYR G 116 -19.26 -12.74 -13.99
C TYR G 116 -18.96 -12.89 -15.47
N SER G 117 -19.92 -12.55 -16.33
CA SER G 117 -19.65 -12.75 -17.73
C SER G 117 -20.66 -12.09 -18.67
N GLY G 118 -20.40 -12.24 -19.97
CA GLY G 118 -21.17 -11.60 -20.99
C GLY G 118 -22.60 -12.03 -21.20
N PHE G 119 -22.96 -13.23 -20.76
CA PHE G 119 -24.29 -13.80 -20.99
C PHE G 119 -24.79 -14.71 -19.85
N THR G 120 -26.02 -15.20 -19.99
CA THR G 120 -26.66 -16.08 -19.02
C THR G 120 -26.15 -17.53 -19.11
N THR G 121 -25.45 -17.85 -20.20
CA THR G 121 -24.90 -19.18 -20.36
C THR G 121 -23.40 -19.12 -20.05
N LEU G 122 -22.89 -20.11 -19.35
CA LEU G 122 -21.51 -20.05 -18.89
C LEU G 122 -20.59 -20.33 -20.07
N ARG G 123 -19.60 -19.46 -20.27
CA ARG G 123 -18.59 -19.61 -21.31
C ARG G 123 -17.23 -19.30 -20.70
N PRO G 124 -16.53 -20.33 -20.19
CA PRO G 124 -15.22 -20.12 -19.57
C PRO G 124 -14.22 -19.33 -20.46
N SER G 125 -14.26 -19.57 -21.77
CA SER G 125 -13.34 -18.91 -22.69
C SER G 125 -13.49 -17.38 -22.67
N ALA G 126 -14.56 -16.89 -22.06
CA ALA G 126 -14.84 -15.46 -22.01
C ALA G 126 -14.69 -14.86 -20.61
N MET G 127 -14.06 -15.62 -19.71
CA MET G 127 -13.86 -15.19 -18.33
C MET G 127 -12.38 -15.19 -18.01
N ASP G 128 -11.92 -14.28 -17.15
CA ASP G 128 -10.55 -14.35 -16.69
C ASP G 128 -10.40 -15.28 -15.44
N PRO G 129 -9.15 -15.56 -14.99
CA PRO G 129 -9.01 -16.42 -13.80
C PRO G 129 -9.78 -15.98 -12.53
N GLU G 130 -9.75 -14.69 -12.21
CA GLU G 130 -10.45 -14.18 -11.04
C GLU G 130 -11.97 -14.31 -11.23
N GLN G 131 -12.44 -14.14 -12.45
CA GLN G 131 -13.87 -14.30 -12.75
C GLN G 131 -14.31 -15.75 -12.62
N CYS G 132 -13.48 -16.68 -13.13
CA CYS G 132 -13.76 -18.11 -13.03
C CYS G 132 -13.82 -18.60 -11.58
N LEU G 133 -12.82 -18.19 -10.79
CA LEU G 133 -12.72 -18.59 -9.39
C LEU G 133 -13.87 -18.04 -8.58
N ASN G 134 -14.22 -16.79 -8.84
CA ASN G 134 -15.27 -16.13 -8.08
C ASN G 134 -16.65 -16.69 -8.44
N PHE G 135 -16.91 -16.93 -9.72
CA PHE G 135 -18.11 -17.66 -10.12
C PHE G 135 -18.20 -18.98 -9.35
N LEU G 136 -17.10 -19.72 -9.31
CA LEU G 136 -17.08 -21.04 -8.70
C LEU G 136 -17.23 -20.99 -7.18
N LEU G 137 -16.56 -20.04 -6.55
CA LEU G 137 -16.74 -19.79 -5.12
C LEU G 137 -18.17 -19.37 -4.79
N ASP G 138 -18.74 -18.43 -5.54
CA ASP G 138 -20.14 -18.00 -5.33
C ASP G 138 -21.17 -19.11 -5.56
N ILE G 139 -21.01 -19.91 -6.62
CA ILE G 139 -21.94 -21.02 -6.87
C ILE G 139 -21.85 -22.14 -5.83
N ALA G 140 -20.66 -22.34 -5.26
CA ALA G 140 -20.48 -23.27 -4.13
C ALA G 140 -21.18 -22.73 -2.88
N LYS G 141 -21.36 -21.40 -2.85
CA LYS G 141 -22.16 -20.72 -1.83
C LYS G 141 -23.62 -20.64 -2.31
N ILE G 142 -24.04 -21.66 -3.05
CA ILE G 142 -25.36 -21.78 -3.73
C ILE G 142 -25.86 -20.49 -4.38
N MET H 4 -7.13 -16.30 -26.89
CA MET H 4 -7.22 -14.83 -27.17
C MET H 4 -6.25 -13.96 -26.34
N SER H 5 -6.22 -14.16 -25.01
CA SER H 5 -5.43 -13.33 -24.11
C SER H 5 -3.98 -13.81 -23.98
N LEU H 6 -3.05 -12.90 -23.71
CA LEU H 6 -1.62 -13.20 -23.61
C LEU H 6 -1.34 -13.98 -22.31
N TYR H 7 -0.74 -15.17 -22.47
CA TYR H 7 -0.45 -16.12 -21.39
C TYR H 7 1.02 -16.52 -21.27
N ARG H 8 1.40 -16.99 -20.09
CA ARG H 8 2.68 -17.70 -19.92
C ARG H 8 2.45 -19.01 -19.20
N LEU H 9 3.09 -20.07 -19.68
CA LEU H 9 3.05 -21.33 -18.95
C LEU H 9 4.50 -21.79 -18.66
N ILE H 10 4.78 -22.09 -17.40
CA ILE H 10 6.05 -22.68 -17.05
C ILE H 10 5.80 -24.10 -16.57
N TYR H 11 6.59 -25.04 -17.06
CA TYR H 11 6.42 -26.43 -16.61
C TYR H 11 7.77 -27.13 -16.56
N SER H 12 7.85 -28.22 -15.79
CA SER H 12 9.05 -29.05 -15.77
C SER H 12 8.69 -30.48 -16.14
N SER H 13 9.68 -31.26 -16.56
CA SER H 13 9.42 -32.67 -16.89
C SER H 13 10.65 -33.50 -16.65
N GLN H 14 10.49 -34.81 -16.66
CA GLN H 14 11.66 -35.69 -16.59
C GLN H 14 11.95 -36.27 -17.97
N GLY H 15 13.11 -35.94 -18.52
CA GLY H 15 13.59 -36.54 -19.77
C GLY H 15 13.86 -38.02 -19.59
N ILE H 16 13.74 -38.78 -20.67
CA ILE H 16 14.07 -40.20 -20.60
C ILE H 16 15.56 -40.36 -20.32
N PRO H 17 15.97 -41.48 -19.67
CA PRO H 17 17.42 -41.65 -19.45
C PRO H 17 18.24 -41.68 -20.76
N ASN H 18 17.57 -41.95 -21.88
CA ASN H 18 18.22 -42.20 -23.18
C ASN H 18 18.53 -40.94 -24.00
N LEU H 19 18.54 -39.78 -23.36
CA LEU H 19 18.69 -38.51 -24.07
C LEU H 19 20.12 -38.17 -24.47
N GLN H 20 20.33 -38.07 -25.78
CA GLN H 20 21.64 -37.83 -26.37
C GLN H 20 21.72 -36.43 -27.00
N PRO H 21 22.89 -36.09 -27.59
CA PRO H 21 23.03 -34.81 -28.29
C PRO H 21 21.93 -34.57 -29.33
N GLN H 22 21.61 -35.60 -30.11
CA GLN H 22 20.69 -35.45 -31.24
C GLN H 22 19.22 -35.22 -30.90
N ASP H 23 18.77 -35.80 -29.77
CA ASP H 23 17.38 -35.68 -29.34
C ASP H 23 17.05 -34.26 -28.94
N LEU H 24 17.99 -33.60 -28.24
CA LEU H 24 17.81 -32.20 -27.85
C LEU H 24 17.74 -31.27 -29.06
N LYS H 25 18.65 -31.51 -30.02
CA LYS H 25 18.71 -30.74 -31.25
C LYS H 25 17.47 -30.93 -32.10
N ASP H 26 16.87 -32.12 -31.99
CA ASP H 26 15.64 -32.43 -32.69
C ASP H 26 14.47 -31.69 -32.04
N ILE H 27 14.47 -31.61 -30.71
CA ILE H 27 13.48 -30.79 -30.00
C ILE H 27 13.60 -29.31 -30.40
N LEU H 28 14.83 -28.78 -30.43
CA LEU H 28 15.04 -27.38 -30.81
C LEU H 28 14.47 -27.14 -32.21
N GLU H 29 14.88 -27.98 -33.15
CA GLU H 29 14.45 -27.89 -34.54
C GLU H 29 12.94 -27.93 -34.73
N SER H 30 12.25 -28.88 -34.11
CA SER H 30 10.79 -28.93 -34.16
C SER H 30 10.14 -27.66 -33.61
N SER H 31 10.56 -27.25 -32.41
CA SER H 31 10.03 -26.05 -31.75
C SER H 31 10.25 -24.77 -32.55
N GLN H 32 11.44 -24.60 -33.12
CA GLN H 32 11.77 -23.43 -33.95
C GLN H 32 10.99 -23.43 -35.25
N ARG H 33 10.53 -24.61 -35.69
CA ARG H 33 9.72 -24.69 -36.90
C ARG H 33 8.22 -24.45 -36.65
N ASN H 34 7.71 -24.92 -35.50
CA ASN H 34 6.27 -24.84 -35.20
C ASN H 34 5.92 -23.54 -34.45
N ASN H 35 6.69 -23.21 -33.44
CA ASN H 35 6.44 -22.03 -32.63
C ASN H 35 6.12 -20.72 -33.39
N PRO H 36 6.94 -20.31 -34.38
CA PRO H 36 6.66 -19.05 -35.10
C PRO H 36 5.22 -18.81 -35.60
N ALA H 37 4.69 -19.73 -36.40
CA ALA H 37 3.31 -19.67 -36.89
C ALA H 37 2.27 -19.59 -35.77
N ASN H 38 2.59 -20.11 -34.59
CA ASN H 38 1.62 -20.10 -33.49
C ASN H 38 1.84 -18.95 -32.51
N GLY H 39 2.74 -18.01 -32.81
CA GLY H 39 3.04 -16.85 -31.93
C GLY H 39 3.73 -17.19 -30.60
N ILE H 40 4.23 -18.41 -30.51
CA ILE H 40 4.82 -18.93 -29.28
C ILE H 40 6.26 -18.48 -29.16
N THR H 41 6.63 -17.94 -28.01
CA THR H 41 8.05 -17.70 -27.74
C THR H 41 8.42 -18.36 -26.43
N GLY H 42 9.71 -18.50 -26.16
CA GLY H 42 10.13 -18.99 -24.85
C GLY H 42 11.55 -19.51 -24.81
N LEU H 43 11.80 -20.38 -23.83
CA LEU H 43 13.14 -20.85 -23.59
C LEU H 43 13.03 -22.23 -22.93
N LEU H 44 13.83 -23.17 -23.43
CA LEU H 44 13.95 -24.49 -22.83
C LEU H 44 15.30 -24.62 -22.13
N CYS H 45 15.31 -25.17 -20.92
CA CYS H 45 16.57 -25.55 -20.25
C CYS H 45 16.61 -27.05 -19.98
N TYR H 46 17.77 -27.66 -20.20
CA TYR H 46 18.00 -29.08 -19.90
C TYR H 46 19.09 -29.26 -18.85
N SER H 47 18.70 -29.81 -17.71
CA SER H 47 19.62 -30.16 -16.64
C SER H 47 19.46 -31.65 -16.32
N LYS H 48 20.22 -32.51 -16.99
CA LYS H 48 20.03 -33.97 -16.90
C LYS H 48 19.62 -34.37 -15.48
N PRO H 49 18.48 -35.06 -15.34
CA PRO H 49 17.55 -35.51 -16.39
C PRO H 49 16.38 -34.57 -16.71
N ALA H 50 16.29 -33.45 -16.00
CA ALA H 50 15.11 -32.57 -16.02
C ALA H 50 15.07 -31.59 -17.19
N PHE H 51 13.85 -31.24 -17.61
CA PHE H 51 13.58 -30.14 -18.52
C PHE H 51 12.86 -29.05 -17.72
N LEU H 52 13.24 -27.79 -17.94
CA LEU H 52 12.43 -26.64 -17.52
C LEU H 52 12.16 -25.85 -18.77
N GLN H 53 10.89 -25.60 -19.09
CA GLN H 53 10.55 -24.76 -20.23
C GLN H 53 9.52 -23.69 -19.89
N VAL H 54 9.66 -22.52 -20.51
CA VAL H 54 8.67 -21.45 -20.45
C VAL H 54 8.10 -21.23 -21.86
N LEU H 55 6.77 -21.11 -21.96
CA LEU H 55 6.06 -20.81 -23.23
C LEU H 55 5.21 -19.54 -23.01
N GLU H 56 5.30 -18.59 -23.93
CA GLU H 56 4.46 -17.41 -23.95
C GLU H 56 3.67 -17.36 -25.26
N GLY H 57 2.48 -16.76 -25.23
CA GLY H 57 1.64 -16.66 -26.42
C GLY H 57 0.17 -16.51 -26.05
N GLU H 58 -0.69 -16.51 -27.06
CA GLU H 58 -2.13 -16.51 -26.89
C GLU H 58 -2.54 -17.76 -26.12
N CYS H 59 -3.50 -17.62 -25.20
CA CYS H 59 -3.94 -18.73 -24.33
C CYS H 59 -4.18 -20.01 -25.12
N GLU H 60 -4.99 -19.92 -26.19
CA GLU H 60 -5.32 -21.10 -27.01
C GLU H 60 -4.03 -21.77 -27.56
N GLN H 61 -3.06 -20.94 -27.98
CA GLN H 61 -1.81 -21.42 -28.59
C GLN H 61 -0.91 -22.07 -27.57
N VAL H 62 -0.75 -21.39 -26.44
CA VAL H 62 0.04 -21.88 -25.33
C VAL H 62 -0.46 -23.28 -24.91
N ASN H 63 -1.75 -23.38 -24.67
CA ASN H 63 -2.38 -24.63 -24.35
C ASN H 63 -2.21 -25.67 -25.45
N GLU H 64 -2.38 -25.28 -26.72
CA GLU H 64 -2.30 -26.22 -27.84
C GLU H 64 -0.86 -26.79 -27.83
N THR H 65 0.12 -25.91 -27.71
CA THR H 65 1.52 -26.32 -27.72
C THR H 65 1.87 -27.20 -26.51
N TYR H 66 1.43 -26.82 -25.33
CA TYR H 66 1.74 -27.57 -24.12
C TYR H 66 1.19 -28.99 -24.19
N HIS H 67 -0.08 -29.14 -24.55
CA HIS H 67 -0.73 -30.45 -24.52
C HIS H 67 -0.15 -31.34 -25.61
N ARG H 68 0.38 -30.71 -26.66
CA ARG H 68 1.13 -31.46 -27.67
C ARG H 68 2.47 -31.92 -27.11
N ILE H 69 3.17 -31.05 -26.38
CA ILE H 69 4.48 -31.38 -25.81
C ILE H 69 4.37 -32.56 -24.82
N VAL H 70 3.28 -32.59 -24.06
CA VAL H 70 3.01 -33.65 -23.09
C VAL H 70 2.90 -35.03 -23.72
N GLN H 71 2.59 -35.07 -25.01
CA GLN H 71 2.55 -36.36 -25.72
C GLN H 71 3.94 -36.83 -26.16
N ASP H 72 4.98 -35.99 -25.99
CA ASP H 72 6.34 -36.38 -26.44
C ASP H 72 6.92 -37.52 -25.62
N GLU H 73 7.30 -38.59 -26.31
CA GLU H 73 7.88 -39.76 -25.67
C GLU H 73 9.29 -39.51 -25.12
N ARG H 74 9.85 -38.32 -25.35
CA ARG H 74 11.21 -38.04 -24.89
C ARG H 74 11.26 -37.56 -23.46
N HIS H 75 10.09 -37.39 -22.85
CA HIS H 75 9.98 -37.04 -21.44
C HIS H 75 8.69 -37.54 -20.82
N HIS H 76 8.56 -37.43 -19.51
CA HIS H 76 7.33 -37.81 -18.81
C HIS H 76 7.17 -37.09 -17.48
N SER H 77 6.03 -37.32 -16.82
CA SER H 77 5.67 -36.72 -15.54
C SER H 77 5.74 -35.19 -15.59
N PRO H 78 5.00 -34.57 -16.53
CA PRO H 78 5.09 -33.10 -16.67
C PRO H 78 4.47 -32.45 -15.44
N GLN H 79 5.05 -31.34 -15.00
CA GLN H 79 4.54 -30.69 -13.80
C GLN H 79 4.36 -29.25 -14.17
N ILE H 80 3.10 -28.79 -14.31
CA ILE H 80 2.85 -27.35 -14.54
C ILE H 80 3.27 -26.62 -13.27
N ILE H 81 4.15 -25.64 -13.42
CA ILE H 81 4.67 -24.81 -12.32
C ILE H 81 3.87 -23.50 -12.13
N GLU H 82 3.55 -22.86 -13.23
CA GLU H 82 2.67 -21.71 -13.24
C GLU H 82 1.99 -21.64 -14.58
N CYS H 83 0.72 -21.22 -14.60
CA CYS H 83 0.07 -20.82 -15.85
C CYS H 83 -0.85 -19.66 -15.56
N MET H 84 -0.68 -18.55 -16.28
CA MET H 84 -1.39 -17.30 -15.91
C MET H 84 -1.34 -16.26 -17.04
N PRO H 85 -2.31 -15.33 -17.08
CA PRO H 85 -2.18 -14.24 -18.02
C PRO H 85 -1.03 -13.30 -17.62
N ILE H 86 -0.36 -12.72 -18.62
CA ILE H 86 0.75 -11.79 -18.35
C ILE H 86 0.52 -10.44 -18.97
N ARG H 87 1.11 -9.41 -18.36
CA ARG H 87 1.08 -8.02 -18.83
C ARG H 87 1.80 -7.89 -20.18
N ARG H 88 2.87 -8.68 -20.35
CA ARG H 88 3.70 -8.65 -21.55
C ARG H 88 4.76 -9.76 -21.55
N ARG H 89 5.34 -10.00 -22.72
CA ARG H 89 6.31 -11.07 -22.87
C ARG H 89 7.71 -10.70 -22.38
N ASN H 90 8.46 -11.70 -21.93
CA ASN H 90 9.90 -11.48 -21.65
C ASN H 90 10.86 -12.24 -22.56
N PHE H 91 10.33 -13.18 -23.33
CA PHE H 91 11.16 -14.01 -24.20
C PHE H 91 10.84 -13.77 -25.67
N GLU H 92 10.34 -12.59 -25.96
CA GLU H 92 9.80 -12.27 -27.27
C GLU H 92 10.76 -12.44 -28.46
N VAL H 93 12.06 -12.54 -28.20
CA VAL H 93 13.00 -12.65 -29.30
C VAL H 93 13.21 -14.08 -29.83
N TRP H 94 12.94 -15.10 -29.02
CA TRP H 94 13.16 -16.47 -29.45
C TRP H 94 11.87 -17.24 -29.60
N SER H 95 11.62 -17.79 -30.80
CA SER H 95 10.51 -18.70 -30.97
C SER H 95 10.75 -19.92 -30.07
N MET H 96 12.03 -20.32 -29.98
CA MET H 96 12.50 -21.16 -28.88
C MET H 96 14.04 -21.15 -28.89
N GLN H 97 14.63 -21.37 -27.72
CA GLN H 97 16.08 -21.51 -27.58
C GLN H 97 16.25 -22.61 -26.55
N ALA H 98 17.40 -23.27 -26.57
CA ALA H 98 17.64 -24.38 -25.67
C ALA H 98 19.00 -24.29 -25.00
N ILE H 99 19.02 -24.25 -23.67
CA ILE H 99 20.27 -24.18 -22.92
C ILE H 99 20.46 -25.49 -22.16
N THR H 100 21.69 -26.02 -22.12
CA THR H 100 21.95 -27.11 -21.18
C THR H 100 22.68 -26.56 -19.96
N VAL H 101 22.17 -26.91 -18.78
CA VAL H 101 22.74 -26.48 -17.51
C VAL H 101 23.14 -27.74 -16.76
N ASN H 102 24.45 -27.92 -16.53
CA ASN H 102 24.96 -29.09 -15.83
C ASN H 102 26.27 -28.84 -15.07
N ASP H 103 26.96 -29.93 -14.76
CA ASP H 103 28.26 -29.94 -14.08
C ASP H 103 29.38 -29.21 -14.83
N LEU H 104 29.37 -29.33 -16.15
CA LEU H 104 30.37 -28.68 -17.00
C LEU H 104 30.05 -27.21 -17.35
N SER H 105 28.91 -26.70 -16.88
CA SER H 105 28.54 -25.30 -17.11
C SER H 105 29.45 -24.28 -16.40
N THR H 106 29.55 -23.10 -17.00
CA THR H 106 30.30 -21.96 -16.50
C THR H 106 30.03 -21.64 -15.02
N GLU H 107 31.08 -21.20 -14.31
CA GLU H 107 30.95 -20.72 -12.94
C GLU H 107 29.84 -19.65 -12.78
N GLN H 108 29.73 -18.74 -13.74
CA GLN H 108 28.68 -17.73 -13.76
C GLN H 108 27.28 -18.36 -13.80
N VAL H 109 27.09 -19.38 -14.64
CA VAL H 109 25.80 -20.04 -14.81
C VAL H 109 25.50 -20.81 -13.53
N LYS H 110 26.51 -21.52 -13.02
CA LYS H 110 26.36 -22.26 -11.79
C LYS H 110 25.88 -21.33 -10.66
N THR H 111 26.54 -20.18 -10.54
CA THR H 111 26.25 -19.21 -9.48
C THR H 111 24.83 -18.67 -9.60
N LEU H 112 24.38 -18.51 -10.83
CA LEU H 112 23.00 -18.12 -11.12
C LEU H 112 22.00 -19.18 -10.66
N VAL H 113 22.24 -20.44 -11.00
CA VAL H 113 21.41 -21.54 -10.53
C VAL H 113 21.30 -21.50 -8.99
N LEU H 114 22.43 -21.30 -8.31
CA LEU H 114 22.49 -21.21 -6.86
C LEU H 114 21.73 -19.98 -6.31
N LYS H 115 21.66 -18.92 -7.10
CA LYS H 115 20.96 -17.69 -6.70
C LYS H 115 19.47 -17.92 -6.41
N TYR H 116 18.86 -18.80 -7.20
CA TYR H 116 17.42 -19.06 -7.08
C TYR H 116 17.07 -20.49 -6.63
N SER H 117 18.04 -21.22 -6.08
CA SER H 117 17.77 -22.59 -5.62
C SER H 117 18.76 -23.10 -4.59
N GLY H 118 18.51 -24.31 -4.11
CA GLY H 118 19.31 -24.91 -3.06
C GLY H 118 20.68 -25.41 -3.47
N PHE H 119 20.88 -25.64 -4.76
CA PHE H 119 22.13 -26.24 -5.21
C PHE H 119 22.65 -25.62 -6.48
N THR H 120 23.80 -26.10 -6.92
CA THR H 120 24.49 -25.55 -8.06
C THR H 120 24.06 -26.28 -9.34
N THR H 121 23.30 -27.37 -9.15
CA THR H 121 22.65 -28.11 -10.25
C THR H 121 21.15 -27.75 -10.28
N LEU H 122 20.64 -27.44 -11.47
CA LEU H 122 19.26 -26.98 -11.60
C LEU H 122 18.29 -28.12 -11.31
N ARG H 123 17.48 -27.94 -10.28
CA ARG H 123 16.39 -28.89 -9.98
C ARG H 123 15.07 -28.12 -9.87
N PRO H 124 14.28 -28.09 -10.97
CA PRO H 124 13.06 -27.30 -11.12
C PRO H 124 11.97 -27.62 -10.10
N SER H 125 12.00 -28.82 -9.54
CA SER H 125 10.96 -29.20 -8.60
C SER H 125 11.22 -28.66 -7.19
N ALA H 126 12.36 -28.00 -7.01
CA ALA H 126 12.68 -27.31 -5.76
C ALA H 126 12.74 -25.78 -5.90
N MET H 127 12.01 -25.26 -6.90
CA MET H 127 11.90 -23.81 -7.12
C MET H 127 10.42 -23.43 -7.23
N ASP H 128 10.06 -22.24 -6.73
CA ASP H 128 8.71 -21.76 -6.88
C ASP H 128 8.59 -21.02 -8.23
N PRO H 129 7.37 -20.64 -8.66
CA PRO H 129 7.22 -19.96 -9.92
C PRO H 129 8.07 -18.70 -10.09
N GLU H 130 8.19 -17.88 -9.06
CA GLU H 130 9.03 -16.67 -9.14
C GLU H 130 10.53 -16.98 -9.32
N GLN H 131 10.99 -18.07 -8.70
CA GLN H 131 12.38 -18.48 -8.81
C GLN H 131 12.68 -19.08 -10.20
N CYS H 132 11.80 -19.94 -10.70
CA CYS H 132 11.92 -20.42 -12.10
C CYS H 132 11.97 -19.27 -13.08
N LEU H 133 10.98 -18.39 -13.03
CA LEU H 133 10.92 -17.26 -13.94
C LEU H 133 12.20 -16.41 -13.90
N ASN H 134 12.62 -16.01 -12.71
CA ASN H 134 13.80 -15.15 -12.59
C ASN H 134 15.07 -15.86 -13.02
N PHE H 135 15.19 -17.16 -12.74
CA PHE H 135 16.31 -17.96 -13.23
C PHE H 135 16.37 -17.86 -14.74
N LEU H 136 15.21 -18.11 -15.37
CA LEU H 136 15.08 -18.15 -16.83
C LEU H 136 15.30 -16.80 -17.50
N LEU H 137 14.88 -15.73 -16.82
CA LEU H 137 15.13 -14.36 -17.25
C LEU H 137 16.63 -14.06 -17.21
N ASP H 138 17.27 -14.29 -16.06
CA ASP H 138 18.72 -14.07 -15.93
C ASP H 138 19.56 -14.93 -16.88
N ILE H 139 19.25 -16.23 -17.04
CA ILE H 139 20.01 -17.06 -18.00
C ILE H 139 19.74 -16.73 -19.46
N ALA H 140 18.55 -16.19 -19.76
CA ALA H 140 18.27 -15.68 -21.12
C ALA H 140 19.16 -14.48 -21.44
N LYS H 141 19.37 -13.65 -20.43
CA LYS H 141 20.25 -12.48 -20.53
C LYS H 141 21.73 -12.85 -20.70
N ILE H 142 22.18 -13.93 -20.07
CA ILE H 142 23.56 -14.34 -20.30
C ILE H 142 23.73 -15.04 -21.66
N TYR H 143 22.78 -15.91 -22.02
CA TYR H 143 22.40 -16.18 -23.43
C TYR H 143 21.90 -17.55 -23.92
N GLU H 144 22.44 -18.68 -23.45
CA GLU H 144 23.62 -18.84 -22.60
C GLU H 144 24.37 -20.13 -22.99
N MET I 4 -15.90 -9.56 -26.31
CA MET I 4 -15.28 -10.70 -25.53
C MET I 4 -15.38 -10.51 -24.00
N SER I 5 -14.52 -9.63 -23.50
CA SER I 5 -14.32 -9.35 -22.08
C SER I 5 -15.44 -8.52 -21.44
N LEU I 6 -15.67 -8.77 -20.16
CA LEU I 6 -16.77 -8.10 -19.46
C LEU I 6 -16.40 -6.65 -19.24
N TYR I 7 -17.30 -5.75 -19.65
CA TYR I 7 -17.03 -4.32 -19.73
C TYR I 7 -18.15 -3.49 -19.13
N ARG I 8 -17.84 -2.25 -18.76
CA ARG I 8 -18.85 -1.30 -18.30
C ARG I 8 -18.61 0.04 -18.99
N LEU I 9 -19.70 0.67 -19.38
CA LEU I 9 -19.62 1.99 -19.97
C LEU I 9 -20.66 2.88 -19.29
N ILE I 10 -20.20 4.04 -18.85
CA ILE I 10 -21.05 5.08 -18.26
C ILE I 10 -20.97 6.28 -19.17
N TYR I 11 -22.12 6.79 -19.60
CA TYR I 11 -22.13 7.99 -20.41
C TYR I 11 -23.29 8.88 -19.97
N SER I 12 -23.18 10.17 -20.31
CA SER I 12 -24.31 11.06 -20.17
C SER I 12 -24.56 11.77 -21.49
N SER I 13 -25.79 12.28 -21.63
CA SER I 13 -26.24 12.98 -22.82
C SER I 13 -27.26 14.07 -22.46
N GLN I 14 -27.48 14.99 -23.39
CA GLN I 14 -28.53 16.00 -23.26
C GLN I 14 -29.83 15.48 -23.91
N GLY I 15 -30.87 15.25 -23.11
CA GLY I 15 -32.20 14.98 -23.67
C GLY I 15 -32.67 16.17 -24.48
N ILE I 16 -33.41 15.95 -25.58
CA ILE I 16 -33.99 17.07 -26.34
C ILE I 16 -35.05 17.82 -25.51
N PRO I 17 -35.21 19.14 -25.74
CA PRO I 17 -36.06 20.00 -24.92
C PRO I 17 -37.49 19.49 -24.68
N ASN I 18 -38.07 18.79 -25.65
CA ASN I 18 -39.50 18.50 -25.61
C ASN I 18 -39.90 17.18 -24.93
N LEU I 19 -38.91 16.43 -24.43
CA LEU I 19 -39.14 15.06 -23.94
C LEU I 19 -40.31 14.91 -22.96
N GLN I 20 -41.22 13.98 -23.29
CA GLN I 20 -42.37 13.65 -22.45
C GLN I 20 -42.13 12.36 -21.63
N PRO I 21 -42.97 12.10 -20.59
CA PRO I 21 -42.87 10.86 -19.82
C PRO I 21 -43.11 9.60 -20.65
N GLN I 22 -43.88 9.75 -21.73
CA GLN I 22 -44.10 8.67 -22.69
C GLN I 22 -42.82 8.33 -23.47
N ASP I 23 -41.98 9.34 -23.74
CA ASP I 23 -40.71 9.13 -24.43
C ASP I 23 -39.75 8.28 -23.62
N LEU I 24 -39.82 8.40 -22.29
CA LEU I 24 -39.00 7.55 -21.44
C LEU I 24 -39.57 6.13 -21.30
N LYS I 25 -40.85 5.97 -21.59
CA LYS I 25 -41.46 4.64 -21.61
C LYS I 25 -41.03 3.89 -22.88
N ASP I 26 -40.86 4.65 -23.97
CA ASP I 26 -40.39 4.12 -25.25
C ASP I 26 -38.90 3.75 -25.24
N ILE I 27 -38.12 4.49 -24.44
CA ILE I 27 -36.72 4.14 -24.24
C ILE I 27 -36.64 2.86 -23.41
N LEU I 28 -37.31 2.86 -22.25
CA LEU I 28 -37.28 1.69 -21.35
C LEU I 28 -37.71 0.40 -22.06
N GLU I 29 -38.88 0.43 -22.70
CA GLU I 29 -39.41 -0.75 -23.40
C GLU I 29 -38.49 -1.29 -24.48
N SER I 30 -37.88 -0.39 -25.26
CA SER I 30 -36.86 -0.76 -26.28
C SER I 30 -35.68 -1.46 -25.62
N SER I 31 -35.08 -0.79 -24.63
CA SER I 31 -33.97 -1.32 -23.89
C SER I 31 -34.27 -2.68 -23.25
N GLN I 32 -35.45 -2.82 -22.64
CA GLN I 32 -35.85 -4.08 -22.01
C GLN I 32 -36.14 -5.17 -23.04
N ARG I 33 -36.45 -4.75 -24.26
CA ARG I 33 -36.60 -5.66 -25.37
C ARG I 33 -35.27 -6.08 -26.03
N ASN I 34 -34.34 -5.14 -26.22
CA ASN I 34 -33.07 -5.45 -26.90
C ASN I 34 -31.96 -5.98 -25.99
N ASN I 35 -31.90 -5.44 -24.78
CA ASN I 35 -30.79 -5.72 -23.89
C ASN I 35 -30.62 -7.19 -23.45
N PRO I 36 -31.72 -7.89 -23.08
CA PRO I 36 -31.52 -9.27 -22.60
C PRO I 36 -30.77 -10.17 -23.59
N ALA I 37 -31.19 -10.15 -24.84
CA ALA I 37 -30.55 -10.93 -25.91
C ALA I 37 -29.08 -10.58 -26.19
N ASN I 38 -28.62 -9.41 -25.73
CA ASN I 38 -27.24 -8.98 -25.97
C ASN I 38 -26.34 -9.10 -24.73
N GLY I 39 -26.91 -9.51 -23.62
CA GLY I 39 -26.18 -9.65 -22.37
C GLY I 39 -26.01 -8.35 -21.64
N ILE I 40 -26.76 -7.33 -22.06
CA ILE I 40 -26.64 -5.98 -21.52
C ILE I 40 -27.49 -5.81 -20.27
N THR I 41 -26.85 -5.34 -19.20
CA THR I 41 -27.57 -4.95 -18.00
C THR I 41 -27.22 -3.48 -17.73
N GLY I 42 -27.99 -2.85 -16.86
CA GLY I 42 -27.76 -1.43 -16.62
C GLY I 42 -28.85 -0.64 -15.94
N LEU I 43 -28.63 0.67 -15.85
CA LEU I 43 -29.53 1.58 -15.19
C LEU I 43 -29.40 2.89 -15.93
N LEU I 44 -30.55 3.52 -16.17
CA LEU I 44 -30.68 4.81 -16.83
C LEU I 44 -31.32 5.79 -15.84
N CYS I 45 -30.69 6.94 -15.58
CA CYS I 45 -31.30 8.02 -14.83
C CYS I 45 -31.59 9.22 -15.72
N TYR I 46 -32.76 9.84 -15.54
CA TYR I 46 -33.08 11.07 -16.27
C TYR I 46 -33.29 12.18 -15.26
N SER I 47 -32.60 13.28 -15.45
CA SER I 47 -32.79 14.43 -14.59
C SER I 47 -32.84 15.61 -15.53
N LYS I 48 -34.06 16.05 -15.85
CA LYS I 48 -34.29 16.94 -16.99
C LYS I 48 -33.21 18.04 -17.04
N PRO I 49 -32.54 18.21 -18.19
CA PRO I 49 -32.67 17.44 -19.43
C PRO I 49 -31.56 16.41 -19.65
N ALA I 50 -30.83 16.04 -18.61
CA ALA I 50 -29.67 15.15 -18.73
C ALA I 50 -29.99 13.66 -18.56
N PHE I 51 -29.35 12.81 -19.37
CA PHE I 51 -29.45 11.36 -19.17
C PHE I 51 -28.15 10.92 -18.53
N LEU I 52 -28.23 9.95 -17.63
CA LEU I 52 -27.06 9.25 -17.13
C LEU I 52 -27.34 7.75 -17.20
N GLN I 53 -26.54 7.02 -17.97
CA GLN I 53 -26.74 5.56 -18.11
C GLN I 53 -25.45 4.78 -17.88
N VAL I 54 -25.56 3.66 -17.18
CA VAL I 54 -24.51 2.63 -17.17
C VAL I 54 -24.95 1.39 -17.99
N LEU I 55 -24.04 0.86 -18.80
CA LEU I 55 -24.24 -0.36 -19.59
C LEU I 55 -23.17 -1.38 -19.15
N GLU I 56 -23.58 -2.61 -18.86
CA GLU I 56 -22.62 -3.68 -18.58
C GLU I 56 -22.83 -4.79 -19.55
N GLY I 57 -21.74 -5.45 -19.95
CA GLY I 57 -21.86 -6.57 -20.85
C GLY I 57 -20.54 -6.90 -21.51
N GLU I 58 -20.59 -7.88 -22.40
CA GLU I 58 -19.46 -8.27 -23.22
C GLU I 58 -19.09 -7.00 -23.98
N CYS I 59 -17.79 -6.72 -24.09
CA CYS I 59 -17.28 -5.50 -24.71
C CYS I 59 -17.92 -5.17 -26.05
N GLU I 60 -18.01 -6.16 -26.93
CA GLU I 60 -18.52 -5.99 -28.28
C GLU I 60 -19.99 -5.63 -28.27
N GLN I 61 -20.70 -6.15 -27.29
CA GLN I 61 -22.12 -5.91 -27.14
C GLN I 61 -22.39 -4.55 -26.54
N VAL I 62 -21.60 -4.15 -25.55
CA VAL I 62 -21.71 -2.83 -24.95
C VAL I 62 -21.47 -1.76 -26.01
N ASN I 63 -20.43 -1.95 -26.82
CA ASN I 63 -20.11 -1.05 -27.92
C ASN I 63 -21.18 -0.98 -28.99
N GLU I 64 -21.72 -2.13 -29.37
CA GLU I 64 -22.80 -2.16 -30.38
C GLU I 64 -23.96 -1.34 -29.86
N THR I 65 -24.32 -1.58 -28.60
CA THR I 65 -25.47 -0.93 -27.98
C THR I 65 -25.21 0.56 -27.80
N TYR I 66 -24.04 0.93 -27.29
CA TYR I 66 -23.73 2.35 -27.14
C TYR I 66 -23.81 3.12 -28.45
N HIS I 67 -23.19 2.60 -29.51
CA HIS I 67 -23.06 3.34 -30.76
C HIS I 67 -24.39 3.42 -31.51
N ARG I 68 -25.31 2.52 -31.13
CA ARG I 68 -26.68 2.55 -31.62
C ARG I 68 -27.45 3.64 -30.87
N ILE I 69 -27.26 3.71 -29.55
CA ILE I 69 -27.88 4.73 -28.69
C ILE I 69 -27.46 6.14 -29.10
N VAL I 70 -26.18 6.31 -29.42
CA VAL I 70 -25.65 7.60 -29.87
C VAL I 70 -26.43 8.13 -31.08
N GLN I 71 -26.97 7.22 -31.88
CA GLN I 71 -27.74 7.57 -33.08
C GLN I 71 -29.20 7.99 -32.82
N ASP I 72 -29.64 7.91 -31.56
CA ASP I 72 -31.03 8.23 -31.22
C ASP I 72 -31.32 9.72 -31.30
N GLU I 73 -32.49 10.04 -31.85
CA GLU I 73 -32.94 11.41 -32.08
C GLU I 73 -33.47 12.10 -30.82
N ARG I 74 -33.57 11.37 -29.71
CA ARG I 74 -34.14 11.92 -28.47
C ARG I 74 -33.09 12.51 -27.52
N HIS I 75 -31.83 12.45 -27.92
CA HIS I 75 -30.75 13.04 -27.14
C HIS I 75 -29.56 13.43 -28.00
N HIS I 76 -28.61 14.17 -27.42
CA HIS I 76 -27.46 14.67 -28.17
C HIS I 76 -26.29 15.00 -27.25
N SER I 77 -25.18 15.40 -27.87
CA SER I 77 -23.91 15.63 -27.17
C SER I 77 -23.53 14.48 -26.21
N PRO I 78 -23.49 13.22 -26.69
CA PRO I 78 -23.13 12.17 -25.75
C PRO I 78 -21.71 12.38 -25.22
N GLN I 79 -21.49 12.13 -23.93
CA GLN I 79 -20.18 12.25 -23.32
C GLN I 79 -19.87 10.94 -22.60
N ILE I 80 -18.91 10.18 -23.09
CA ILE I 80 -18.47 8.97 -22.39
C ILE I 80 -17.75 9.45 -21.12
N ILE I 81 -18.18 8.93 -19.98
CA ILE I 81 -17.63 9.31 -18.70
C ILE I 81 -16.54 8.34 -18.24
N GLU I 82 -16.83 7.06 -18.42
CA GLU I 82 -15.89 5.97 -18.17
C GLU I 82 -16.25 4.79 -19.04
N CYS I 83 -15.25 4.06 -19.54
CA CYS I 83 -15.43 2.76 -20.20
C CYS I 83 -14.19 1.93 -19.89
N MET I 84 -14.38 0.75 -19.30
CA MET I 84 -13.27 -0.05 -18.81
C MET I 84 -13.73 -1.47 -18.60
N PRO I 85 -12.80 -2.44 -18.68
CA PRO I 85 -13.13 -3.79 -18.28
C PRO I 85 -13.49 -3.82 -16.79
N ILE I 86 -14.38 -4.71 -16.40
CA ILE I 86 -14.74 -4.87 -14.99
C ILE I 86 -14.54 -6.29 -14.46
N ARG I 87 -14.34 -6.41 -13.15
CA ARG I 87 -14.16 -7.70 -12.50
C ARG I 87 -15.48 -8.47 -12.48
N ARG I 88 -16.60 -7.75 -12.34
CA ARG I 88 -17.91 -8.34 -12.23
C ARG I 88 -18.99 -7.28 -12.28
N ARG I 89 -20.19 -7.70 -12.66
CA ARG I 89 -21.29 -6.78 -12.86
C ARG I 89 -21.83 -6.33 -11.50
N ASN I 90 -22.45 -5.14 -11.46
CA ASN I 90 -23.22 -4.70 -10.27
C ASN I 90 -24.73 -4.57 -10.51
N PHE I 91 -25.11 -4.43 -11.78
CA PHE I 91 -26.50 -4.15 -12.13
C PHE I 91 -27.16 -5.34 -12.80
N GLU I 92 -26.71 -6.55 -12.47
CA GLU I 92 -27.03 -7.75 -13.24
C GLU I 92 -28.50 -8.19 -13.15
N VAL I 93 -29.26 -7.63 -12.23
CA VAL I 93 -30.67 -8.01 -12.05
C VAL I 93 -31.62 -7.30 -13.01
N TRP I 94 -31.11 -6.31 -13.76
CA TRP I 94 -31.93 -5.51 -14.67
C TRP I 94 -31.35 -5.45 -16.08
N SER I 95 -32.09 -5.94 -17.07
CA SER I 95 -31.72 -5.72 -18.48
C SER I 95 -31.61 -4.21 -18.73
N MET I 96 -32.58 -3.48 -18.21
CA MET I 96 -32.49 -2.02 -18.08
C MET I 96 -33.57 -1.60 -17.08
N GLN I 97 -33.32 -0.52 -16.37
CA GLN I 97 -34.29 0.07 -15.47
C GLN I 97 -34.18 1.58 -15.66
N ALA I 98 -35.25 2.34 -15.40
CA ALA I 98 -35.18 3.79 -15.57
C ALA I 98 -35.66 4.54 -14.32
N ILE I 99 -34.90 5.54 -13.89
CA ILE I 99 -35.25 6.32 -12.69
C ILE I 99 -35.24 7.80 -13.03
N THR I 100 -36.30 8.52 -12.67
CA THR I 100 -36.30 9.96 -12.86
C THR I 100 -35.95 10.61 -11.54
N VAL I 101 -35.00 11.53 -11.62
CA VAL I 101 -34.52 12.25 -10.47
C VAL I 101 -34.95 13.70 -10.74
N ASN I 102 -35.89 14.19 -9.91
CA ASN I 102 -36.37 15.55 -9.99
C ASN I 102 -36.74 16.17 -8.63
N ASP I 103 -37.49 17.27 -8.67
CA ASP I 103 -37.92 18.03 -7.48
C ASP I 103 -38.97 17.28 -6.67
N LEU I 104 -39.74 16.42 -7.33
CA LEU I 104 -40.73 15.56 -6.70
C LEU I 104 -40.09 14.36 -6.01
N SER I 105 -38.78 14.17 -6.24
CA SER I 105 -38.04 13.05 -5.67
C SER I 105 -38.03 13.05 -4.16
N THR I 106 -37.98 11.84 -3.62
CA THR I 106 -37.85 11.56 -2.22
C THR I 106 -36.64 12.31 -1.58
N GLU I 107 -36.77 12.71 -0.32
CA GLU I 107 -35.66 13.42 0.35
C GLU I 107 -34.45 12.51 0.47
N GLN I 108 -34.70 11.22 0.66
CA GLN I 108 -33.63 10.24 0.70
C GLN I 108 -32.84 10.27 -0.62
N VAL I 109 -33.56 10.35 -1.74
CA VAL I 109 -32.96 10.45 -3.07
C VAL I 109 -32.22 11.78 -3.29
N LYS I 110 -32.86 12.89 -2.94
CA LYS I 110 -32.24 14.20 -3.02
C LYS I 110 -30.91 14.25 -2.27
N THR I 111 -30.90 13.72 -1.04
CA THR I 111 -29.70 13.67 -0.18
C THR I 111 -28.58 12.81 -0.78
N LEU I 112 -28.97 11.82 -1.59
CA LEU I 112 -28.06 10.97 -2.37
C LEU I 112 -27.39 11.73 -3.51
N VAL I 113 -28.20 12.47 -4.29
CA VAL I 113 -27.66 13.31 -5.37
C VAL I 113 -26.60 14.24 -4.79
N LEU I 114 -26.90 14.79 -3.61
CA LEU I 114 -26.02 15.75 -2.96
C LEU I 114 -24.79 15.06 -2.40
N LYS I 115 -24.94 13.83 -1.96
CA LYS I 115 -23.82 13.11 -1.35
C LYS I 115 -22.69 13.01 -2.35
N TYR I 116 -23.04 12.94 -3.64
CA TYR I 116 -22.08 12.67 -4.69
C TYR I 116 -21.91 13.81 -5.66
N SER I 117 -22.60 14.94 -5.43
CA SER I 117 -22.48 16.07 -6.34
C SER I 117 -22.74 17.43 -5.69
N GLY I 118 -22.60 18.48 -6.48
CA GLY I 118 -22.76 19.85 -6.00
C GLY I 118 -24.18 20.30 -5.71
N PHE I 119 -25.16 19.63 -6.28
CA PHE I 119 -26.53 20.10 -6.19
C PHE I 119 -27.54 18.98 -5.97
N THR I 120 -28.76 19.36 -5.61
CA THR I 120 -29.82 18.40 -5.35
C THR I 120 -30.45 17.85 -6.64
N THR I 121 -30.18 18.51 -7.77
CA THR I 121 -30.57 18.00 -9.09
C THR I 121 -29.34 17.39 -9.76
N LEU I 122 -29.54 16.22 -10.37
CA LEU I 122 -28.47 15.43 -10.97
C LEU I 122 -27.88 16.07 -12.23
N ARG I 123 -26.57 16.33 -12.19
CA ARG I 123 -25.83 16.92 -13.31
C ARG I 123 -24.56 16.08 -13.52
N PRO I 124 -24.61 15.08 -14.42
CA PRO I 124 -23.50 14.15 -14.59
C PRO I 124 -22.21 14.81 -15.10
N SER I 125 -22.34 15.91 -15.84
CA SER I 125 -21.20 16.61 -16.41
C SER I 125 -20.29 17.23 -15.33
N ALA I 126 -20.79 17.24 -14.09
CA ALA I 126 -20.04 17.77 -12.97
C ALA I 126 -19.58 16.69 -11.96
N MET I 127 -19.62 15.42 -12.39
CA MET I 127 -19.27 14.30 -11.52
C MET I 127 -18.19 13.44 -12.17
N ASP I 128 -17.24 12.97 -11.36
CA ASP I 128 -16.19 12.08 -11.90
C ASP I 128 -16.75 10.64 -11.94
N PRO I 129 -16.06 9.70 -12.64
CA PRO I 129 -16.60 8.35 -12.83
C PRO I 129 -16.99 7.63 -11.52
N GLU I 130 -16.14 7.76 -10.49
CA GLU I 130 -16.40 7.11 -9.21
C GLU I 130 -17.68 7.66 -8.52
N GLN I 131 -17.91 8.98 -8.62
CA GLN I 131 -19.14 9.60 -8.09
C GLN I 131 -20.35 9.14 -8.91
N CYS I 132 -20.21 9.10 -10.24
CA CYS I 132 -21.28 8.54 -11.09
C CYS I 132 -21.62 7.11 -10.75
N LEU I 133 -20.60 6.26 -10.63
CA LEU I 133 -20.82 4.84 -10.38
C LEU I 133 -21.46 4.65 -9.02
N ASN I 134 -20.96 5.35 -8.00
CA ASN I 134 -21.49 5.25 -6.64
C ASN I 134 -22.92 5.79 -6.49
N PHE I 135 -23.24 6.86 -7.21
CA PHE I 135 -24.60 7.36 -7.18
C PHE I 135 -25.50 6.29 -7.76
N LEU I 136 -25.12 5.76 -8.92
CA LEU I 136 -25.94 4.76 -9.61
C LEU I 136 -26.12 3.49 -8.78
N LEU I 137 -25.04 3.07 -8.11
CA LEU I 137 -25.07 1.92 -7.20
C LEU I 137 -26.04 2.14 -6.05
N ASP I 138 -25.86 3.23 -5.29
CA ASP I 138 -26.75 3.57 -4.17
C ASP I 138 -28.23 3.77 -4.53
N ILE I 139 -28.51 4.44 -5.66
CA ILE I 139 -29.89 4.69 -6.07
C ILE I 139 -30.52 3.41 -6.60
N ALA I 140 -29.71 2.52 -7.18
CA ALA I 140 -30.18 1.20 -7.54
C ALA I 140 -30.56 0.49 -6.25
N LYS I 141 -29.66 0.54 -5.27
CA LYS I 141 -29.86 -0.14 -3.99
C LYS I 141 -31.19 0.24 -3.31
N ILE I 142 -31.69 1.45 -3.54
CA ILE I 142 -32.96 1.87 -2.92
C ILE I 142 -34.23 1.73 -3.79
N TYR I 143 -34.06 1.40 -5.07
CA TYR I 143 -35.19 1.09 -5.97
C TYR I 143 -35.26 -0.43 -6.31
N GLU I 144 -34.35 -1.22 -5.75
CA GLU I 144 -34.18 -2.62 -6.15
C GLU I 144 -35.12 -3.58 -5.38
N LEU I 145 -35.84 -4.45 -6.09
CA LEU I 145 -35.80 -4.62 -7.56
C LEU I 145 -36.88 -3.77 -8.27
N MET J 4 -14.08 19.84 -19.41
CA MET J 4 -13.29 20.28 -18.23
C MET J 4 -12.00 19.43 -17.98
N SER J 5 -12.19 18.14 -17.73
CA SER J 5 -11.16 17.27 -17.20
C SER J 5 -10.32 16.65 -18.31
N LEU J 6 -9.02 16.54 -18.05
CA LEU J 6 -8.11 15.88 -18.95
C LEU J 6 -8.51 14.42 -19.00
N TYR J 7 -8.77 13.93 -20.22
CA TYR J 7 -9.24 12.58 -20.52
C TYR J 7 -8.34 11.87 -21.52
N ARG J 8 -8.42 10.54 -21.53
CA ARG J 8 -7.81 9.71 -22.54
C ARG J 8 -8.85 8.69 -22.98
N LEU J 9 -8.95 8.52 -24.29
CA LEU J 9 -9.80 7.51 -24.91
C LEU J 9 -8.95 6.71 -25.89
N ILE J 10 -9.04 5.40 -25.77
CA ILE J 10 -8.39 4.47 -26.67
C ILE J 10 -9.53 3.67 -27.30
N TYR J 11 -9.52 3.53 -28.62
CA TYR J 11 -10.51 2.73 -29.34
C TYR J 11 -9.86 1.97 -30.52
N SER J 12 -10.49 0.89 -30.97
CA SER J 12 -10.16 0.29 -32.26
C SER J 12 -11.37 0.26 -33.17
N SER J 13 -11.12 0.00 -34.46
CA SER J 13 -12.17 -0.11 -35.48
C SER J 13 -11.67 -0.90 -36.66
N GLN J 14 -12.59 -1.17 -37.58
CA GLN J 14 -12.28 -1.97 -38.74
C GLN J 14 -12.24 -1.04 -39.93
N GLY J 15 -11.08 -0.84 -40.52
CA GLY J 15 -11.01 -0.08 -41.77
C GLY J 15 -11.81 -0.78 -42.87
N ILE J 16 -12.36 0.00 -43.81
CA ILE J 16 -13.09 -0.55 -44.95
C ILE J 16 -12.09 -1.36 -45.79
N PRO J 17 -12.54 -2.44 -46.45
CA PRO J 17 -11.62 -3.30 -47.21
C PRO J 17 -10.87 -2.60 -48.30
N ASN J 18 -11.41 -1.50 -48.82
CA ASN J 18 -10.82 -0.83 -49.97
C ASN J 18 -10.06 0.44 -49.56
N LEU J 19 -9.66 0.53 -48.29
CA LEU J 19 -8.78 1.61 -47.81
C LEU J 19 -7.44 1.62 -48.53
N GLN J 20 -6.96 2.79 -48.96
CA GLN J 20 -5.72 2.86 -49.68
C GLN J 20 -4.74 3.79 -48.93
N PRO J 21 -3.43 3.77 -49.30
CA PRO J 21 -2.53 4.67 -48.58
C PRO J 21 -2.92 6.16 -48.69
N GLN J 22 -3.53 6.57 -49.80
CA GLN J 22 -4.08 7.93 -49.91
C GLN J 22 -5.14 8.26 -48.84
N ASP J 23 -5.97 7.28 -48.46
CA ASP J 23 -6.98 7.48 -47.39
C ASP J 23 -6.31 7.74 -46.04
N LEU J 24 -5.24 6.99 -45.76
CA LEU J 24 -4.43 7.20 -44.57
C LEU J 24 -3.85 8.61 -44.52
N LYS J 25 -3.34 9.09 -45.64
CA LYS J 25 -2.83 10.45 -45.77
C LYS J 25 -3.91 11.53 -45.62
N ASP J 26 -5.10 11.27 -46.17
CA ASP J 26 -6.28 12.14 -45.97
C ASP J 26 -6.67 12.18 -44.48
N ILE J 27 -6.68 11.04 -43.78
CA ILE J 27 -6.99 11.02 -42.33
C ILE J 27 -5.98 11.87 -41.55
N LEU J 28 -4.71 11.78 -41.94
CA LEU J 28 -3.61 12.47 -41.30
C LEU J 28 -3.70 13.98 -41.52
N GLU J 29 -3.90 14.39 -42.77
CA GLU J 29 -4.12 15.79 -43.12
C GLU J 29 -5.24 16.39 -42.28
N SER J 30 -6.38 15.70 -42.20
CA SER J 30 -7.55 16.18 -41.45
C SER J 30 -7.31 16.30 -39.95
N SER J 31 -6.75 15.25 -39.36
CA SER J 31 -6.42 15.23 -37.93
C SER J 31 -5.51 16.35 -37.52
N GLN J 32 -4.45 16.55 -38.29
CA GLN J 32 -3.41 17.49 -37.93
C GLN J 32 -3.91 18.91 -38.10
N ARG J 33 -4.96 19.06 -38.89
CA ARG J 33 -5.66 20.34 -39.03
C ARG J 33 -6.68 20.58 -37.90
N ASN J 34 -7.29 19.51 -37.38
CA ASN J 34 -8.37 19.69 -36.42
C ASN J 34 -7.92 19.58 -34.98
N ASN J 35 -7.05 18.60 -34.73
CA ASN J 35 -6.56 18.33 -33.38
C ASN J 35 -5.84 19.49 -32.61
N PRO J 36 -4.87 20.22 -33.22
CA PRO J 36 -4.27 21.33 -32.46
C PRO J 36 -5.27 22.34 -31.90
N ALA J 37 -6.23 22.77 -32.71
CA ALA J 37 -7.19 23.78 -32.26
C ALA J 37 -8.11 23.25 -31.18
N ASN J 38 -8.21 21.92 -31.07
CA ASN J 38 -9.06 21.28 -30.10
C ASN J 38 -8.26 20.74 -28.93
N GLY J 39 -6.95 20.98 -28.97
CA GLY J 39 -6.04 20.51 -27.93
C GLY J 39 -6.05 19.00 -27.77
N ILE J 40 -6.21 18.29 -28.89
CA ILE J 40 -6.19 16.82 -28.88
C ILE J 40 -4.79 16.39 -29.23
N THR J 41 -4.22 15.45 -28.46
CA THR J 41 -2.98 14.82 -28.90
C THR J 41 -3.17 13.29 -28.92
N GLY J 42 -2.16 12.56 -29.39
CA GLY J 42 -2.24 11.10 -29.43
C GLY J 42 -1.58 10.45 -30.63
N LEU J 43 -1.92 9.18 -30.89
CA LEU J 43 -1.28 8.38 -31.90
C LEU J 43 -2.29 7.49 -32.58
N LEU J 44 -2.27 7.51 -33.91
CA LEU J 44 -3.09 6.61 -34.68
C LEU J 44 -2.23 5.54 -35.33
N CYS J 45 -2.65 4.28 -35.15
CA CYS J 45 -1.96 3.13 -35.71
C CYS J 45 -2.87 2.34 -36.67
N TYR J 46 -2.31 1.87 -37.79
CA TYR J 46 -3.08 1.09 -38.77
C TYR J 46 -2.46 -0.27 -39.10
N SER J 47 -3.21 -1.33 -38.86
CA SER J 47 -2.73 -2.71 -39.09
C SER J 47 -3.82 -3.41 -39.87
N LYS J 48 -3.76 -3.37 -41.20
CA LYS J 48 -4.88 -3.82 -42.05
C LYS J 48 -5.55 -5.07 -41.47
N PRO J 49 -6.89 -5.03 -41.27
CA PRO J 49 -7.85 -3.97 -41.55
C PRO J 49 -8.16 -3.11 -40.32
N ALA J 50 -7.35 -3.21 -39.27
CA ALA J 50 -7.64 -2.58 -37.98
C ALA J 50 -6.93 -1.23 -37.75
N PHE J 51 -7.68 -0.25 -37.23
CA PHE J 51 -7.14 0.96 -36.66
C PHE J 51 -7.13 0.83 -35.13
N LEU J 52 -6.25 1.57 -34.49
CA LEU J 52 -6.19 1.65 -33.04
C LEU J 52 -5.67 3.05 -32.78
N GLN J 53 -6.47 3.86 -32.11
CA GLN J 53 -6.12 5.24 -31.81
C GLN J 53 -6.23 5.51 -30.32
N VAL J 54 -5.33 6.34 -29.81
CA VAL J 54 -5.50 6.97 -28.53
C VAL J 54 -5.66 8.48 -28.72
N LEU J 55 -6.64 9.04 -28.03
CA LEU J 55 -6.87 10.48 -28.00
C LEU J 55 -6.66 11.00 -26.61
N GLU J 56 -6.08 12.19 -26.50
CA GLU J 56 -5.89 12.84 -25.23
C GLU J 56 -6.31 14.28 -25.35
N GLY J 57 -6.91 14.82 -24.29
CA GLY J 57 -7.38 16.20 -24.30
C GLY J 57 -8.52 16.34 -23.32
N GLU J 58 -9.18 17.48 -23.38
CA GLU J 58 -10.25 17.81 -22.46
C GLU J 58 -11.42 16.88 -22.72
N CYS J 59 -12.19 16.56 -21.71
CA CYS J 59 -13.31 15.62 -21.84
C CYS J 59 -14.24 15.91 -23.00
N GLU J 60 -14.73 17.13 -23.08
CA GLU J 60 -15.68 17.53 -24.09
C GLU J 60 -15.08 17.44 -25.48
N GLN J 61 -13.79 17.78 -25.60
CA GLN J 61 -13.12 17.74 -26.93
C GLN J 61 -12.77 16.34 -27.35
N VAL J 62 -12.54 15.44 -26.38
CA VAL J 62 -12.25 14.05 -26.69
C VAL J 62 -13.52 13.42 -27.19
N ASN J 63 -14.63 13.70 -26.51
CA ASN J 63 -15.93 13.19 -26.95
C ASN J 63 -16.40 13.72 -28.31
N GLU J 64 -16.34 15.03 -28.52
CA GLU J 64 -16.67 15.62 -29.83
C GLU J 64 -15.83 15.01 -30.95
N THR J 65 -14.52 14.93 -30.75
CA THR J 65 -13.64 14.34 -31.75
C THR J 65 -13.97 12.86 -31.96
N TYR J 66 -14.17 12.11 -30.87
CA TYR J 66 -14.44 10.66 -31.02
C TYR J 66 -15.75 10.41 -31.79
N HIS J 67 -16.83 11.10 -31.42
CA HIS J 67 -18.13 10.92 -32.08
C HIS J 67 -18.22 11.46 -33.52
N ARG J 68 -17.35 12.43 -33.83
CA ARG J 68 -17.13 12.84 -35.21
C ARG J 68 -16.41 11.68 -35.95
N ILE J 69 -15.37 11.11 -35.34
CA ILE J 69 -14.62 9.99 -35.97
C ILE J 69 -15.52 8.77 -36.23
N VAL J 70 -16.45 8.50 -35.31
CA VAL J 70 -17.40 7.35 -35.42
C VAL J 70 -18.24 7.41 -36.69
N GLN J 71 -18.53 8.61 -37.16
CA GLN J 71 -19.35 8.78 -38.37
C GLN J 71 -18.55 8.63 -39.66
N ASP J 72 -17.23 8.54 -39.57
CA ASP J 72 -16.38 8.42 -40.74
C ASP J 72 -16.67 7.13 -41.47
N GLU J 73 -16.84 7.23 -42.78
CA GLU J 73 -17.25 6.10 -43.59
C GLU J 73 -16.06 5.22 -43.97
N ARG J 74 -14.86 5.58 -43.52
CA ARG J 74 -13.66 4.78 -43.84
C ARG J 74 -13.43 3.66 -42.83
N HIS J 75 -14.28 3.57 -41.81
CA HIS J 75 -14.19 2.47 -40.86
C HIS J 75 -15.53 2.15 -40.25
N HIS J 76 -15.61 0.99 -39.58
CA HIS J 76 -16.82 0.54 -38.94
C HIS J 76 -16.51 -0.23 -37.67
N SER J 77 -17.57 -0.53 -36.93
CA SER J 77 -17.52 -1.30 -35.70
C SER J 77 -16.55 -0.70 -34.70
N PRO J 78 -16.73 0.59 -34.33
CA PRO J 78 -15.77 1.10 -33.36
C PRO J 78 -15.97 0.34 -32.05
N GLN J 79 -14.90 0.18 -31.30
CA GLN J 79 -14.95 -0.46 -30.00
C GLN J 79 -14.08 0.38 -29.10
N ILE J 80 -14.70 1.09 -28.15
CA ILE J 80 -14.00 1.81 -27.12
C ILE J 80 -13.25 0.77 -26.24
N ILE J 81 -11.96 0.97 -26.02
CA ILE J 81 -11.13 0.05 -25.22
C ILE J 81 -11.00 0.57 -23.78
N GLU J 82 -10.79 1.87 -23.64
CA GLU J 82 -10.67 2.52 -22.34
C GLU J 82 -11.10 3.95 -22.57
N CYS J 83 -11.86 4.49 -21.63
CA CYS J 83 -12.11 5.95 -21.61
C CYS J 83 -12.08 6.36 -20.15
N MET J 84 -11.23 7.34 -19.82
CA MET J 84 -11.00 7.70 -18.43
C MET J 84 -10.24 9.01 -18.24
N PRO J 85 -10.44 9.70 -17.08
CA PRO J 85 -9.65 10.88 -16.74
C PRO J 85 -8.19 10.51 -16.49
N ILE J 86 -7.26 11.41 -16.77
CA ILE J 86 -5.85 11.12 -16.56
C ILE J 86 -5.22 12.27 -15.82
N ARG J 87 -4.11 12.01 -15.14
CA ARG J 87 -3.46 13.08 -14.39
C ARG J 87 -2.49 13.94 -15.25
N ARG J 88 -2.05 13.40 -16.38
CA ARG J 88 -1.14 14.10 -17.29
C ARG J 88 -1.11 13.37 -18.63
N ARG J 89 -0.79 14.12 -19.69
CA ARG J 89 -0.69 13.54 -21.02
C ARG J 89 0.55 12.66 -21.14
N ASN J 90 0.49 11.62 -21.99
CA ASN J 90 1.68 10.87 -22.40
C ASN J 90 2.20 11.33 -23.76
N PHE J 91 1.30 11.69 -24.67
CA PHE J 91 1.70 12.06 -26.01
C PHE J 91 2.00 13.55 -26.17
N GLU J 92 0.97 14.38 -26.03
CA GLU J 92 1.14 15.83 -25.98
C GLU J 92 1.98 16.48 -27.13
N VAL J 93 2.35 15.69 -28.14
CA VAL J 93 2.63 16.23 -29.48
C VAL J 93 1.52 15.87 -30.50
N MET J 96 -1.76 14.69 -33.52
CA MET J 96 -1.98 13.38 -34.14
C MET J 96 -0.82 12.95 -35.04
N GLN J 97 -0.15 11.85 -34.66
CA GLN J 97 0.86 11.17 -35.48
C GLN J 97 0.17 9.91 -36.00
N ALA J 98 0.60 9.39 -37.15
CA ALA J 98 0.05 8.12 -37.62
C ALA J 98 1.15 7.17 -38.07
N ILE J 99 0.95 5.86 -37.84
CA ILE J 99 1.92 4.82 -38.18
C ILE J 99 1.20 3.59 -38.70
N THR J 100 1.72 2.95 -39.77
CA THR J 100 1.14 1.65 -40.21
C THR J 100 1.99 0.43 -39.82
N VAL J 101 1.32 -0.60 -39.29
CA VAL J 101 1.97 -1.72 -38.61
C VAL J 101 1.41 -3.04 -39.15
N ASN J 102 2.20 -3.68 -40.01
CA ASN J 102 1.81 -4.91 -40.72
C ASN J 102 2.91 -5.99 -40.79
N ASP J 103 2.68 -7.01 -41.62
CA ASP J 103 3.66 -8.09 -41.80
C ASP J 103 4.81 -7.72 -42.76
N LEU J 104 4.87 -6.44 -43.10
CA LEU J 104 5.97 -5.83 -43.85
C LEU J 104 6.79 -4.83 -42.99
N SER J 105 6.29 -4.53 -41.79
CA SER J 105 7.01 -3.67 -40.82
C SER J 105 8.29 -4.33 -40.36
N THR J 106 9.26 -3.55 -39.88
CA THR J 106 10.57 -4.05 -39.42
C THR J 106 10.45 -5.18 -38.40
N GLU J 107 11.46 -6.06 -38.34
CA GLU J 107 11.53 -7.14 -37.34
C GLU J 107 11.56 -6.60 -35.90
N GLN J 108 11.87 -5.32 -35.78
CA GLN J 108 11.82 -4.57 -34.56
C GLN J 108 10.37 -4.27 -34.18
N VAL J 109 9.53 -3.98 -35.16
CA VAL J 109 8.12 -3.65 -34.92
C VAL J 109 7.32 -4.92 -34.63
N LYS J 110 7.63 -6.00 -35.33
CA LYS J 110 6.97 -7.28 -35.16
C LYS J 110 7.22 -7.90 -33.78
N THR J 111 8.47 -7.83 -33.32
CA THR J 111 8.87 -8.18 -31.94
C THR J 111 8.14 -7.33 -30.88
N LEU J 112 7.90 -6.06 -31.21
CA LEU J 112 7.12 -5.18 -30.35
C LEU J 112 5.63 -5.56 -30.33
N VAL J 113 5.09 -5.94 -31.49
CA VAL J 113 3.69 -6.42 -31.55
C VAL J 113 3.54 -7.70 -30.70
N LEU J 114 4.48 -8.63 -30.86
CA LEU J 114 4.51 -9.89 -30.10
C LEU J 114 4.66 -9.64 -28.58
N LYS J 115 5.45 -8.65 -28.19
CA LYS J 115 5.68 -8.35 -26.75
C LYS J 115 4.36 -8.07 -25.97
N TYR J 116 3.38 -7.51 -26.66
CA TYR J 116 2.09 -7.18 -26.04
C TYR J 116 0.89 -7.98 -26.53
N SER J 117 1.11 -8.99 -27.35
CA SER J 117 -0.02 -9.78 -27.84
C SER J 117 0.40 -11.15 -28.33
N GLY J 118 -0.57 -11.90 -28.84
CA GLY J 118 -0.37 -13.29 -29.21
C GLY J 118 0.32 -13.60 -30.52
N PHE J 119 0.36 -12.65 -31.45
CA PHE J 119 0.99 -12.85 -32.75
C PHE J 119 1.79 -11.63 -33.19
N THR J 120 2.47 -11.77 -34.32
CA THR J 120 3.27 -10.72 -34.94
C THR J 120 2.42 -9.62 -35.65
N THR J 121 1.13 -9.85 -35.81
CA THR J 121 0.27 -8.86 -36.45
C THR J 121 -0.60 -8.15 -35.40
N LEU J 122 -0.80 -6.85 -35.57
CA LEU J 122 -1.55 -6.09 -34.57
C LEU J 122 -3.04 -6.42 -34.62
N ARG J 123 -3.56 -6.95 -33.51
CA ARG J 123 -5.00 -7.27 -33.37
C ARG J 123 -5.43 -6.68 -32.04
N PRO J 124 -6.04 -5.48 -32.04
CA PRO J 124 -6.40 -4.85 -30.75
C PRO J 124 -7.41 -5.65 -29.93
N SER J 125 -8.26 -6.42 -30.60
CA SER J 125 -9.32 -7.16 -29.93
C SER J 125 -8.76 -8.15 -28.92
N ALA J 126 -7.47 -8.43 -29.03
CA ALA J 126 -6.79 -9.42 -28.20
C ALA J 126 -5.82 -8.77 -27.21
N MET J 127 -5.97 -7.47 -27.01
CA MET J 127 -5.14 -6.71 -26.08
C MET J 127 -6.04 -5.96 -25.11
N ASP J 128 -5.64 -5.94 -23.84
CA ASP J 128 -6.34 -5.19 -22.82
C ASP J 128 -5.85 -3.71 -22.84
N PRO J 129 -6.54 -2.81 -22.11
CA PRO J 129 -6.20 -1.39 -22.16
C PRO J 129 -4.73 -1.05 -21.87
N GLU J 130 -4.12 -1.70 -20.89
CA GLU J 130 -2.73 -1.43 -20.52
C GLU J 130 -1.77 -1.86 -21.64
N GLN J 131 -2.06 -2.96 -22.32
CA GLN J 131 -1.25 -3.47 -23.44
C GLN J 131 -1.34 -2.56 -24.67
N CYS J 132 -2.56 -2.10 -24.98
CA CYS J 132 -2.77 -1.10 -26.01
C CYS J 132 -1.96 0.15 -25.79
N LEU J 133 -2.01 0.69 -24.56
CA LEU J 133 -1.37 1.96 -24.26
C LEU J 133 0.14 1.81 -24.28
N ASN J 134 0.66 0.79 -23.57
CA ASN J 134 2.08 0.43 -23.64
C ASN J 134 2.57 0.18 -25.07
N PHE J 135 1.77 -0.46 -25.90
CA PHE J 135 2.17 -0.69 -27.30
C PHE J 135 2.32 0.66 -28.00
N LEU J 136 1.32 1.53 -27.83
CA LEU J 136 1.33 2.83 -28.50
C LEU J 136 2.47 3.72 -28.04
N LEU J 137 2.77 3.71 -26.75
CA LEU J 137 3.89 4.49 -26.24
C LEU J 137 5.19 3.94 -26.84
N ASP J 138 5.40 2.63 -26.70
CA ASP J 138 6.59 1.97 -27.22
C ASP J 138 6.79 2.16 -28.72
N ILE J 139 5.69 2.16 -29.48
CA ILE J 139 5.76 2.32 -30.92
C ILE J 139 6.08 3.77 -31.28
N ALA J 140 5.53 4.71 -30.50
CA ALA J 140 5.80 6.16 -30.64
C ALA J 140 7.24 6.49 -30.28
N LYS J 141 7.64 6.09 -29.07
CA LYS J 141 9.02 6.16 -28.59
C LYS J 141 10.00 5.80 -29.71
N ILE J 142 9.83 4.65 -30.33
CA ILE J 142 10.78 4.17 -31.35
C ILE J 142 10.57 4.76 -32.75
N TYR J 143 9.87 5.91 -32.83
CA TYR J 143 9.56 6.58 -34.09
C TYR J 143 9.85 8.10 -34.09
N GLU J 144 8.78 8.89 -33.93
CA GLU J 144 8.72 10.30 -34.36
C GLU J 144 8.97 10.40 -35.87
N1 FMN K . -24.36 32.56 5.21
C2 FMN K . -24.71 31.57 4.32
O2 FMN K . -25.43 31.88 3.40
N3 FMN K . -24.25 30.28 4.46
C4 FMN K . -23.44 29.97 5.53
O4 FMN K . -23.06 28.81 5.69
C4A FMN K . -23.08 30.97 6.46
N5 FMN K . -22.29 30.69 7.56
C5A FMN K . -21.94 31.72 8.45
C6 FMN K . -21.09 31.46 9.51
C7 FMN K . -20.73 32.46 10.39
C7M FMN K . -19.63 32.16 11.38
C8 FMN K . -21.22 33.76 10.21
C8M FMN K . -20.64 34.90 11.00
C9 FMN K . -22.02 34.03 9.11
C9A FMN K . -22.40 33.00 8.25
N10 FMN K . -23.24 33.27 7.18
C10 FMN K . -23.56 32.25 6.30
C1' FMN K . -24.05 34.54 7.14
C2' FMN K . -23.53 35.44 6.02
O2' FMN K . -22.33 36.08 6.43
C3' FMN K . -24.55 36.53 5.63
O3' FMN K . -25.04 37.10 6.82
C4' FMN K . -25.75 35.97 4.86
O4' FMN K . -25.43 34.99 3.90
C5' FMN K . -26.54 37.06 4.12
O5' FMN K . -27.83 36.54 3.86
P FMN K . -29.14 37.46 3.94
O1P FMN K . -28.82 38.79 4.58
O2P FMN K . -30.20 36.75 4.73
O3P FMN K . -29.60 37.72 2.53
N1 FMN L . 0.37 41.44 -1.89
C2 FMN L . 1.32 40.83 -1.10
O2 FMN L . 1.74 41.48 -0.13
N3 FMN L . 1.77 39.55 -1.37
C4 FMN L . 1.28 38.87 -2.46
O4 FMN L . 1.73 37.77 -2.81
C4A FMN L . 0.34 39.47 -3.27
N5 FMN L . -0.17 38.77 -4.35
C5A FMN L . -1.12 39.38 -5.16
C6 FMN L . -1.66 38.70 -6.27
C7 FMN L . -2.62 39.33 -7.06
C7M FMN L . -3.38 38.51 -8.06
C8 FMN L . -3.07 40.61 -6.73
C8M FMN L . -4.36 41.15 -7.31
C9 FMN L . -2.54 41.26 -5.63
C9A FMN L . -1.56 40.66 -4.86
N10 FMN L . -1.08 41.34 -3.78
C10 FMN L . -0.12 40.76 -3.00
C1' FMN L . -1.35 42.83 -3.70
C2' FMN L . -2.21 43.29 -2.51
O2' FMN L . -3.57 43.16 -2.84
C3' FMN L . -2.02 44.76 -2.11
O3' FMN L . -2.27 45.56 -3.24
C4' FMN L . -0.63 45.17 -1.61
O4' FMN L . 0.07 44.09 -1.03
C5' FMN L . -0.71 46.32 -0.62
O5' FMN L . 0.59 46.71 -0.19
P FMN L . 1.15 48.20 -0.37
O1P FMN L . -0.02 49.13 -0.12
O2P FMN L . 1.71 48.39 -1.75
O3P FMN L . 2.27 48.43 0.61
N1 FMN M . 2.30 14.29 38.94
C2 FMN M . 1.34 14.78 38.10
O2 FMN M . 0.95 15.92 38.29
N3 FMN M . 0.83 14.00 37.10
C4 FMN M . 1.31 12.72 36.92
O4 FMN M . 0.86 12.05 35.98
C4A FMN M . 2.31 12.23 37.76
N5 FMN M . 2.83 10.97 37.62
C5A FMN M . 3.83 10.55 38.47
C6 FMN M . 4.39 9.27 38.34
C7 FMN M . 5.39 8.84 39.19
C7M FMN M . 6.22 7.64 38.82
C8 FMN M . 5.85 9.66 40.21
C8M FMN M . 7.08 9.27 40.99
C9 FMN M . 5.31 10.93 40.34
C9A FMN M . 4.30 11.37 39.49
N10 FMN M . 3.76 12.61 39.64
C10 FMN M . 2.79 13.04 38.77
C1' FMN M . 3.94 13.37 40.93
C2' FMN M . 4.90 14.55 40.70
O2' FMN M . 6.22 14.06 40.69
C3' FMN M . 4.78 15.59 41.80
O3' FMN M . 5.13 14.97 43.02
C4' FMN M . 3.38 16.13 41.96
O4' FMN M . 2.82 16.51 40.70
C5' FMN M . 3.40 17.28 42.97
O5' FMN M . 2.16 17.96 43.02
P FMN M . 1.69 18.58 44.42
O1P FMN M . 2.77 19.49 44.95
O2P FMN M . 1.41 17.44 45.36
O3P FMN M . 0.45 19.42 44.19
N1 FMN N . 26.30 16.97 27.11
C2 FMN N . 26.58 15.82 26.44
O2 FMN N . 27.33 15.02 26.98
N3 FMN N . 26.03 15.58 25.22
C4 FMN N . 25.23 16.54 24.64
O4 FMN N . 24.65 16.30 23.59
C4A FMN N . 24.92 17.68 25.32
N5 FMN N . 24.09 18.63 24.76
C5A FMN N . 23.77 19.77 25.50
C6 FMN N . 22.91 20.71 24.96
C7 FMN N . 22.59 21.84 25.69
C7M FMN N . 21.58 22.79 25.13
C8 FMN N . 23.12 22.06 26.93
C8M FMN N . 22.58 23.19 27.74
C9 FMN N . 24.00 21.12 27.49
C9A FMN N . 24.30 19.96 26.77
N10 FMN N . 25.18 19.02 27.27
C10 FMN N . 25.45 17.89 26.56
C1' FMN N . 26.08 19.36 28.46
C2' FMN N . 25.53 18.69 29.74
O2' FMN N . 24.44 19.42 30.25
C3' FMN N . 26.58 18.61 30.82
O3' FMN N . 27.01 19.90 31.11
C4' FMN N . 27.76 17.70 30.47
O4' FMN N . 27.31 16.41 30.78
C5' FMN N . 28.96 17.88 31.39
O5' FMN N . 29.96 16.89 31.19
P FMN N . 31.42 17.35 31.70
O1P FMN N . 31.41 17.38 33.21
O2P FMN N . 31.67 18.73 31.19
O3P FMN N . 32.48 16.41 31.17
N1 FMN O . 10.73 -29.17 27.25
C2 FMN O . 10.43 -27.96 27.78
O2 FMN O . 10.96 -27.62 28.85
N3 FMN O . 9.58 -27.14 27.06
C4 FMN O . 9.02 -27.55 25.85
O4 FMN O . 8.14 -26.83 25.34
C4A FMN O . 9.33 -28.82 25.33
N5 FMN O . 8.83 -29.28 24.13
C5A FMN O . 9.19 -30.54 23.67
C6 FMN O . 8.69 -31.02 22.45
C7 FMN O . 9.07 -32.28 21.97
C7M FMN O . 8.89 -32.55 20.49
C8 FMN O . 9.96 -33.07 22.73
C8M FMN O . 10.64 -34.31 22.14
C9 FMN O . 10.45 -32.59 23.93
C9A FMN O . 10.07 -31.33 24.41
N10 FMN O . 10.58 -30.89 25.60
C10 FMN O . 10.21 -29.62 26.06
C1' FMN O . 11.16 -31.87 26.59
C2' FMN O . 12.67 -31.66 26.69
O2' FMN O . 13.23 -32.20 25.53
C3' FMN O . 13.36 -32.26 27.93
O3' FMN O . 13.21 -33.67 27.98
C4' FMN O . 12.86 -31.68 29.25
O4' FMN O . 12.72 -30.28 29.12
C5' FMN O . 13.85 -32.06 30.38
O5' FMN O . 13.86 -31.12 31.44
P FMN O . 14.00 -31.66 32.95
O1P FMN O . 14.19 -30.49 33.88
O2P FMN O . 15.23 -32.54 33.05
O3P FMN O . 12.72 -32.41 33.29
N1 FMN P . 31.14 -25.65 9.33
C2 FMN P . 30.61 -25.76 8.05
O2 FMN P . 30.70 -26.83 7.47
N3 FMN P . 29.98 -24.67 7.45
C4 FMN P . 29.89 -23.46 8.12
O4 FMN P . 29.42 -22.48 7.51
C4A FMN P . 30.42 -23.35 9.40
N5 FMN P . 30.36 -22.17 10.10
C5A FMN P . 30.87 -22.09 11.38
C6 FMN P . 30.77 -20.89 12.08
C7 FMN P . 31.28 -20.79 13.37
C7M FMN P . 30.83 -19.60 14.17
C8 FMN P . 31.92 -21.89 13.98
C8M FMN P . 32.18 -21.90 15.46
C9 FMN P . 32.02 -23.09 13.28
C9A FMN P . 31.50 -23.19 11.99
N10 FMN P . 31.59 -24.38 11.28
C10 FMN P . 31.05 -24.46 10.01
C1' FMN P . 32.66 -25.38 11.67
C2' FMN P . 32.07 -26.69 12.20
O2' FMN P . 31.56 -26.49 13.51
C3' FMN P . 33.10 -27.85 12.20
O3' FMN P . 34.33 -27.43 12.72
C4' FMN P . 33.40 -28.35 10.78
O4' FMN P . 32.24 -28.21 9.98
C5' FMN P . 33.93 -29.78 10.75
O5' FMN P . 34.22 -30.14 9.43
P FMN P . 35.49 -31.06 9.05
O1P FMN P . 35.33 -32.41 9.72
O2P FMN P . 36.76 -30.39 9.51
O3P FMN P . 35.51 -31.26 7.55
N1 FMN Q . -11.06 -37.99 -12.30
C2 FMN Q . -10.60 -37.76 -11.03
O2 FMN Q . -10.03 -38.65 -10.46
N3 FMN Q . -10.76 -36.54 -10.42
C4 FMN Q . -11.39 -35.51 -11.10
O4 FMN Q . -11.54 -34.44 -10.51
C4A FMN Q . -11.85 -35.73 -12.41
N5 FMN Q . -12.49 -34.74 -13.14
C5A FMN Q . -12.94 -34.99 -14.41
C6 FMN Q . -13.57 -33.98 -15.13
C7 FMN Q . -14.02 -34.20 -16.43
C7M FMN Q . -14.52 -33.02 -17.21
C8 FMN Q . -13.84 -35.45 -17.03
C8M FMN Q . -14.02 -35.62 -18.51
C9 FMN Q . -13.21 -36.46 -16.31
C9A FMN Q . -12.75 -36.24 -15.01
N10 FMN Q . -12.11 -37.24 -14.28
C10 FMN Q . -11.67 -36.98 -13.00
C1' FMN Q . -12.31 -38.70 -14.63
C2' FMN Q . -11.05 -39.21 -15.31
O2' FMN Q . -11.07 -38.66 -16.61
C3' FMN Q . -11.01 -40.75 -15.40
O3' FMN Q . -12.13 -41.17 -16.14
C4' FMN Q . -11.13 -41.43 -14.03
O4' FMN Q . -10.17 -40.92 -13.11
C5' FMN Q . -11.05 -42.96 -14.16
O5' FMN Q . -10.91 -43.57 -12.92
P FMN Q . -11.42 -45.10 -12.79
O1P FMN Q . -10.95 -45.83 -14.02
O2P FMN Q . -12.94 -45.11 -12.70
O3P FMN Q . -10.85 -45.74 -11.55
N1 FMN R . 7.42 -28.53 -29.86
C2 FMN R . 7.04 -27.28 -30.23
O2 FMN R . 6.45 -27.17 -31.27
N3 FMN R . 7.32 -26.19 -29.44
C4 FMN R . 7.99 -26.35 -28.25
O4 FMN R . 8.30 -25.35 -27.62
C4A FMN R . 8.38 -27.64 -27.86
N5 FMN R . 9.05 -27.88 -26.69
C5A FMN R . 9.42 -29.18 -26.33
C6 FMN R . 10.08 -29.41 -25.13
C7 FMN R . 10.45 -30.69 -24.78
C7M FMN R . 11.13 -30.93 -23.47
C8 FMN R . 10.13 -31.75 -25.61
C8M FMN R . 10.46 -33.17 -25.18
C9 FMN R . 9.45 -31.53 -26.78
C9A FMN R . 9.10 -30.24 -27.15
N10 FMN R . 8.44 -29.99 -28.35
C10 FMN R . 8.09 -28.71 -28.69
C1' FMN R . 8.48 -30.98 -29.48
C2' FMN R . 7.08 -31.59 -29.62
O2' FMN R . 6.97 -32.53 -28.60
C3' FMN R . 6.83 -32.32 -30.94
O3' FMN R . 7.84 -33.29 -31.10
C4' FMN R . 6.82 -31.43 -32.17
O4' FMN R . 5.58 -30.80 -32.27
C5' FMN R . 7.02 -32.26 -33.44
O5' FMN R . 6.70 -31.50 -34.59
P FMN R . 7.23 -32.04 -36.02
O1P FMN R . 6.88 -33.51 -36.15
O2P FMN R . 8.73 -31.90 -36.06
O3P FMN R . 6.61 -31.23 -37.11
N1 FMN S . -31.74 0.87 -26.54
C2 FMN S . -31.32 -0.35 -26.11
O2 FMN S . -31.51 -1.31 -26.83
N3 FMN S . -30.68 -0.49 -24.90
C4 FMN S . -30.46 0.63 -24.10
O4 FMN S . -30.22 0.44 -22.92
C4A FMN S . -30.89 1.87 -24.52
N5 FMN S . -30.70 3.01 -23.76
C5A FMN S . -31.11 4.23 -24.24
C6 FMN S . -30.90 5.38 -23.48
C7 FMN S . -31.33 6.61 -23.96
C7M FMN S . -31.28 7.74 -23.00
C8 FMN S . -31.95 6.71 -25.20
C8M FMN S . -32.31 8.04 -25.81
C9 FMN S . -32.16 5.57 -25.95
C9A FMN S . -31.75 4.34 -25.47
N10 FMN S . -31.94 3.21 -26.25
C10 FMN S . -31.51 1.99 -25.76
C1' FMN S . -33.00 3.19 -27.31
C2' FMN S . -32.38 3.08 -28.71
O2' FMN S . -31.74 4.31 -29.00
C3' FMN S . -33.41 2.77 -29.81
O3' FMN S . -34.54 3.57 -29.58
C4' FMN S . -33.80 1.28 -29.91
O4' FMN S . -32.77 0.58 -30.59
C5' FMN S . -35.10 1.03 -30.68
O5' FMN S . -35.25 -0.34 -30.97
P FMN S . -36.72 -0.97 -31.16
O1P FMN S . -37.28 -0.37 -32.43
O2P FMN S . -37.63 -0.64 -30.02
O3P FMN S . -36.63 -2.47 -31.25
N1 FMN T . -10.28 13.55 -37.33
C2 FMN T . -9.73 14.39 -36.40
O2 FMN T . -10.03 15.57 -36.46
N3 FMN T . -8.86 13.93 -35.43
C4 FMN T . -8.54 12.58 -35.40
O4 FMN T . -7.64 12.24 -34.64
C4A FMN T . -9.09 11.69 -36.34
N5 FMN T . -8.78 10.34 -36.36
C5A FMN T . -9.39 9.51 -37.32
C6 FMN T . -9.15 8.13 -37.36
C7 FMN T . -9.76 7.32 -38.33
C7M FMN T . -9.78 5.83 -38.17
C8 FMN T . -10.60 7.89 -39.27
C8M FMN T . -11.45 7.04 -40.16
C9 FMN T . -10.85 9.24 -39.22
C9A FMN T . -10.24 10.06 -38.28
N10 FMN T . -10.53 11.40 -38.29
C10 FMN T . -9.96 12.21 -37.32
C1' FMN T . -11.00 12.02 -39.58
C2' FMN T . -12.46 12.45 -39.40
O2' FMN T . -13.25 11.28 -39.43
C3' FMN T . -12.98 13.42 -40.46
O3' FMN T . -12.74 12.89 -41.73
C4' FMN T . -12.23 14.75 -40.49
O4' FMN T . -11.92 15.21 -39.19
C5' FMN T . -12.98 15.82 -41.29
O5' FMN T . -12.26 17.01 -41.20
P FMN T . -12.07 17.96 -42.47
O1P FMN T . -13.12 17.63 -43.51
O2P FMN T . -10.69 17.74 -43.03
O3P FMN T . -12.20 19.39 -42.06
#